data_3OUC
# 
_entry.id   3OUC 
# 
_audit_conform.dict_name       mmcif_pdbx.dic 
_audit_conform.dict_version    5.387 
_audit_conform.dict_location   http://mmcif.pdb.org/dictionaries/ascii/mmcif_pdbx.dic 
# 
loop_
_database_2.database_id 
_database_2.database_code 
_database_2.pdbx_database_accession 
_database_2.pdbx_DOI 
PDB   3OUC         pdb_00003ouc 10.2210/pdb3ouc/pdb 
RCSB  RCSB061583   ?            ?                   
WWPDB D_1000061583 ?            ?                   
# 
loop_
_pdbx_audit_revision_history.ordinal 
_pdbx_audit_revision_history.data_content_type 
_pdbx_audit_revision_history.major_revision 
_pdbx_audit_revision_history.minor_revision 
_pdbx_audit_revision_history.revision_date 
1 'Structure model' 1 0 2011-03-30 
2 'Structure model' 1 1 2011-07-13 
3 'Structure model' 1 2 2024-02-21 
# 
_pdbx_audit_revision_details.ordinal             1 
_pdbx_audit_revision_details.revision_ordinal    1 
_pdbx_audit_revision_details.data_content_type   'Structure model' 
_pdbx_audit_revision_details.provider            repository 
_pdbx_audit_revision_details.type                'Initial release' 
_pdbx_audit_revision_details.description         ? 
_pdbx_audit_revision_details.details             ? 
# 
loop_
_pdbx_audit_revision_group.ordinal 
_pdbx_audit_revision_group.revision_ordinal 
_pdbx_audit_revision_group.data_content_type 
_pdbx_audit_revision_group.group 
1 2 'Structure model' 'Version format compliance' 
2 3 'Structure model' 'Data collection'           
3 3 'Structure model' 'Database references'       
# 
loop_
_pdbx_audit_revision_category.ordinal 
_pdbx_audit_revision_category.revision_ordinal 
_pdbx_audit_revision_category.data_content_type 
_pdbx_audit_revision_category.category 
1 3 'Structure model' chem_comp_atom     
2 3 'Structure model' chem_comp_bond     
3 3 'Structure model' database_2         
4 3 'Structure model' struct_ref_seq_dif 
# 
loop_
_pdbx_audit_revision_item.ordinal 
_pdbx_audit_revision_item.revision_ordinal 
_pdbx_audit_revision_item.data_content_type 
_pdbx_audit_revision_item.item 
1 3 'Structure model' '_database_2.pdbx_DOI'                
2 3 'Structure model' '_database_2.pdbx_database_accession' 
3 3 'Structure model' '_struct_ref_seq_dif.details'         
# 
_pdbx_database_status.status_code                     REL 
_pdbx_database_status.entry_id                        3OUC 
_pdbx_database_status.recvd_initial_deposition_date   2010-09-14 
_pdbx_database_status.deposit_site                    RCSB 
_pdbx_database_status.process_site                    RCSB 
_pdbx_database_status.status_code_sf                  REL 
_pdbx_database_status.status_code_mr                  ? 
_pdbx_database_status.SG_entry                        ? 
_pdbx_database_status.status_code_cs                  ? 
_pdbx_database_status.pdb_format_compatible           Y 
_pdbx_database_status.status_code_nmr_data            ? 
_pdbx_database_status.methods_development_category    ? 
# 
loop_
_pdbx_database_related.db_name 
_pdbx_database_related.db_id 
_pdbx_database_related.details 
_pdbx_database_related.content_type 
PDB 3OTS . unspecified 
PDB 3OTY . unspecified 
PDB 3OU1 . unspecified 
PDB 3OU3 . unspecified 
PDB 3OU4 . unspecified 
PDB 3OUA . unspecified 
PDB 3OUB . unspecified 
PDB 3OUD . unspecified 
# 
loop_
_audit_author.name 
_audit_author.pdbx_ordinal 
'Liu, Z.'       1 
'Wang, Y.'      2 
'Brunzelle, J.' 3 
'Kovari, I.A.'  4 
'Kovari, L.C.'  5 
# 
_citation.id                        primary 
_citation.title                     'Nine Crystal Structures Determine the Substrate Envelope of the MDR HIV-1 Protease.' 
_citation.journal_abbrev            'Protein J.' 
_citation.journal_volume            30 
_citation.page_first                173 
_citation.page_last                 183 
_citation.year                      2011 
_citation.journal_id_ASTM           ? 
_citation.country                   NE 
_citation.journal_id_ISSN           1572-3887 
_citation.journal_id_CSD            ? 
_citation.book_publisher            ? 
_citation.pdbx_database_id_PubMed   21394574 
_citation.pdbx_database_id_DOI      10.1007/s10930-011-9316-2 
# 
loop_
_citation_author.citation_id 
_citation_author.name 
_citation_author.ordinal 
_citation_author.identifier_ORCID 
primary 'Liu, Z.'       1 ? 
primary 'Wang, Y.'      2 ? 
primary 'Brunzelle, J.' 3 ? 
primary 'Kovari, I.A.'  4 ? 
primary 'Kovari, L.C.'  5 ? 
# 
loop_
_entity.id 
_entity.type 
_entity.src_method 
_entity.pdbx_description 
_entity.formula_weight 
_entity.pdbx_number_of_molecules 
_entity.pdbx_ec 
_entity.pdbx_mutation 
_entity.pdbx_fragment 
_entity.details 
1 polymer man 'MDR HIV-1 protease'      10769.635 2   ? ? ? ? 
2 polymer syn 'p2/NC substrate peptide' 837.043   1   ? ? ? ? 
3 water   nat water                     18.015    191 ? ? ? ? 
# 
loop_
_entity_poly.entity_id 
_entity_poly.type 
_entity_poly.nstd_linkage 
_entity_poly.nstd_monomer 
_entity_poly.pdbx_seq_one_letter_code 
_entity_poly.pdbx_seq_one_letter_code_can 
_entity_poly.pdbx_strand_id 
_entity_poly.pdbx_target_identifier 
1 'polypeptide(L)' no no 
;PQITLWQRPIVTIKIGGQLKEALLNTGADDTVLEEVNLPGRWKPKLIGGIGGFVKVRQYDQVPIEICGHKVIGTVLVGPT
PTNVIGRNLMTQIGCTLNF
;
;PQITLWQRPIVTIKIGGQLKEALLNTGADDTVLEEVNLPGRWKPKLIGGIGGFVKVRQYDQVPIEICGHKVIGTVLVGPT
PTNVIGRNLMTQIGCTLNF
;
A,B ? 
2 'polypeptide(L)' no no TIMMQRG                                                                                                
TIMMQRG                                                                                                P   ? 
# 
_pdbx_entity_nonpoly.entity_id   3 
_pdbx_entity_nonpoly.name        water 
_pdbx_entity_nonpoly.comp_id     HOH 
# 
loop_
_entity_poly_seq.entity_id 
_entity_poly_seq.num 
_entity_poly_seq.mon_id 
_entity_poly_seq.hetero 
1 1  PRO n 
1 2  GLN n 
1 3  ILE n 
1 4  THR n 
1 5  LEU n 
1 6  TRP n 
1 7  GLN n 
1 8  ARG n 
1 9  PRO n 
1 10 ILE n 
1 11 VAL n 
1 12 THR n 
1 13 ILE n 
1 14 LYS n 
1 15 ILE n 
1 16 GLY n 
1 17 GLY n 
1 18 GLN n 
1 19 LEU n 
1 20 LYS n 
1 21 GLU n 
1 22 ALA n 
1 23 LEU n 
1 24 LEU n 
1 25 ASN n 
1 26 THR n 
1 27 GLY n 
1 28 ALA n 
1 29 ASP n 
1 30 ASP n 
1 31 THR n 
1 32 VAL n 
1 33 LEU n 
1 34 GLU n 
1 35 GLU n 
1 36 VAL n 
1 37 ASN n 
1 38 LEU n 
1 39 PRO n 
1 40 GLY n 
1 41 ARG n 
1 42 TRP n 
1 43 LYS n 
1 44 PRO n 
1 45 LYS n 
1 46 LEU n 
1 47 ILE n 
1 48 GLY n 
1 49 GLY n 
1 50 ILE n 
1 51 GLY n 
1 52 GLY n 
1 53 PHE n 
1 54 VAL n 
1 55 LYS n 
1 56 VAL n 
1 57 ARG n 
1 58 GLN n 
1 59 TYR n 
1 60 ASP n 
1 61 GLN n 
1 62 VAL n 
1 63 PRO n 
1 64 ILE n 
1 65 GLU n 
1 66 ILE n 
1 67 CYS n 
1 68 GLY n 
1 69 HIS n 
1 70 LYS n 
1 71 VAL n 
1 72 ILE n 
1 73 GLY n 
1 74 THR n 
1 75 VAL n 
1 76 LEU n 
1 77 VAL n 
1 78 GLY n 
1 79 PRO n 
1 80 THR n 
1 81 PRO n 
1 82 THR n 
1 83 ASN n 
1 84 VAL n 
1 85 ILE n 
1 86 GLY n 
1 87 ARG n 
1 88 ASN n 
1 89 LEU n 
1 90 MET n 
1 91 THR n 
1 92 GLN n 
1 93 ILE n 
1 94 GLY n 
1 95 CYS n 
1 96 THR n 
1 97 LEU n 
1 98 ASN n 
1 99 PHE n 
2 1  THR n 
2 2  ILE n 
2 3  MET n 
2 4  MET n 
2 5  GLN n 
2 6  ARG n 
2 7  GLY n 
# 
_entity_src_gen.entity_id                          1 
_entity_src_gen.pdbx_src_id                        1 
_entity_src_gen.pdbx_alt_source_flag               sample 
_entity_src_gen.pdbx_seq_type                      ? 
_entity_src_gen.pdbx_beg_seq_num                   ? 
_entity_src_gen.pdbx_end_seq_num                   ? 
_entity_src_gen.gene_src_common_name               ? 
_entity_src_gen.gene_src_genus                     ? 
_entity_src_gen.pdbx_gene_src_gene                 pol 
_entity_src_gen.gene_src_species                   ? 
_entity_src_gen.gene_src_strain                    ? 
_entity_src_gen.gene_src_tissue                    ? 
_entity_src_gen.gene_src_tissue_fraction           ? 
_entity_src_gen.gene_src_details                   ? 
_entity_src_gen.pdbx_gene_src_fragment             ? 
_entity_src_gen.pdbx_gene_src_scientific_name      'Human immunodeficiency virus 1' 
_entity_src_gen.pdbx_gene_src_ncbi_taxonomy_id     11676 
_entity_src_gen.pdbx_gene_src_variant              ? 
_entity_src_gen.pdbx_gene_src_cell_line            ? 
_entity_src_gen.pdbx_gene_src_atcc                 ? 
_entity_src_gen.pdbx_gene_src_organ                ? 
_entity_src_gen.pdbx_gene_src_organelle            ? 
_entity_src_gen.pdbx_gene_src_cell                 ? 
_entity_src_gen.pdbx_gene_src_cellular_location    ? 
_entity_src_gen.host_org_common_name               ? 
_entity_src_gen.pdbx_host_org_scientific_name      'Escherichia coli' 
_entity_src_gen.pdbx_host_org_ncbi_taxonomy_id     562 
_entity_src_gen.host_org_genus                     ? 
_entity_src_gen.pdbx_host_org_gene                 ? 
_entity_src_gen.pdbx_host_org_organ                ? 
_entity_src_gen.host_org_species                   ? 
_entity_src_gen.pdbx_host_org_tissue               ? 
_entity_src_gen.pdbx_host_org_tissue_fraction      ? 
_entity_src_gen.pdbx_host_org_strain               ? 
_entity_src_gen.pdbx_host_org_variant              ? 
_entity_src_gen.pdbx_host_org_cell_line            ? 
_entity_src_gen.pdbx_host_org_atcc                 ? 
_entity_src_gen.pdbx_host_org_culture_collection   ? 
_entity_src_gen.pdbx_host_org_cell                 ? 
_entity_src_gen.pdbx_host_org_organelle            ? 
_entity_src_gen.pdbx_host_org_cellular_location    ? 
_entity_src_gen.pdbx_host_org_vector_type          ? 
_entity_src_gen.pdbx_host_org_vector               ? 
_entity_src_gen.host_org_details                   ? 
_entity_src_gen.expression_system_id               ? 
_entity_src_gen.plasmid_name                       ? 
_entity_src_gen.plasmid_details                    ? 
_entity_src_gen.pdbx_description                   ? 
# 
_pdbx_entity_src_syn.entity_id              2 
_pdbx_entity_src_syn.pdbx_src_id            1 
_pdbx_entity_src_syn.pdbx_alt_source_flag   sample 
_pdbx_entity_src_syn.pdbx_beg_seq_num       ? 
_pdbx_entity_src_syn.pdbx_end_seq_num       ? 
_pdbx_entity_src_syn.organism_scientific    'Human immunodeficiency virus 1' 
_pdbx_entity_src_syn.organism_common_name   HIV-1 
_pdbx_entity_src_syn.ncbi_taxonomy_id       11676 
_pdbx_entity_src_syn.details                'This sequence occurs naturally in HIV-1' 
# 
loop_
_chem_comp.id 
_chem_comp.type 
_chem_comp.mon_nstd_flag 
_chem_comp.name 
_chem_comp.pdbx_synonyms 
_chem_comp.formula 
_chem_comp.formula_weight 
ALA 'L-peptide linking' y ALANINE         ? 'C3 H7 N O2'     89.093  
ARG 'L-peptide linking' y ARGININE        ? 'C6 H15 N4 O2 1' 175.209 
ASN 'L-peptide linking' y ASPARAGINE      ? 'C4 H8 N2 O3'    132.118 
ASP 'L-peptide linking' y 'ASPARTIC ACID' ? 'C4 H7 N O4'     133.103 
CYS 'L-peptide linking' y CYSTEINE        ? 'C3 H7 N O2 S'   121.158 
GLN 'L-peptide linking' y GLUTAMINE       ? 'C5 H10 N2 O3'   146.144 
GLU 'L-peptide linking' y 'GLUTAMIC ACID' ? 'C5 H9 N O4'     147.129 
GLY 'peptide linking'   y GLYCINE         ? 'C2 H5 N O2'     75.067  
HIS 'L-peptide linking' y HISTIDINE       ? 'C6 H10 N3 O2 1' 156.162 
HOH non-polymer         . WATER           ? 'H2 O'           18.015  
ILE 'L-peptide linking' y ISOLEUCINE      ? 'C6 H13 N O2'    131.173 
LEU 'L-peptide linking' y LEUCINE         ? 'C6 H13 N O2'    131.173 
LYS 'L-peptide linking' y LYSINE          ? 'C6 H15 N2 O2 1' 147.195 
MET 'L-peptide linking' y METHIONINE      ? 'C5 H11 N O2 S'  149.211 
PHE 'L-peptide linking' y PHENYLALANINE   ? 'C9 H11 N O2'    165.189 
PRO 'L-peptide linking' y PROLINE         ? 'C5 H9 N O2'     115.130 
THR 'L-peptide linking' y THREONINE       ? 'C4 H9 N O3'     119.119 
TRP 'L-peptide linking' y TRYPTOPHAN      ? 'C11 H12 N2 O2'  204.225 
TYR 'L-peptide linking' y TYROSINE        ? 'C9 H11 N O3'    181.189 
VAL 'L-peptide linking' y VALINE          ? 'C5 H11 N O2'    117.146 
# 
loop_
_pdbx_poly_seq_scheme.asym_id 
_pdbx_poly_seq_scheme.entity_id 
_pdbx_poly_seq_scheme.seq_id 
_pdbx_poly_seq_scheme.mon_id 
_pdbx_poly_seq_scheme.ndb_seq_num 
_pdbx_poly_seq_scheme.pdb_seq_num 
_pdbx_poly_seq_scheme.auth_seq_num 
_pdbx_poly_seq_scheme.pdb_mon_id 
_pdbx_poly_seq_scheme.auth_mon_id 
_pdbx_poly_seq_scheme.pdb_strand_id 
_pdbx_poly_seq_scheme.pdb_ins_code 
_pdbx_poly_seq_scheme.hetero 
A 1 1  PRO 1  1  1  PRO PRO A . n 
A 1 2  GLN 2  2  2  GLN GLN A . n 
A 1 3  ILE 3  3  3  ILE ILE A . n 
A 1 4  THR 4  4  4  THR THR A . n 
A 1 5  LEU 5  5  5  LEU LEU A . n 
A 1 6  TRP 6  6  6  TRP TRP A . n 
A 1 7  GLN 7  7  7  GLN GLN A . n 
A 1 8  ARG 8  8  8  ARG ARG A . n 
A 1 9  PRO 9  9  9  PRO PRO A . n 
A 1 10 ILE 10 10 10 ILE ILE A . n 
A 1 11 VAL 11 11 11 VAL VAL A . n 
A 1 12 THR 12 12 12 THR THR A . n 
A 1 13 ILE 13 13 13 ILE ILE A . n 
A 1 14 LYS 14 14 14 LYS LYS A . n 
A 1 15 ILE 15 15 15 ILE ILE A . n 
A 1 16 GLY 16 16 16 GLY GLY A . n 
A 1 17 GLY 17 17 17 GLY GLY A . n 
A 1 18 GLN 18 18 18 GLN GLN A . n 
A 1 19 LEU 19 19 19 LEU LEU A . n 
A 1 20 LYS 20 20 20 LYS LYS A . n 
A 1 21 GLU 21 21 21 GLU GLU A . n 
A 1 22 ALA 22 22 22 ALA ALA A . n 
A 1 23 LEU 23 23 23 LEU LEU A . n 
A 1 24 LEU 24 24 24 LEU LEU A . n 
A 1 25 ASN 25 25 25 ASN ASN A . n 
A 1 26 THR 26 26 26 THR THR A . n 
A 1 27 GLY 27 27 27 GLY GLY A . n 
A 1 28 ALA 28 28 28 ALA ALA A . n 
A 1 29 ASP 29 29 29 ASP ASP A . n 
A 1 30 ASP 30 30 30 ASP ASP A . n 
A 1 31 THR 31 31 31 THR THR A . n 
A 1 32 VAL 32 32 32 VAL VAL A . n 
A 1 33 LEU 33 33 33 LEU LEU A . n 
A 1 34 GLU 34 34 34 GLU GLU A . n 
A 1 35 GLU 35 35 35 GLU GLU A . n 
A 1 36 VAL 36 36 36 VAL VAL A . n 
A 1 37 ASN 37 37 37 ASN ASN A . n 
A 1 38 LEU 38 38 38 LEU LEU A . n 
A 1 39 PRO 39 39 39 PRO PRO A . n 
A 1 40 GLY 40 40 40 GLY GLY A . n 
A 1 41 ARG 41 41 41 ARG ARG A . n 
A 1 42 TRP 42 42 42 TRP TRP A . n 
A 1 43 LYS 43 43 43 LYS LYS A . n 
A 1 44 PRO 44 44 44 PRO PRO A . n 
A 1 45 LYS 45 45 45 LYS LYS A . n 
A 1 46 LEU 46 46 46 LEU LEU A . n 
A 1 47 ILE 47 47 47 ILE ILE A . n 
A 1 48 GLY 48 48 48 GLY GLY A . n 
A 1 49 GLY 49 49 49 GLY GLY A . n 
A 1 50 ILE 50 50 50 ILE ILE A . n 
A 1 51 GLY 51 51 51 GLY GLY A . n 
A 1 52 GLY 52 52 52 GLY GLY A . n 
A 1 53 PHE 53 53 53 PHE PHE A . n 
A 1 54 VAL 54 54 54 VAL VAL A . n 
A 1 55 LYS 55 55 55 LYS LYS A . n 
A 1 56 VAL 56 56 56 VAL VAL A . n 
A 1 57 ARG 57 57 57 ARG ARG A . n 
A 1 58 GLN 58 58 58 GLN GLN A . n 
A 1 59 TYR 59 59 59 TYR TYR A . n 
A 1 60 ASP 60 60 60 ASP ASP A . n 
A 1 61 GLN 61 61 61 GLN GLN A . n 
A 1 62 VAL 62 62 62 VAL VAL A . n 
A 1 63 PRO 63 63 63 PRO PRO A . n 
A 1 64 ILE 64 64 64 ILE ILE A . n 
A 1 65 GLU 65 65 65 GLU GLU A . n 
A 1 66 ILE 66 66 66 ILE ILE A . n 
A 1 67 CYS 67 67 67 CYS CYS A . n 
A 1 68 GLY 68 68 68 GLY GLY A . n 
A 1 69 HIS 69 69 69 HIS HIS A . n 
A 1 70 LYS 70 70 70 LYS LYS A . n 
A 1 71 VAL 71 71 71 VAL VAL A . n 
A 1 72 ILE 72 72 72 ILE ILE A . n 
A 1 73 GLY 73 73 73 GLY GLY A . n 
A 1 74 THR 74 74 74 THR THR A . n 
A 1 75 VAL 75 75 75 VAL VAL A . n 
A 1 76 LEU 76 76 76 LEU LEU A . n 
A 1 77 VAL 77 77 77 VAL VAL A . n 
A 1 78 GLY 78 78 78 GLY GLY A . n 
A 1 79 PRO 79 79 79 PRO PRO A . n 
A 1 80 THR 80 80 80 THR THR A . n 
A 1 81 PRO 81 81 81 PRO PRO A . n 
A 1 82 THR 82 82 82 THR THR A . n 
A 1 83 ASN 83 83 83 ASN ASN A . n 
A 1 84 VAL 84 84 84 VAL VAL A . n 
A 1 85 ILE 85 85 85 ILE ILE A . n 
A 1 86 GLY 86 86 86 GLY GLY A . n 
A 1 87 ARG 87 87 87 ARG ARG A . n 
A 1 88 ASN 88 88 88 ASN ASN A . n 
A 1 89 LEU 89 89 89 LEU LEU A . n 
A 1 90 MET 90 90 90 MET MET A . n 
A 1 91 THR 91 91 91 THR THR A . n 
A 1 92 GLN 92 92 92 GLN GLN A . n 
A 1 93 ILE 93 93 93 ILE ILE A . n 
A 1 94 GLY 94 94 94 GLY GLY A . n 
A 1 95 CYS 95 95 95 CYS CYS A . n 
A 1 96 THR 96 96 96 THR THR A . n 
A 1 97 LEU 97 97 97 LEU LEU A . n 
A 1 98 ASN 98 98 98 ASN ASN A . n 
A 1 99 PHE 99 99 99 PHE PHE A . n 
B 1 1  PRO 1  1  1  PRO PRO B . n 
B 1 2  GLN 2  2  2  GLN GLN B . n 
B 1 3  ILE 3  3  3  ILE ILE B . n 
B 1 4  THR 4  4  4  THR THR B . n 
B 1 5  LEU 5  5  5  LEU LEU B . n 
B 1 6  TRP 6  6  6  TRP TRP B . n 
B 1 7  GLN 7  7  7  GLN GLN B . n 
B 1 8  ARG 8  8  8  ARG ARG B . n 
B 1 9  PRO 9  9  9  PRO PRO B . n 
B 1 10 ILE 10 10 10 ILE ILE B . n 
B 1 11 VAL 11 11 11 VAL VAL B . n 
B 1 12 THR 12 12 12 THR THR B . n 
B 1 13 ILE 13 13 13 ILE ILE B . n 
B 1 14 LYS 14 14 14 LYS LYS B . n 
B 1 15 ILE 15 15 15 ILE ILE B . n 
B 1 16 GLY 16 16 16 GLY GLY B . n 
B 1 17 GLY 17 17 17 GLY GLY B . n 
B 1 18 GLN 18 18 18 GLN GLN B . n 
B 1 19 LEU 19 19 19 LEU LEU B . n 
B 1 20 LYS 20 20 20 LYS LYS B . n 
B 1 21 GLU 21 21 21 GLU GLU B . n 
B 1 22 ALA 22 22 22 ALA ALA B . n 
B 1 23 LEU 23 23 23 LEU LEU B . n 
B 1 24 LEU 24 24 24 LEU LEU B . n 
B 1 25 ASN 25 25 25 ASN ASN B . n 
B 1 26 THR 26 26 26 THR THR B . n 
B 1 27 GLY 27 27 27 GLY GLY B . n 
B 1 28 ALA 28 28 28 ALA ALA B . n 
B 1 29 ASP 29 29 29 ASP ASP B . n 
B 1 30 ASP 30 30 30 ASP ASP B . n 
B 1 31 THR 31 31 31 THR THR B . n 
B 1 32 VAL 32 32 32 VAL VAL B . n 
B 1 33 LEU 33 33 33 LEU LEU B . n 
B 1 34 GLU 34 34 34 GLU GLU B . n 
B 1 35 GLU 35 35 35 GLU GLU B . n 
B 1 36 VAL 36 36 36 VAL VAL B . n 
B 1 37 ASN 37 37 37 ASN ASN B . n 
B 1 38 LEU 38 38 38 LEU LEU B . n 
B 1 39 PRO 39 39 39 PRO PRO B . n 
B 1 40 GLY 40 40 40 GLY GLY B . n 
B 1 41 ARG 41 41 41 ARG ARG B . n 
B 1 42 TRP 42 42 42 TRP TRP B . n 
B 1 43 LYS 43 43 43 LYS LYS B . n 
B 1 44 PRO 44 44 44 PRO PRO B . n 
B 1 45 LYS 45 45 45 LYS LYS B . n 
B 1 46 LEU 46 46 46 LEU LEU B . n 
B 1 47 ILE 47 47 47 ILE ILE B . n 
B 1 48 GLY 48 48 48 GLY GLY B . n 
B 1 49 GLY 49 49 49 GLY GLY B . n 
B 1 50 ILE 50 50 50 ILE ILE B . n 
B 1 51 GLY 51 51 51 GLY GLY B . n 
B 1 52 GLY 52 52 52 GLY GLY B . n 
B 1 53 PHE 53 53 53 PHE PHE B . n 
B 1 54 VAL 54 54 54 VAL VAL B . n 
B 1 55 LYS 55 55 55 LYS LYS B . n 
B 1 56 VAL 56 56 56 VAL VAL B . n 
B 1 57 ARG 57 57 57 ARG ARG B . n 
B 1 58 GLN 58 58 58 GLN GLN B . n 
B 1 59 TYR 59 59 59 TYR TYR B . n 
B 1 60 ASP 60 60 60 ASP ASP B . n 
B 1 61 GLN 61 61 61 GLN GLN B . n 
B 1 62 VAL 62 62 62 VAL VAL B . n 
B 1 63 PRO 63 63 63 PRO PRO B . n 
B 1 64 ILE 64 64 64 ILE ILE B . n 
B 1 65 GLU 65 65 65 GLU GLU B . n 
B 1 66 ILE 66 66 66 ILE ILE B . n 
B 1 67 CYS 67 67 67 CYS CYS B . n 
B 1 68 GLY 68 68 68 GLY GLY B . n 
B 1 69 HIS 69 69 69 HIS HIS B . n 
B 1 70 LYS 70 70 70 LYS LYS B . n 
B 1 71 VAL 71 71 71 VAL VAL B . n 
B 1 72 ILE 72 72 72 ILE ILE B . n 
B 1 73 GLY 73 73 73 GLY GLY B . n 
B 1 74 THR 74 74 74 THR THR B . n 
B 1 75 VAL 75 75 75 VAL VAL B . n 
B 1 76 LEU 76 76 76 LEU LEU B . n 
B 1 77 VAL 77 77 77 VAL VAL B . n 
B 1 78 GLY 78 78 78 GLY GLY B . n 
B 1 79 PRO 79 79 79 PRO PRO B . n 
B 1 80 THR 80 80 80 THR THR B . n 
B 1 81 PRO 81 81 81 PRO PRO B . n 
B 1 82 THR 82 82 82 THR THR B . n 
B 1 83 ASN 83 83 83 ASN ASN B . n 
B 1 84 VAL 84 84 84 VAL VAL B . n 
B 1 85 ILE 85 85 85 ILE ILE B . n 
B 1 86 GLY 86 86 86 GLY GLY B . n 
B 1 87 ARG 87 87 87 ARG ARG B . n 
B 1 88 ASN 88 88 88 ASN ASN B . n 
B 1 89 LEU 89 89 89 LEU LEU B . n 
B 1 90 MET 90 90 90 MET MET B . n 
B 1 91 THR 91 91 91 THR THR B . n 
B 1 92 GLN 92 92 92 GLN GLN B . n 
B 1 93 ILE 93 93 93 ILE ILE B . n 
B 1 94 GLY 94 94 94 GLY GLY B . n 
B 1 95 CYS 95 95 95 CYS CYS B . n 
B 1 96 THR 96 96 96 THR THR B . n 
B 1 97 LEU 97 97 97 LEU LEU B . n 
B 1 98 ASN 98 98 98 ASN ASN B . n 
B 1 99 PHE 99 99 99 PHE PHE B . n 
C 2 1  THR 1  3  3  THR THR P . n 
C 2 2  ILE 2  4  4  ILE ILE P . n 
C 2 3  MET 3  5  5  MET MET P . n 
C 2 4  MET 4  6  6  MET MET P . n 
C 2 5  GLN 5  7  7  GLN GLN P . n 
C 2 6  ARG 6  8  8  ARG ARG P . n 
C 2 7  GLY 7  9  9  GLY GLY P . n 
# 
loop_
_pdbx_nonpoly_scheme.asym_id 
_pdbx_nonpoly_scheme.entity_id 
_pdbx_nonpoly_scheme.mon_id 
_pdbx_nonpoly_scheme.ndb_seq_num 
_pdbx_nonpoly_scheme.pdb_seq_num 
_pdbx_nonpoly_scheme.auth_seq_num 
_pdbx_nonpoly_scheme.pdb_mon_id 
_pdbx_nonpoly_scheme.auth_mon_id 
_pdbx_nonpoly_scheme.pdb_strand_id 
_pdbx_nonpoly_scheme.pdb_ins_code 
D 3 HOH 1   100 100 HOH HOH A . 
D 3 HOH 2   101 101 HOH HOH A . 
D 3 HOH 3   102 1   HOH HOH A . 
D 3 HOH 4   103 103 HOH HOH A . 
D 3 HOH 5   104 104 HOH HOH A . 
D 3 HOH 6   105 49  HOH HOH A . 
D 3 HOH 7   106 10  HOH HOH A . 
D 3 HOH 8   107 107 HOH HOH A . 
D 3 HOH 9   108 11  HOH HOH A . 
D 3 HOH 10  109 12  HOH HOH A . 
D 3 HOH 11  110 110 HOH HOH A . 
D 3 HOH 12  111 111 HOH HOH A . 
D 3 HOH 13  112 13  HOH HOH A . 
D 3 HOH 14  113 113 HOH HOH A . 
D 3 HOH 15  114 114 HOH HOH A . 
D 3 HOH 16  115 115 HOH HOH A . 
D 3 HOH 17  116 116 HOH HOH A . 
D 3 HOH 18  117 117 HOH HOH A . 
D 3 HOH 19  118 15  HOH HOH A . 
D 3 HOH 20  119 16  HOH HOH A . 
D 3 HOH 21  120 18  HOH HOH A . 
D 3 HOH 22  121 19  HOH HOH A . 
D 3 HOH 23  122 20  HOH HOH A . 
D 3 HOH 24  123 123 HOH HOH A . 
D 3 HOH 25  124 23  HOH HOH A . 
D 3 HOH 26  125 125 HOH HOH A . 
D 3 HOH 27  126 25  HOH HOH A . 
D 3 HOH 28  127 26  HOH HOH A . 
D 3 HOH 29  128 27  HOH HOH A . 
D 3 HOH 30  129 129 HOH HOH A . 
D 3 HOH 31  130 130 HOH HOH A . 
D 3 HOH 32  131 28  HOH HOH A . 
D 3 HOH 33  132 132 HOH HOH A . 
D 3 HOH 34  133 133 HOH HOH A . 
D 3 HOH 35  134 32  HOH HOH A . 
D 3 HOH 36  135 135 HOH HOH A . 
D 3 HOH 37  136 136 HOH HOH A . 
D 3 HOH 38  137 33  HOH HOH A . 
D 3 HOH 39  138 138 HOH HOH A . 
D 3 HOH 40  139 34  HOH HOH A . 
D 3 HOH 41  140 140 HOH HOH A . 
D 3 HOH 42  141 41  HOH HOH A . 
D 3 HOH 43  142 142 HOH HOH A . 
D 3 HOH 44  143 43  HOH HOH A . 
D 3 HOH 45  144 144 HOH HOH A . 
D 3 HOH 46  145 145 HOH HOH A . 
D 3 HOH 47  146 44  HOH HOH A . 
D 3 HOH 48  147 147 HOH HOH A . 
D 3 HOH 49  148 148 HOH HOH A . 
D 3 HOH 50  150 150 HOH HOH A . 
D 3 HOH 51  152 152 HOH HOH A . 
D 3 HOH 52  153 153 HOH HOH A . 
D 3 HOH 53  154 46  HOH HOH A . 
D 3 HOH 54  155 155 HOH HOH A . 
D 3 HOH 55  156 156 HOH HOH A . 
D 3 HOH 56  157 157 HOH HOH A . 
D 3 HOH 57  158 47  HOH HOH A . 
D 3 HOH 58  159 159 HOH HOH A . 
D 3 HOH 59  160 51  HOH HOH A . 
D 3 HOH 60  161 161 HOH HOH A . 
D 3 HOH 61  162 162 HOH HOH A . 
D 3 HOH 62  163 52  HOH HOH A . 
D 3 HOH 63  164 53  HOH HOH A . 
D 3 HOH 64  165 165 HOH HOH A . 
D 3 HOH 65  166 56  HOH HOH A . 
D 3 HOH 66  167 167 HOH HOH A . 
D 3 HOH 67  168 168 HOH HOH A . 
D 3 HOH 68  169 169 HOH HOH A . 
D 3 HOH 69  170 170 HOH HOH A . 
D 3 HOH 70  171 60  HOH HOH A . 
D 3 HOH 71  172 61  HOH HOH A . 
D 3 HOH 72  173 62  HOH HOH A . 
D 3 HOH 73  174 174 HOH HOH A . 
D 3 HOH 74  175 175 HOH HOH A . 
D 3 HOH 75  176 64  HOH HOH A . 
D 3 HOH 76  177 65  HOH HOH A . 
D 3 HOH 77  178 178 HOH HOH A . 
D 3 HOH 78  179 66  HOH HOH A . 
D 3 HOH 79  180 180 HOH HOH A . 
D 3 HOH 80  181 181 HOH HOH A . 
D 3 HOH 81  182 182 HOH HOH A . 
D 3 HOH 82  183 183 HOH HOH A . 
D 3 HOH 83  184 184 HOH HOH A . 
D 3 HOH 84  185 185 HOH HOH A . 
D 3 HOH 85  186 69  HOH HOH A . 
D 3 HOH 86  187 187 HOH HOH A . 
D 3 HOH 87  188 188 HOH HOH A . 
D 3 HOH 88  189 189 HOH HOH A . 
D 3 HOH 89  190 72  HOH HOH A . 
D 3 HOH 90  191 75  HOH HOH A . 
D 3 HOH 91  192 76  HOH HOH A . 
D 3 HOH 92  193 193 HOH HOH A . 
D 3 HOH 93  194 81  HOH HOH A . 
D 3 HOH 94  195 82  HOH HOH A . 
D 3 HOH 95  196 83  HOH HOH A . 
D 3 HOH 96  197 84  HOH HOH A . 
D 3 HOH 97  198 85  HOH HOH A . 
D 3 HOH 98  199 86  HOH HOH A . 
D 3 HOH 99  200 90  HOH HOH A . 
D 3 HOH 100 201 91  HOH HOH A . 
D 3 HOH 101 203 96  HOH HOH A . 
D 3 HOH 102 204 99  HOH HOH A . 
E 3 HOH 1   100 2   HOH HOH B . 
E 3 HOH 2   101 3   HOH HOH B . 
E 3 HOH 3   102 102 HOH HOH B . 
E 3 HOH 4   103 4   HOH HOH B . 
E 3 HOH 5   104 5   HOH HOH B . 
E 3 HOH 6   105 6   HOH HOH B . 
E 3 HOH 7   106 106 HOH HOH B . 
E 3 HOH 8   107 7   HOH HOH B . 
E 3 HOH 9   108 108 HOH HOH B . 
E 3 HOH 10  109 109 HOH HOH B . 
E 3 HOH 11  110 8   HOH HOH B . 
E 3 HOH 12  111 9   HOH HOH B . 
E 3 HOH 13  112 112 HOH HOH B . 
E 3 HOH 14  113 14  HOH HOH B . 
E 3 HOH 15  114 17  HOH HOH B . 
E 3 HOH 16  115 21  HOH HOH B . 
E 3 HOH 17  116 22  HOH HOH B . 
E 3 HOH 18  117 24  HOH HOH B . 
E 3 HOH 19  118 118 HOH HOH B . 
E 3 HOH 20  119 119 HOH HOH B . 
E 3 HOH 21  120 29  HOH HOH B . 
E 3 HOH 22  121 121 HOH HOH B . 
E 3 HOH 23  122 122 HOH HOH B . 
E 3 HOH 24  123 30  HOH HOH B . 
E 3 HOH 25  124 124 HOH HOH B . 
E 3 HOH 26  125 31  HOH HOH B . 
E 3 HOH 27  126 126 HOH HOH B . 
E 3 HOH 28  127 127 HOH HOH B . 
E 3 HOH 29  128 128 HOH HOH B . 
E 3 HOH 30  129 35  HOH HOH B . 
E 3 HOH 31  130 36  HOH HOH B . 
E 3 HOH 32  131 131 HOH HOH B . 
E 3 HOH 33  132 37  HOH HOH B . 
E 3 HOH 34  133 38  HOH HOH B . 
E 3 HOH 35  134 134 HOH HOH B . 
E 3 HOH 36  135 40  HOH HOH B . 
E 3 HOH 37  136 42  HOH HOH B . 
E 3 HOH 38  137 137 HOH HOH B . 
E 3 HOH 39  138 48  HOH HOH B . 
E 3 HOH 40  139 139 HOH HOH B . 
E 3 HOH 41  140 105 HOH HOH B . 
E 3 HOH 42  141 141 HOH HOH B . 
E 3 HOH 43  142 50  HOH HOH B . 
E 3 HOH 44  143 54  HOH HOH B . 
E 3 HOH 45  144 55  HOH HOH B . 
E 3 HOH 46  145 57  HOH HOH B . 
E 3 HOH 47  146 146 HOH HOH B . 
E 3 HOH 48  147 58  HOH HOH B . 
E 3 HOH 49  148 59  HOH HOH B . 
E 3 HOH 50  149 45  HOH HOH B . 
E 3 HOH 51  150 63  HOH HOH B . 
E 3 HOH 52  151 151 HOH HOH B . 
E 3 HOH 53  152 68  HOH HOH B . 
E 3 HOH 54  153 70  HOH HOH B . 
E 3 HOH 55  154 154 HOH HOH B . 
E 3 HOH 56  155 71  HOH HOH B . 
E 3 HOH 57  156 73  HOH HOH B . 
E 3 HOH 58  157 74  HOH HOH B . 
E 3 HOH 59  158 158 HOH HOH B . 
E 3 HOH 60  159 77  HOH HOH B . 
E 3 HOH 61  160 160 HOH HOH B . 
E 3 HOH 62  161 78  HOH HOH B . 
E 3 HOH 63  162 79  HOH HOH B . 
E 3 HOH 64  163 80  HOH HOH B . 
E 3 HOH 65  164 164 HOH HOH B . 
E 3 HOH 66  165 87  HOH HOH B . 
E 3 HOH 67  166 166 HOH HOH B . 
E 3 HOH 68  167 88  HOH HOH B . 
E 3 HOH 69  168 89  HOH HOH B . 
E 3 HOH 70  169 92  HOH HOH B . 
E 3 HOH 71  170 95  HOH HOH B . 
E 3 HOH 72  171 171 HOH HOH B . 
E 3 HOH 73  172 172 HOH HOH B . 
E 3 HOH 74  173 173 HOH HOH B . 
E 3 HOH 75  174 97  HOH HOH B . 
E 3 HOH 76  175 98  HOH HOH B . 
E 3 HOH 77  176 176 HOH HOH B . 
E 3 HOH 78  177 149 HOH HOH B . 
E 3 HOH 79  178 67  HOH HOH B . 
E 3 HOH 80  179 179 HOH HOH B . 
E 3 HOH 81  186 186 HOH HOH B . 
E 3 HOH 82  190 190 HOH HOH B . 
E 3 HOH 83  192 192 HOH HOH B . 
E 3 HOH 84  202 94  HOH HOH B . 
F 3 HOH 1   39  39  HOH HOH P . 
F 3 HOH 2   93  93  HOH HOH P . 
F 3 HOH 3   163 163 HOH HOH P . 
F 3 HOH 4   177 177 HOH HOH P . 
F 3 HOH 5   191 191 HOH HOH P . 
# 
_pdbx_unobs_or_zero_occ_atoms.id               1 
_pdbx_unobs_or_zero_occ_atoms.PDB_model_num    1 
_pdbx_unobs_or_zero_occ_atoms.polymer_flag     Y 
_pdbx_unobs_or_zero_occ_atoms.occupancy_flag   1 
_pdbx_unobs_or_zero_occ_atoms.auth_asym_id     B 
_pdbx_unobs_or_zero_occ_atoms.auth_comp_id     PRO 
_pdbx_unobs_or_zero_occ_atoms.auth_seq_id      1 
_pdbx_unobs_or_zero_occ_atoms.PDB_ins_code     ? 
_pdbx_unobs_or_zero_occ_atoms.auth_atom_id     N 
_pdbx_unobs_or_zero_occ_atoms.label_alt_id     ? 
_pdbx_unobs_or_zero_occ_atoms.label_asym_id    B 
_pdbx_unobs_or_zero_occ_atoms.label_comp_id    PRO 
_pdbx_unobs_or_zero_occ_atoms.label_seq_id     1 
_pdbx_unobs_or_zero_occ_atoms.label_atom_id    N 
# 
loop_
_software.name 
_software.classification 
_software.version 
_software.citation_id 
_software.pdbx_ordinal 
HKL-2000     'data collection' .        ? 1 
AMoRE        phasing           .        ? 2 
REFMAC       refinement        5.2.0019 ? 3 
CrystalClear 'data reduction'  .        ? 4 
CrystalClear 'data scaling'    .        ? 5 
# 
_cell.entry_id           3OUC 
_cell.length_a           45.368 
_cell.length_b           45.368 
_cell.length_c           102.707 
_cell.angle_alpha        90.00 
_cell.angle_beta         90.00 
_cell.angle_gamma        90.00 
_cell.Z_PDB              8 
_cell.pdbx_unique_axis   ? 
_cell.length_a_esd       ? 
_cell.length_b_esd       ? 
_cell.length_c_esd       ? 
_cell.angle_alpha_esd    ? 
_cell.angle_beta_esd     ? 
_cell.angle_gamma_esd    ? 
# 
_symmetry.entry_id                         3OUC 
_symmetry.space_group_name_H-M             'P 41' 
_symmetry.pdbx_full_space_group_name_H-M   ? 
_symmetry.cell_setting                     ? 
_symmetry.Int_Tables_number                76 
_symmetry.space_group_name_Hall            ? 
# 
_exptl.entry_id          3OUC 
_exptl.method            'X-RAY DIFFRACTION' 
_exptl.crystals_number   1 
# 
_exptl_crystal.id                    1 
_exptl_crystal.density_meas          ? 
_exptl_crystal.density_Matthews      2.36 
_exptl_crystal.density_percent_sol   47.92 
_exptl_crystal.description           ? 
_exptl_crystal.F_000                 ? 
_exptl_crystal.preparation           ? 
# 
_exptl_crystal_grow.crystal_id      1 
_exptl_crystal_grow.method          'VAPOR DIFFUSION, HANGING DROP' 
_exptl_crystal_grow.temp            298 
_exptl_crystal_grow.temp_details    ? 
_exptl_crystal_grow.pH              5.8 
_exptl_crystal_grow.pdbx_details    
;0.8M NaCl  
0.1 M MES  
, pH 5.8, VAPOR DIFFUSION, HANGING DROP, temperature 298K
;
_exptl_crystal_grow.pdbx_pH_range   ? 
# 
_diffrn.id                     1 
_diffrn.ambient_temp           173 
_diffrn.ambient_temp_details   ? 
_diffrn.crystal_id             1 
# 
_diffrn_detector.diffrn_id              1 
_diffrn_detector.detector               CCD 
_diffrn_detector.type                   'MARMOSAIC 300 mm CCD' 
_diffrn_detector.pdbx_collection_date   2008-08-09 
_diffrn_detector.details                ? 
# 
_diffrn_radiation.diffrn_id                        1 
_diffrn_radiation.wavelength_id                    1 
_diffrn_radiation.pdbx_monochromatic_or_laue_m_l   M 
_diffrn_radiation.monochromator                    Kohzu 
_diffrn_radiation.pdbx_diffrn_protocol             'SINGLE WAVELENGTH' 
_diffrn_radiation.pdbx_scattering_type             x-ray 
# 
_diffrn_radiation_wavelength.id           1 
_diffrn_radiation_wavelength.wavelength   1.0332 
_diffrn_radiation_wavelength.wt           1.0 
# 
_diffrn_source.diffrn_id                   1 
_diffrn_source.source                      SYNCHROTRON 
_diffrn_source.type                        'APS BEAMLINE 21-ID-D' 
_diffrn_source.pdbx_synchrotron_site       APS 
_diffrn_source.pdbx_synchrotron_beamline   21-ID-D 
_diffrn_source.pdbx_wavelength             ? 
_diffrn_source.pdbx_wavelength_list        1.0332 
# 
_reflns.entry_id                     3OUC 
_reflns.observed_criterion_sigma_I   1 
_reflns.observed_criterion_sigma_F   1 
_reflns.d_resolution_low             45.4 
_reflns.d_resolution_high            2.00 
_reflns.number_obs                   14209 
_reflns.number_all                   14209 
_reflns.percent_possible_obs         100 
_reflns.pdbx_Rmerge_I_obs            ? 
_reflns.pdbx_Rsym_value              ? 
_reflns.pdbx_netI_over_sigmaI        ? 
_reflns.B_iso_Wilson_estimate        ? 
_reflns.pdbx_redundancy              ? 
_reflns.R_free_details               ? 
_reflns.limit_h_max                  ? 
_reflns.limit_h_min                  ? 
_reflns.limit_k_max                  ? 
_reflns.limit_k_min                  ? 
_reflns.limit_l_max                  ? 
_reflns.limit_l_min                  ? 
_reflns.observed_criterion_F_max     ? 
_reflns.observed_criterion_F_min     ? 
_reflns.pdbx_chi_squared             ? 
_reflns.pdbx_scaling_rejects         ? 
_reflns.pdbx_diffrn_id               1 
_reflns.pdbx_ordinal                 1 
# 
loop_
_reflns_shell.d_res_high 
_reflns_shell.d_res_low 
_reflns_shell.percent_possible_all 
_reflns_shell.Rmerge_I_obs 
_reflns_shell.pdbx_Rsym_value 
_reflns_shell.meanI_over_sigI_obs 
_reflns_shell.pdbx_redundancy 
_reflns_shell.percent_possible_obs 
_reflns_shell.number_unique_all 
_reflns_shell.number_measured_all 
_reflns_shell.number_measured_obs 
_reflns_shell.number_unique_obs 
_reflns_shell.pdbx_chi_squared 
_reflns_shell.pdbx_diffrn_id 
_reflns_shell.pdbx_ordinal 
2.00 2.07  100.0 ? ? ? ? ? ? ? ? ? ? ? 1  
2.07 2.15  100.0 ? ? ? ? ? ? ? ? ? ? ? 2  
2.15 2.25  100.0 ? ? ? ? ? ? ? ? ? ? ? 3  
2.25 2.37  100.0 ? ? ? ? ? ? ? ? ? ? ? 4  
2.37 2.52  100.0 ? ? ? ? ? ? ? ? ? ? ? 5  
2.52 2.71  100.0 ? ? ? ? ? ? ? ? ? ? ? 6  
2.71 2.99  100.0 ? ? ? ? ? ? ? ? ? ? ? 7  
2.99 3.42  100.0 ? ? ? ? ? ? ? ? ? ? ? 8  
3.42 4.31  100.0 ? ? ? ? ? ? ? ? ? ? ? 9  
4.31 30.85 99.9  ? ? ? ? ? ? ? ? ? ? ? 10 
# 
_refine.entry_id                                 3OUC 
_refine.ls_number_reflns_obs                     13326 
_refine.ls_number_reflns_all                     13331 
_refine.pdbx_ls_sigma_I                          ? 
_refine.pdbx_ls_sigma_F                          0 
_refine.pdbx_data_cutoff_high_absF               ? 
_refine.pdbx_data_cutoff_low_absF                ? 
_refine.pdbx_data_cutoff_high_rms_absF           ? 
_refine.ls_d_res_low                             34.00 
_refine.ls_d_res_high                            2.00 
_refine.ls_percent_reflns_obs                    99.96 
_refine.ls_R_factor_obs                          0.19939 
_refine.ls_R_factor_all                          0.19631 
_refine.ls_R_factor_R_work                       0.19631 
_refine.ls_R_factor_R_free                       0.26197 
_refine.ls_R_factor_R_free_error                 ? 
_refine.ls_R_factor_R_free_error_details         ? 
_refine.ls_percent_reflns_R_free                 5.1 
_refine.ls_number_reflns_R_free                  720 
_refine.ls_number_parameters                     ? 
_refine.ls_number_restraints                     ? 
_refine.occupancy_min                            ? 
_refine.occupancy_max                            ? 
_refine.correlation_coeff_Fo_to_Fc               0.951 
_refine.correlation_coeff_Fo_to_Fc_free          0.919 
_refine.B_iso_mean                               27.986 
_refine.aniso_B[1][1]                            0.09 
_refine.aniso_B[2][2]                            0.09 
_refine.aniso_B[3][3]                            -0.17 
_refine.aniso_B[1][2]                            0.00 
_refine.aniso_B[1][3]                            0.00 
_refine.aniso_B[2][3]                            0.00 
_refine.solvent_model_details                    MASK 
_refine.solvent_model_param_ksol                 ? 
_refine.solvent_model_param_bsol                 ? 
_refine.pdbx_solvent_vdw_probe_radii             1.20 
_refine.pdbx_solvent_ion_probe_radii             0.80 
_refine.pdbx_solvent_shrinkage_radii             0.80 
_refine.pdbx_ls_cross_valid_method               THROUGHOUT 
_refine.details                                  'HYDROGENS HAVE BEEN ADDED IN THE RIDING POSITIONS' 
_refine.pdbx_method_to_determine_struct          'MOLECULAR REPLACEMENT' 
_refine.pdbx_isotropic_thermal_model             ? 
_refine.pdbx_stereochemistry_target_values       'MAXIMUM LIKELIHOOD' 
_refine.pdbx_stereochem_target_val_spec_case     ? 
_refine.pdbx_R_Free_selection_details            RANDOM 
_refine.pdbx_overall_ESU_R_Free                  0.194 
_refine.overall_SU_ML                            0.124 
_refine.overall_SU_B                             4.295 
_refine.overall_SU_R_Cruickshank_DPI             ? 
_refine.ls_redundancy_reflns_obs                 ? 
_refine.B_iso_min                                ? 
_refine.B_iso_max                                ? 
_refine.overall_SU_R_free                        ? 
_refine.ls_wR_factor_R_free                      ? 
_refine.ls_wR_factor_R_work                      ? 
_refine.overall_FOM_free_R_set                   ? 
_refine.overall_FOM_work_R_set                   ? 
_refine.pdbx_overall_phase_error                 ? 
_refine.pdbx_refine_id                           'X-RAY DIFFRACTION' 
_refine.pdbx_starting_model                      ? 
_refine.pdbx_overall_ESU_R                       ? 
_refine.pdbx_diffrn_id                           1 
_refine.pdbx_TLS_residual_ADP_flag               ? 
_refine.pdbx_overall_SU_R_free_Cruickshank_DPI   ? 
_refine.pdbx_overall_SU_R_Blow_DPI               ? 
_refine.pdbx_overall_SU_R_free_Blow_DPI          ? 
# 
_refine_hist.pdbx_refine_id                   'X-RAY DIFFRACTION' 
_refine_hist.cycle_id                         LAST 
_refine_hist.pdbx_number_atoms_protein        1569 
_refine_hist.pdbx_number_atoms_nucleic_acid   0 
_refine_hist.pdbx_number_atoms_ligand         0 
_refine_hist.number_atoms_solvent             191 
_refine_hist.number_atoms_total               1760 
_refine_hist.d_res_high                       2.00 
_refine_hist.d_res_low                        34.00 
# 
loop_
_refine_ls_restr.type 
_refine_ls_restr.dev_ideal 
_refine_ls_restr.dev_ideal_target 
_refine_ls_restr.weight 
_refine_ls_restr.number 
_refine_ls_restr.pdbx_refine_id 
_refine_ls_restr.pdbx_restraint_function 
r_bond_refined_d         0.015  0.022  ? 1597 'X-RAY DIFFRACTION' ? 
r_angle_refined_deg      1.476  1.981  ? 2169 'X-RAY DIFFRACTION' ? 
r_dihedral_angle_1_deg   6.529  5.000  ? 202  'X-RAY DIFFRACTION' ? 
r_dihedral_angle_2_deg   42.379 24.828 ? 58   'X-RAY DIFFRACTION' ? 
r_dihedral_angle_3_deg   13.929 15.000 ? 286  'X-RAY DIFFRACTION' ? 
r_dihedral_angle_4_deg   9.887  15.000 ? 9    'X-RAY DIFFRACTION' ? 
r_chiral_restr           0.107  0.200  ? 260  'X-RAY DIFFRACTION' ? 
r_gen_planes_refined     0.006  0.020  ? 1157 'X-RAY DIFFRACTION' ? 
r_nbd_refined            0.230  0.200  ? 681  'X-RAY DIFFRACTION' ? 
r_nbtor_refined          0.303  0.200  ? 1046 'X-RAY DIFFRACTION' ? 
r_xyhbond_nbd_refined    0.185  0.200  ? 136  'X-RAY DIFFRACTION' ? 
r_symmetry_vdw_refined   0.264  0.200  ? 64   'X-RAY DIFFRACTION' ? 
r_symmetry_hbond_refined 0.098  0.200  ? 20   'X-RAY DIFFRACTION' ? 
r_mcbond_it              1.497  1.500  ? 1064 'X-RAY DIFFRACTION' ? 
r_mcangle_it             1.700  2.000  ? 1654 'X-RAY DIFFRACTION' ? 
r_scbond_it              2.506  3.000  ? 628  'X-RAY DIFFRACTION' ? 
r_scangle_it             4.076  4.500  ? 515  'X-RAY DIFFRACTION' ? 
# 
_refine_ls_shell.pdbx_total_number_of_bins_used   20 
_refine_ls_shell.d_res_high                       2.000 
_refine_ls_shell.d_res_low                        2.052 
_refine_ls_shell.number_reflns_R_work             998 
_refine_ls_shell.R_factor_R_work                  0.247 
_refine_ls_shell.percent_reflns_obs               100.00 
_refine_ls_shell.R_factor_R_free                  0.311 
_refine_ls_shell.R_factor_R_free_error            ? 
_refine_ls_shell.percent_reflns_R_free            ? 
_refine_ls_shell.number_reflns_R_free             60 
_refine_ls_shell.number_reflns_all                ? 
_refine_ls_shell.R_factor_all                     ? 
_refine_ls_shell.number_reflns_obs                ? 
_refine_ls_shell.redundancy_reflns_obs            ? 
_refine_ls_shell.pdbx_refine_id                   'X-RAY DIFFRACTION' 
# 
_struct.entry_id                  3OUC 
_struct.title                     'MDR769 HIV-1 protease complexed with p2/NC hepta-peptide' 
_struct.pdbx_model_details        ? 
_struct.pdbx_CASP_flag            ? 
_struct.pdbx_model_type_details   ? 
# 
_struct_keywords.entry_id        3OUC 
_struct_keywords.pdbx_keywords   HYDROLASE/PEPTIDE 
_struct_keywords.text            
;MDR HIV-1 protease, inhibitor, drug resistance, substrate envelope, HIV-1 protease, protease, p2/NC substrate peptide, none, HYDROLASE, HYDROLASE-PEPTIDE complex
;
# 
loop_
_struct_asym.id 
_struct_asym.pdbx_blank_PDB_chainid_flag 
_struct_asym.pdbx_modified 
_struct_asym.entity_id 
_struct_asym.details 
A N N 1 ? 
B N N 1 ? 
C N N 2 ? 
D N N 3 ? 
E N N 3 ? 
F N N 3 ? 
# 
loop_
_struct_ref.id 
_struct_ref.db_name 
_struct_ref.db_code 
_struct_ref.pdbx_db_accession 
_struct_ref.entity_id 
_struct_ref.pdbx_seq_one_letter_code 
_struct_ref.pdbx_align_begin 
_struct_ref.pdbx_db_isoform 
1 UNP Q000H7_9HIV1 Q000H7 1 
;PQITLWQRPIVTIKIGGQLKEALLDTGADDTVLEDINLPGRWKPKMIGGIGGFVKVRQYDQVPIEICGHKVIGTVLVGPT
PTNVIGRNLMTQIGCTLNF
;
1   ? 
2 UNP Q9YP46_9HIV1 Q9YP46 2 TIMMQRG                                                                                                
375 ? 
# 
loop_
_struct_ref_seq.align_id 
_struct_ref_seq.ref_id 
_struct_ref_seq.pdbx_PDB_id_code 
_struct_ref_seq.pdbx_strand_id 
_struct_ref_seq.seq_align_beg 
_struct_ref_seq.pdbx_seq_align_beg_ins_code 
_struct_ref_seq.seq_align_end 
_struct_ref_seq.pdbx_seq_align_end_ins_code 
_struct_ref_seq.pdbx_db_accession 
_struct_ref_seq.db_align_beg 
_struct_ref_seq.pdbx_db_align_beg_ins_code 
_struct_ref_seq.db_align_end 
_struct_ref_seq.pdbx_db_align_end_ins_code 
_struct_ref_seq.pdbx_auth_seq_align_beg 
_struct_ref_seq.pdbx_auth_seq_align_end 
1 1 3OUC A 1 ? 99 ? Q000H7 1   ? 99  ? 1 99 
2 1 3OUC B 1 ? 99 ? Q000H7 1   ? 99  ? 1 99 
3 2 3OUC P 1 ? 7  ? Q9YP46 375 ? 381 ? 3 9  
# 
loop_
_struct_ref_seq_dif.align_id 
_struct_ref_seq_dif.pdbx_pdb_id_code 
_struct_ref_seq_dif.mon_id 
_struct_ref_seq_dif.pdbx_pdb_strand_id 
_struct_ref_seq_dif.seq_num 
_struct_ref_seq_dif.pdbx_pdb_ins_code 
_struct_ref_seq_dif.pdbx_seq_db_name 
_struct_ref_seq_dif.pdbx_seq_db_accession_code 
_struct_ref_seq_dif.db_mon_id 
_struct_ref_seq_dif.pdbx_seq_db_seq_num 
_struct_ref_seq_dif.details 
_struct_ref_seq_dif.pdbx_auth_seq_num 
_struct_ref_seq_dif.pdbx_ordinal 
1 3OUC ASN A 25 ? UNP Q000H7 ASP 25 conflict 25 1 
1 3OUC GLU A 35 ? UNP Q000H7 ASP 35 conflict 35 2 
1 3OUC VAL A 36 ? UNP Q000H7 ILE 36 conflict 36 3 
1 3OUC LEU A 46 ? UNP Q000H7 MET 46 conflict 46 4 
2 3OUC ASN B 25 ? UNP Q000H7 ASP 25 conflict 25 5 
2 3OUC GLU B 35 ? UNP Q000H7 ASP 35 conflict 35 6 
2 3OUC VAL B 36 ? UNP Q000H7 ILE 36 conflict 36 7 
2 3OUC LEU B 46 ? UNP Q000H7 MET 46 conflict 46 8 
# 
_pdbx_struct_assembly.id                   1 
_pdbx_struct_assembly.details              author_and_software_defined_assembly 
_pdbx_struct_assembly.method_details       PISA 
_pdbx_struct_assembly.oligomeric_details   trimeric 
_pdbx_struct_assembly.oligomeric_count     3 
# 
loop_
_pdbx_struct_assembly_prop.biol_id 
_pdbx_struct_assembly_prop.type 
_pdbx_struct_assembly_prop.value 
_pdbx_struct_assembly_prop.details 
1 'ABSA (A^2)' 4500  ? 
1 MORE         -23   ? 
1 'SSA (A^2)'  10430 ? 
# 
_pdbx_struct_assembly_gen.assembly_id       1 
_pdbx_struct_assembly_gen.oper_expression   1 
_pdbx_struct_assembly_gen.asym_id_list      A,B,C,D,E,F 
# 
_pdbx_struct_oper_list.id                   1 
_pdbx_struct_oper_list.type                 'identity operation' 
_pdbx_struct_oper_list.name                 1_555 
_pdbx_struct_oper_list.symmetry_operation   x,y,z 
_pdbx_struct_oper_list.matrix[1][1]         1.0000000000 
_pdbx_struct_oper_list.matrix[1][2]         0.0000000000 
_pdbx_struct_oper_list.matrix[1][3]         0.0000000000 
_pdbx_struct_oper_list.vector[1]            0.0000000000 
_pdbx_struct_oper_list.matrix[2][1]         0.0000000000 
_pdbx_struct_oper_list.matrix[2][2]         1.0000000000 
_pdbx_struct_oper_list.matrix[2][3]         0.0000000000 
_pdbx_struct_oper_list.vector[2]            0.0000000000 
_pdbx_struct_oper_list.matrix[3][1]         0.0000000000 
_pdbx_struct_oper_list.matrix[3][2]         0.0000000000 
_pdbx_struct_oper_list.matrix[3][3]         1.0000000000 
_pdbx_struct_oper_list.vector[3]            0.0000000000 
# 
_struct_biol.id        1 
_struct_biol.details   'MDR HIV-1 protease dimer binds to p2/NC substrate peptide' 
# 
loop_
_struct_conf.conf_type_id 
_struct_conf.id 
_struct_conf.pdbx_PDB_helix_id 
_struct_conf.beg_label_comp_id 
_struct_conf.beg_label_asym_id 
_struct_conf.beg_label_seq_id 
_struct_conf.pdbx_beg_PDB_ins_code 
_struct_conf.end_label_comp_id 
_struct_conf.end_label_asym_id 
_struct_conf.end_label_seq_id 
_struct_conf.pdbx_end_PDB_ins_code 
_struct_conf.beg_auth_comp_id 
_struct_conf.beg_auth_asym_id 
_struct_conf.beg_auth_seq_id 
_struct_conf.end_auth_comp_id 
_struct_conf.end_auth_asym_id 
_struct_conf.end_auth_seq_id 
_struct_conf.pdbx_PDB_helix_class 
_struct_conf.details 
_struct_conf.pdbx_PDB_helix_length 
HELX_P HELX_P1 1 GLY A 86 ? GLY A 94 ? GLY A 86 GLY A 94 1 ? 9 
HELX_P HELX_P2 2 GLY B 86 ? GLY B 94 ? GLY B 86 GLY B 94 1 ? 9 
# 
_struct_conf_type.id          HELX_P 
_struct_conf_type.criteria    ? 
_struct_conf_type.reference   ? 
# 
loop_
_struct_sheet.id 
_struct_sheet.type 
_struct_sheet.number_strands 
_struct_sheet.details 
A ? 4 ? 
B ? 8 ? 
C ? 8 ? 
# 
loop_
_struct_sheet_order.sheet_id 
_struct_sheet_order.range_id_1 
_struct_sheet_order.range_id_2 
_struct_sheet_order.offset 
_struct_sheet_order.sense 
A 1 2 ? anti-parallel 
A 2 3 ? anti-parallel 
A 3 4 ? anti-parallel 
B 1 2 ? anti-parallel 
B 2 3 ? anti-parallel 
B 3 4 ? parallel      
B 4 5 ? anti-parallel 
B 5 6 ? parallel      
B 6 7 ? anti-parallel 
B 7 8 ? anti-parallel 
C 1 2 ? anti-parallel 
C 2 3 ? anti-parallel 
C 3 4 ? parallel      
C 4 5 ? anti-parallel 
C 5 6 ? parallel      
C 6 7 ? anti-parallel 
C 7 8 ? anti-parallel 
# 
loop_
_struct_sheet_range.sheet_id 
_struct_sheet_range.id 
_struct_sheet_range.beg_label_comp_id 
_struct_sheet_range.beg_label_asym_id 
_struct_sheet_range.beg_label_seq_id 
_struct_sheet_range.pdbx_beg_PDB_ins_code 
_struct_sheet_range.end_label_comp_id 
_struct_sheet_range.end_label_asym_id 
_struct_sheet_range.end_label_seq_id 
_struct_sheet_range.pdbx_end_PDB_ins_code 
_struct_sheet_range.beg_auth_comp_id 
_struct_sheet_range.beg_auth_asym_id 
_struct_sheet_range.beg_auth_seq_id 
_struct_sheet_range.end_auth_comp_id 
_struct_sheet_range.end_auth_asym_id 
_struct_sheet_range.end_auth_seq_id 
A 1 GLN A 2  ? ILE A 3  ? GLN A 2  ILE A 3  
A 2 THR B 96 ? ASN B 98 ? THR B 96 ASN B 98 
A 3 THR A 96 ? ASN A 98 ? THR A 96 ASN A 98 
A 4 GLN B 2  ? ILE B 3  ? GLN B 2  ILE B 3  
B 1 LYS A 43 ? GLY A 49 ? LYS A 43 GLY A 49 
B 2 GLY A 52 ? ILE A 66 ? GLY A 52 ILE A 66 
B 3 HIS A 69 ? VAL A 77 ? HIS A 69 VAL A 77 
B 4 VAL A 32 ? LEU A 33 ? VAL A 32 LEU A 33 
B 5 VAL A 84 ? ILE A 85 ? VAL A 84 ILE A 85 
B 6 GLN A 18 ? LEU A 24 ? GLN A 18 LEU A 24 
B 7 ILE A 10 ? ILE A 15 ? ILE A 10 ILE A 15 
B 8 GLY A 52 ? ILE A 66 ? GLY A 52 ILE A 66 
C 1 LYS B 43 ? GLY B 48 ? LYS B 43 GLY B 48 
C 2 PHE B 53 ? ILE B 66 ? PHE B 53 ILE B 66 
C 3 HIS B 69 ? VAL B 77 ? HIS B 69 VAL B 77 
C 4 VAL B 32 ? LEU B 33 ? VAL B 32 LEU B 33 
C 5 VAL B 84 ? ILE B 85 ? VAL B 84 ILE B 85 
C 6 GLN B 18 ? LEU B 24 ? GLN B 18 LEU B 24 
C 7 ILE B 10 ? ILE B 15 ? ILE B 10 ILE B 15 
C 8 PHE B 53 ? ILE B 66 ? PHE B 53 ILE B 66 
# 
loop_
_pdbx_struct_sheet_hbond.sheet_id 
_pdbx_struct_sheet_hbond.range_id_1 
_pdbx_struct_sheet_hbond.range_id_2 
_pdbx_struct_sheet_hbond.range_1_label_atom_id 
_pdbx_struct_sheet_hbond.range_1_label_comp_id 
_pdbx_struct_sheet_hbond.range_1_label_asym_id 
_pdbx_struct_sheet_hbond.range_1_label_seq_id 
_pdbx_struct_sheet_hbond.range_1_PDB_ins_code 
_pdbx_struct_sheet_hbond.range_1_auth_atom_id 
_pdbx_struct_sheet_hbond.range_1_auth_comp_id 
_pdbx_struct_sheet_hbond.range_1_auth_asym_id 
_pdbx_struct_sheet_hbond.range_1_auth_seq_id 
_pdbx_struct_sheet_hbond.range_2_label_atom_id 
_pdbx_struct_sheet_hbond.range_2_label_comp_id 
_pdbx_struct_sheet_hbond.range_2_label_asym_id 
_pdbx_struct_sheet_hbond.range_2_label_seq_id 
_pdbx_struct_sheet_hbond.range_2_PDB_ins_code 
_pdbx_struct_sheet_hbond.range_2_auth_atom_id 
_pdbx_struct_sheet_hbond.range_2_auth_comp_id 
_pdbx_struct_sheet_hbond.range_2_auth_asym_id 
_pdbx_struct_sheet_hbond.range_2_auth_seq_id 
A 1 2 N ILE A 3  ? N ILE A 3  O LEU B 97 ? O LEU B 97 
A 2 3 O THR B 96 ? O THR B 96 N ASN A 98 ? N ASN A 98 
A 3 4 N LEU A 97 ? N LEU A 97 O ILE B 3  ? O ILE B 3  
B 1 2 N LYS A 43 ? N LYS A 43 O GLN A 58 ? O GLN A 58 
B 2 3 N ARG A 57 ? N ARG A 57 O VAL A 77 ? O VAL A 77 
B 3 4 O LEU A 76 ? O LEU A 76 N LEU A 33 ? N LEU A 33 
B 4 5 N VAL A 32 ? N VAL A 32 O VAL A 84 ? O VAL A 84 
B 5 6 O ILE A 85 ? O ILE A 85 N LEU A 23 ? N LEU A 23 
B 6 7 O LYS A 20 ? O LYS A 20 N ILE A 13 ? N ILE A 13 
B 7 8 N LYS A 14 ? N LYS A 14 O GLU A 65 ? O GLU A 65 
C 1 2 N ILE B 47 ? N ILE B 47 O VAL B 54 ? O VAL B 54 
C 2 3 N ILE B 64 ? N ILE B 64 O VAL B 71 ? O VAL B 71 
C 3 4 O LEU B 76 ? O LEU B 76 N LEU B 33 ? N LEU B 33 
C 4 5 N VAL B 32 ? N VAL B 32 O VAL B 84 ? O VAL B 84 
C 5 6 O ILE B 85 ? O ILE B 85 N LEU B 23 ? N LEU B 23 
C 6 7 O LYS B 20 ? O LYS B 20 N ILE B 13 ? N ILE B 13 
C 7 8 N LYS B 14 ? N LYS B 14 O GLU B 65 ? O GLU B 65 
# 
_struct_site.id                   AC1 
_struct_site.pdbx_evidence_code   Software 
_struct_site.pdbx_auth_asym_id    ? 
_struct_site.pdbx_auth_comp_id    ? 
_struct_site.pdbx_auth_seq_id     ? 
_struct_site.pdbx_auth_ins_code   ? 
_struct_site.pdbx_num_residues    29 
_struct_site.details              'BINDING SITE FOR CHAIN P OF P2/NC SUBSTRATE PEPTIDE' 
# 
loop_
_struct_site_gen.id 
_struct_site_gen.site_id 
_struct_site_gen.pdbx_num_res 
_struct_site_gen.label_comp_id 
_struct_site_gen.label_asym_id 
_struct_site_gen.label_seq_id 
_struct_site_gen.pdbx_auth_ins_code 
_struct_site_gen.auth_comp_id 
_struct_site_gen.auth_asym_id 
_struct_site_gen.auth_seq_id 
_struct_site_gen.label_atom_id 
_struct_site_gen.label_alt_id 
_struct_site_gen.symmetry 
_struct_site_gen.details 
1  AC1 29 ARG A 8  ? ARG A 8   . ? 1_555 ? 
2  AC1 29 ASN A 25 ? ASN A 25  . ? 1_555 ? 
3  AC1 29 GLY A 27 ? GLY A 27  . ? 1_555 ? 
4  AC1 29 ALA A 28 ? ALA A 28  . ? 1_555 ? 
5  AC1 29 ASP A 29 ? ASP A 29  . ? 1_555 ? 
6  AC1 29 ASP A 30 ? ASP A 30  . ? 1_555 ? 
7  AC1 29 ARG A 41 ? ARG A 41  . ? 4_564 ? 
8  AC1 29 GLY A 48 ? GLY A 48  . ? 1_555 ? 
9  AC1 29 PRO A 81 ? PRO A 81  . ? 1_555 ? 
10 AC1 29 THR A 82 ? THR A 82  . ? 1_555 ? 
11 AC1 29 VAL A 84 ? VAL A 84  . ? 1_555 ? 
12 AC1 29 HOH D .  ? HOH A 114 . ? 1_555 ? 
13 AC1 29 HOH D .  ? HOH A 137 . ? 1_555 ? 
14 AC1 29 HOH D .  ? HOH A 157 . ? 1_555 ? 
15 AC1 29 HOH D .  ? HOH A 162 . ? 1_555 ? 
16 AC1 29 ARG B 8  ? ARG B 8   . ? 1_555 ? 
17 AC1 29 ASN B 25 ? ASN B 25  . ? 1_555 ? 
18 AC1 29 GLY B 27 ? GLY B 27  . ? 1_555 ? 
19 AC1 29 ASP B 29 ? ASP B 29  . ? 1_555 ? 
20 AC1 29 ASP B 30 ? ASP B 30  . ? 1_555 ? 
21 AC1 29 ARG B 41 ? ARG B 41  . ? 3_555 ? 
22 AC1 29 ILE B 50 ? ILE B 50  . ? 1_555 ? 
23 AC1 29 VAL B 84 ? VAL B 84  . ? 1_555 ? 
24 AC1 29 HOH E .  ? HOH B 129 . ? 1_555 ? 
25 AC1 29 HOH F .  ? HOH P 39  . ? 1_555 ? 
26 AC1 29 HOH F .  ? HOH P 93  . ? 1_555 ? 
27 AC1 29 HOH F .  ? HOH P 163 . ? 1_555 ? 
28 AC1 29 HOH F .  ? HOH P 177 . ? 1_555 ? 
29 AC1 29 HOH F .  ? HOH P 191 . ? 1_555 ? 
# 
loop_
_pdbx_validate_close_contact.id 
_pdbx_validate_close_contact.PDB_model_num 
_pdbx_validate_close_contact.auth_atom_id_1 
_pdbx_validate_close_contact.auth_asym_id_1 
_pdbx_validate_close_contact.auth_comp_id_1 
_pdbx_validate_close_contact.auth_seq_id_1 
_pdbx_validate_close_contact.PDB_ins_code_1 
_pdbx_validate_close_contact.label_alt_id_1 
_pdbx_validate_close_contact.auth_atom_id_2 
_pdbx_validate_close_contact.auth_asym_id_2 
_pdbx_validate_close_contact.auth_comp_id_2 
_pdbx_validate_close_contact.auth_seq_id_2 
_pdbx_validate_close_contact.PDB_ins_code_2 
_pdbx_validate_close_contact.label_alt_id_2 
_pdbx_validate_close_contact.dist 
1 1 OG1 P THR 3   ? ? O P HOH 191 ? ? 2.04 
2 1 O   P ARG 8   ? ? O P HOH 93  ? ? 2.13 
3 1 O   A HOH 158 ? ? O A HOH 159 ? ? 2.17 
# 
_pdbx_validate_rmsd_bond.id                        1 
_pdbx_validate_rmsd_bond.PDB_model_num             1 
_pdbx_validate_rmsd_bond.auth_atom_id_1            C 
_pdbx_validate_rmsd_bond.auth_asym_id_1            P 
_pdbx_validate_rmsd_bond.auth_comp_id_1            GLN 
_pdbx_validate_rmsd_bond.auth_seq_id_1             7 
_pdbx_validate_rmsd_bond.PDB_ins_code_1            ? 
_pdbx_validate_rmsd_bond.label_alt_id_1            ? 
_pdbx_validate_rmsd_bond.auth_atom_id_2            O 
_pdbx_validate_rmsd_bond.auth_asym_id_2            P 
_pdbx_validate_rmsd_bond.auth_comp_id_2            GLN 
_pdbx_validate_rmsd_bond.auth_seq_id_2             7 
_pdbx_validate_rmsd_bond.PDB_ins_code_2            ? 
_pdbx_validate_rmsd_bond.label_alt_id_2            ? 
_pdbx_validate_rmsd_bond.bond_value                1.346 
_pdbx_validate_rmsd_bond.bond_target_value         1.229 
_pdbx_validate_rmsd_bond.bond_deviation            0.117 
_pdbx_validate_rmsd_bond.bond_standard_deviation   0.019 
_pdbx_validate_rmsd_bond.linker_flag               N 
# 
loop_
_pdbx_validate_torsion.id 
_pdbx_validate_torsion.PDB_model_num 
_pdbx_validate_torsion.auth_comp_id 
_pdbx_validate_torsion.auth_asym_id 
_pdbx_validate_torsion.auth_seq_id 
_pdbx_validate_torsion.PDB_ins_code 
_pdbx_validate_torsion.label_alt_id 
_pdbx_validate_torsion.phi 
_pdbx_validate_torsion.psi 
1 1 MET P 6 ? ? -109.98 -147.52 
2 1 GLN P 7 ? ? 159.53  127.64  
# 
_pdbx_validate_peptide_omega.id               1 
_pdbx_validate_peptide_omega.PDB_model_num    1 
_pdbx_validate_peptide_omega.auth_comp_id_1   ILE 
_pdbx_validate_peptide_omega.auth_asym_id_1   P 
_pdbx_validate_peptide_omega.auth_seq_id_1    4 
_pdbx_validate_peptide_omega.PDB_ins_code_1   ? 
_pdbx_validate_peptide_omega.label_alt_id_1   ? 
_pdbx_validate_peptide_omega.auth_comp_id_2   MET 
_pdbx_validate_peptide_omega.auth_asym_id_2   P 
_pdbx_validate_peptide_omega.auth_seq_id_2    5 
_pdbx_validate_peptide_omega.PDB_ins_code_2   ? 
_pdbx_validate_peptide_omega.label_alt_id_2   ? 
_pdbx_validate_peptide_omega.omega            -149.15 
# 
loop_
_chem_comp_atom.comp_id 
_chem_comp_atom.atom_id 
_chem_comp_atom.type_symbol 
_chem_comp_atom.pdbx_aromatic_flag 
_chem_comp_atom.pdbx_stereo_config 
_chem_comp_atom.pdbx_ordinal 
ALA N    N N N 1   
ALA CA   C N S 2   
ALA C    C N N 3   
ALA O    O N N 4   
ALA CB   C N N 5   
ALA OXT  O N N 6   
ALA H    H N N 7   
ALA H2   H N N 8   
ALA HA   H N N 9   
ALA HB1  H N N 10  
ALA HB2  H N N 11  
ALA HB3  H N N 12  
ALA HXT  H N N 13  
ARG N    N N N 14  
ARG CA   C N S 15  
ARG C    C N N 16  
ARG O    O N N 17  
ARG CB   C N N 18  
ARG CG   C N N 19  
ARG CD   C N N 20  
ARG NE   N N N 21  
ARG CZ   C N N 22  
ARG NH1  N N N 23  
ARG NH2  N N N 24  
ARG OXT  O N N 25  
ARG H    H N N 26  
ARG H2   H N N 27  
ARG HA   H N N 28  
ARG HB2  H N N 29  
ARG HB3  H N N 30  
ARG HG2  H N N 31  
ARG HG3  H N N 32  
ARG HD2  H N N 33  
ARG HD3  H N N 34  
ARG HE   H N N 35  
ARG HH11 H N N 36  
ARG HH12 H N N 37  
ARG HH21 H N N 38  
ARG HH22 H N N 39  
ARG HXT  H N N 40  
ASN N    N N N 41  
ASN CA   C N S 42  
ASN C    C N N 43  
ASN O    O N N 44  
ASN CB   C N N 45  
ASN CG   C N N 46  
ASN OD1  O N N 47  
ASN ND2  N N N 48  
ASN OXT  O N N 49  
ASN H    H N N 50  
ASN H2   H N N 51  
ASN HA   H N N 52  
ASN HB2  H N N 53  
ASN HB3  H N N 54  
ASN HD21 H N N 55  
ASN HD22 H N N 56  
ASN HXT  H N N 57  
ASP N    N N N 58  
ASP CA   C N S 59  
ASP C    C N N 60  
ASP O    O N N 61  
ASP CB   C N N 62  
ASP CG   C N N 63  
ASP OD1  O N N 64  
ASP OD2  O N N 65  
ASP OXT  O N N 66  
ASP H    H N N 67  
ASP H2   H N N 68  
ASP HA   H N N 69  
ASP HB2  H N N 70  
ASP HB3  H N N 71  
ASP HD2  H N N 72  
ASP HXT  H N N 73  
CYS N    N N N 74  
CYS CA   C N R 75  
CYS C    C N N 76  
CYS O    O N N 77  
CYS CB   C N N 78  
CYS SG   S N N 79  
CYS OXT  O N N 80  
CYS H    H N N 81  
CYS H2   H N N 82  
CYS HA   H N N 83  
CYS HB2  H N N 84  
CYS HB3  H N N 85  
CYS HG   H N N 86  
CYS HXT  H N N 87  
GLN N    N N N 88  
GLN CA   C N S 89  
GLN C    C N N 90  
GLN O    O N N 91  
GLN CB   C N N 92  
GLN CG   C N N 93  
GLN CD   C N N 94  
GLN OE1  O N N 95  
GLN NE2  N N N 96  
GLN OXT  O N N 97  
GLN H    H N N 98  
GLN H2   H N N 99  
GLN HA   H N N 100 
GLN HB2  H N N 101 
GLN HB3  H N N 102 
GLN HG2  H N N 103 
GLN HG3  H N N 104 
GLN HE21 H N N 105 
GLN HE22 H N N 106 
GLN HXT  H N N 107 
GLU N    N N N 108 
GLU CA   C N S 109 
GLU C    C N N 110 
GLU O    O N N 111 
GLU CB   C N N 112 
GLU CG   C N N 113 
GLU CD   C N N 114 
GLU OE1  O N N 115 
GLU OE2  O N N 116 
GLU OXT  O N N 117 
GLU H    H N N 118 
GLU H2   H N N 119 
GLU HA   H N N 120 
GLU HB2  H N N 121 
GLU HB3  H N N 122 
GLU HG2  H N N 123 
GLU HG3  H N N 124 
GLU HE2  H N N 125 
GLU HXT  H N N 126 
GLY N    N N N 127 
GLY CA   C N N 128 
GLY C    C N N 129 
GLY O    O N N 130 
GLY OXT  O N N 131 
GLY H    H N N 132 
GLY H2   H N N 133 
GLY HA2  H N N 134 
GLY HA3  H N N 135 
GLY HXT  H N N 136 
HIS N    N N N 137 
HIS CA   C N S 138 
HIS C    C N N 139 
HIS O    O N N 140 
HIS CB   C N N 141 
HIS CG   C Y N 142 
HIS ND1  N Y N 143 
HIS CD2  C Y N 144 
HIS CE1  C Y N 145 
HIS NE2  N Y N 146 
HIS OXT  O N N 147 
HIS H    H N N 148 
HIS H2   H N N 149 
HIS HA   H N N 150 
HIS HB2  H N N 151 
HIS HB3  H N N 152 
HIS HD1  H N N 153 
HIS HD2  H N N 154 
HIS HE1  H N N 155 
HIS HE2  H N N 156 
HIS HXT  H N N 157 
HOH O    O N N 158 
HOH H1   H N N 159 
HOH H2   H N N 160 
ILE N    N N N 161 
ILE CA   C N S 162 
ILE C    C N N 163 
ILE O    O N N 164 
ILE CB   C N S 165 
ILE CG1  C N N 166 
ILE CG2  C N N 167 
ILE CD1  C N N 168 
ILE OXT  O N N 169 
ILE H    H N N 170 
ILE H2   H N N 171 
ILE HA   H N N 172 
ILE HB   H N N 173 
ILE HG12 H N N 174 
ILE HG13 H N N 175 
ILE HG21 H N N 176 
ILE HG22 H N N 177 
ILE HG23 H N N 178 
ILE HD11 H N N 179 
ILE HD12 H N N 180 
ILE HD13 H N N 181 
ILE HXT  H N N 182 
LEU N    N N N 183 
LEU CA   C N S 184 
LEU C    C N N 185 
LEU O    O N N 186 
LEU CB   C N N 187 
LEU CG   C N N 188 
LEU CD1  C N N 189 
LEU CD2  C N N 190 
LEU OXT  O N N 191 
LEU H    H N N 192 
LEU H2   H N N 193 
LEU HA   H N N 194 
LEU HB2  H N N 195 
LEU HB3  H N N 196 
LEU HG   H N N 197 
LEU HD11 H N N 198 
LEU HD12 H N N 199 
LEU HD13 H N N 200 
LEU HD21 H N N 201 
LEU HD22 H N N 202 
LEU HD23 H N N 203 
LEU HXT  H N N 204 
LYS N    N N N 205 
LYS CA   C N S 206 
LYS C    C N N 207 
LYS O    O N N 208 
LYS CB   C N N 209 
LYS CG   C N N 210 
LYS CD   C N N 211 
LYS CE   C N N 212 
LYS NZ   N N N 213 
LYS OXT  O N N 214 
LYS H    H N N 215 
LYS H2   H N N 216 
LYS HA   H N N 217 
LYS HB2  H N N 218 
LYS HB3  H N N 219 
LYS HG2  H N N 220 
LYS HG3  H N N 221 
LYS HD2  H N N 222 
LYS HD3  H N N 223 
LYS HE2  H N N 224 
LYS HE3  H N N 225 
LYS HZ1  H N N 226 
LYS HZ2  H N N 227 
LYS HZ3  H N N 228 
LYS HXT  H N N 229 
MET N    N N N 230 
MET CA   C N S 231 
MET C    C N N 232 
MET O    O N N 233 
MET CB   C N N 234 
MET CG   C N N 235 
MET SD   S N N 236 
MET CE   C N N 237 
MET OXT  O N N 238 
MET H    H N N 239 
MET H2   H N N 240 
MET HA   H N N 241 
MET HB2  H N N 242 
MET HB3  H N N 243 
MET HG2  H N N 244 
MET HG3  H N N 245 
MET HE1  H N N 246 
MET HE2  H N N 247 
MET HE3  H N N 248 
MET HXT  H N N 249 
PHE N    N N N 250 
PHE CA   C N S 251 
PHE C    C N N 252 
PHE O    O N N 253 
PHE CB   C N N 254 
PHE CG   C Y N 255 
PHE CD1  C Y N 256 
PHE CD2  C Y N 257 
PHE CE1  C Y N 258 
PHE CE2  C Y N 259 
PHE CZ   C Y N 260 
PHE OXT  O N N 261 
PHE H    H N N 262 
PHE H2   H N N 263 
PHE HA   H N N 264 
PHE HB2  H N N 265 
PHE HB3  H N N 266 
PHE HD1  H N N 267 
PHE HD2  H N N 268 
PHE HE1  H N N 269 
PHE HE2  H N N 270 
PHE HZ   H N N 271 
PHE HXT  H N N 272 
PRO N    N N N 273 
PRO CA   C N S 274 
PRO C    C N N 275 
PRO O    O N N 276 
PRO CB   C N N 277 
PRO CG   C N N 278 
PRO CD   C N N 279 
PRO OXT  O N N 280 
PRO H    H N N 281 
PRO HA   H N N 282 
PRO HB2  H N N 283 
PRO HB3  H N N 284 
PRO HG2  H N N 285 
PRO HG3  H N N 286 
PRO HD2  H N N 287 
PRO HD3  H N N 288 
PRO HXT  H N N 289 
THR N    N N N 290 
THR CA   C N S 291 
THR C    C N N 292 
THR O    O N N 293 
THR CB   C N R 294 
THR OG1  O N N 295 
THR CG2  C N N 296 
THR OXT  O N N 297 
THR H    H N N 298 
THR H2   H N N 299 
THR HA   H N N 300 
THR HB   H N N 301 
THR HG1  H N N 302 
THR HG21 H N N 303 
THR HG22 H N N 304 
THR HG23 H N N 305 
THR HXT  H N N 306 
TRP N    N N N 307 
TRP CA   C N S 308 
TRP C    C N N 309 
TRP O    O N N 310 
TRP CB   C N N 311 
TRP CG   C Y N 312 
TRP CD1  C Y N 313 
TRP CD2  C Y N 314 
TRP NE1  N Y N 315 
TRP CE2  C Y N 316 
TRP CE3  C Y N 317 
TRP CZ2  C Y N 318 
TRP CZ3  C Y N 319 
TRP CH2  C Y N 320 
TRP OXT  O N N 321 
TRP H    H N N 322 
TRP H2   H N N 323 
TRP HA   H N N 324 
TRP HB2  H N N 325 
TRP HB3  H N N 326 
TRP HD1  H N N 327 
TRP HE1  H N N 328 
TRP HE3  H N N 329 
TRP HZ2  H N N 330 
TRP HZ3  H N N 331 
TRP HH2  H N N 332 
TRP HXT  H N N 333 
TYR N    N N N 334 
TYR CA   C N S 335 
TYR C    C N N 336 
TYR O    O N N 337 
TYR CB   C N N 338 
TYR CG   C Y N 339 
TYR CD1  C Y N 340 
TYR CD2  C Y N 341 
TYR CE1  C Y N 342 
TYR CE2  C Y N 343 
TYR CZ   C Y N 344 
TYR OH   O N N 345 
TYR OXT  O N N 346 
TYR H    H N N 347 
TYR H2   H N N 348 
TYR HA   H N N 349 
TYR HB2  H N N 350 
TYR HB3  H N N 351 
TYR HD1  H N N 352 
TYR HD2  H N N 353 
TYR HE1  H N N 354 
TYR HE2  H N N 355 
TYR HH   H N N 356 
TYR HXT  H N N 357 
VAL N    N N N 358 
VAL CA   C N S 359 
VAL C    C N N 360 
VAL O    O N N 361 
VAL CB   C N N 362 
VAL CG1  C N N 363 
VAL CG2  C N N 364 
VAL OXT  O N N 365 
VAL H    H N N 366 
VAL H2   H N N 367 
VAL HA   H N N 368 
VAL HB   H N N 369 
VAL HG11 H N N 370 
VAL HG12 H N N 371 
VAL HG13 H N N 372 
VAL HG21 H N N 373 
VAL HG22 H N N 374 
VAL HG23 H N N 375 
VAL HXT  H N N 376 
# 
loop_
_chem_comp_bond.comp_id 
_chem_comp_bond.atom_id_1 
_chem_comp_bond.atom_id_2 
_chem_comp_bond.value_order 
_chem_comp_bond.pdbx_aromatic_flag 
_chem_comp_bond.pdbx_stereo_config 
_chem_comp_bond.pdbx_ordinal 
ALA N   CA   sing N N 1   
ALA N   H    sing N N 2   
ALA N   H2   sing N N 3   
ALA CA  C    sing N N 4   
ALA CA  CB   sing N N 5   
ALA CA  HA   sing N N 6   
ALA C   O    doub N N 7   
ALA C   OXT  sing N N 8   
ALA CB  HB1  sing N N 9   
ALA CB  HB2  sing N N 10  
ALA CB  HB3  sing N N 11  
ALA OXT HXT  sing N N 12  
ARG N   CA   sing N N 13  
ARG N   H    sing N N 14  
ARG N   H2   sing N N 15  
ARG CA  C    sing N N 16  
ARG CA  CB   sing N N 17  
ARG CA  HA   sing N N 18  
ARG C   O    doub N N 19  
ARG C   OXT  sing N N 20  
ARG CB  CG   sing N N 21  
ARG CB  HB2  sing N N 22  
ARG CB  HB3  sing N N 23  
ARG CG  CD   sing N N 24  
ARG CG  HG2  sing N N 25  
ARG CG  HG3  sing N N 26  
ARG CD  NE   sing N N 27  
ARG CD  HD2  sing N N 28  
ARG CD  HD3  sing N N 29  
ARG NE  CZ   sing N N 30  
ARG NE  HE   sing N N 31  
ARG CZ  NH1  sing N N 32  
ARG CZ  NH2  doub N N 33  
ARG NH1 HH11 sing N N 34  
ARG NH1 HH12 sing N N 35  
ARG NH2 HH21 sing N N 36  
ARG NH2 HH22 sing N N 37  
ARG OXT HXT  sing N N 38  
ASN N   CA   sing N N 39  
ASN N   H    sing N N 40  
ASN N   H2   sing N N 41  
ASN CA  C    sing N N 42  
ASN CA  CB   sing N N 43  
ASN CA  HA   sing N N 44  
ASN C   O    doub N N 45  
ASN C   OXT  sing N N 46  
ASN CB  CG   sing N N 47  
ASN CB  HB2  sing N N 48  
ASN CB  HB3  sing N N 49  
ASN CG  OD1  doub N N 50  
ASN CG  ND2  sing N N 51  
ASN ND2 HD21 sing N N 52  
ASN ND2 HD22 sing N N 53  
ASN OXT HXT  sing N N 54  
ASP N   CA   sing N N 55  
ASP N   H    sing N N 56  
ASP N   H2   sing N N 57  
ASP CA  C    sing N N 58  
ASP CA  CB   sing N N 59  
ASP CA  HA   sing N N 60  
ASP C   O    doub N N 61  
ASP C   OXT  sing N N 62  
ASP CB  CG   sing N N 63  
ASP CB  HB2  sing N N 64  
ASP CB  HB3  sing N N 65  
ASP CG  OD1  doub N N 66  
ASP CG  OD2  sing N N 67  
ASP OD2 HD2  sing N N 68  
ASP OXT HXT  sing N N 69  
CYS N   CA   sing N N 70  
CYS N   H    sing N N 71  
CYS N   H2   sing N N 72  
CYS CA  C    sing N N 73  
CYS CA  CB   sing N N 74  
CYS CA  HA   sing N N 75  
CYS C   O    doub N N 76  
CYS C   OXT  sing N N 77  
CYS CB  SG   sing N N 78  
CYS CB  HB2  sing N N 79  
CYS CB  HB3  sing N N 80  
CYS SG  HG   sing N N 81  
CYS OXT HXT  sing N N 82  
GLN N   CA   sing N N 83  
GLN N   H    sing N N 84  
GLN N   H2   sing N N 85  
GLN CA  C    sing N N 86  
GLN CA  CB   sing N N 87  
GLN CA  HA   sing N N 88  
GLN C   O    doub N N 89  
GLN C   OXT  sing N N 90  
GLN CB  CG   sing N N 91  
GLN CB  HB2  sing N N 92  
GLN CB  HB3  sing N N 93  
GLN CG  CD   sing N N 94  
GLN CG  HG2  sing N N 95  
GLN CG  HG3  sing N N 96  
GLN CD  OE1  doub N N 97  
GLN CD  NE2  sing N N 98  
GLN NE2 HE21 sing N N 99  
GLN NE2 HE22 sing N N 100 
GLN OXT HXT  sing N N 101 
GLU N   CA   sing N N 102 
GLU N   H    sing N N 103 
GLU N   H2   sing N N 104 
GLU CA  C    sing N N 105 
GLU CA  CB   sing N N 106 
GLU CA  HA   sing N N 107 
GLU C   O    doub N N 108 
GLU C   OXT  sing N N 109 
GLU CB  CG   sing N N 110 
GLU CB  HB2  sing N N 111 
GLU CB  HB3  sing N N 112 
GLU CG  CD   sing N N 113 
GLU CG  HG2  sing N N 114 
GLU CG  HG3  sing N N 115 
GLU CD  OE1  doub N N 116 
GLU CD  OE2  sing N N 117 
GLU OE2 HE2  sing N N 118 
GLU OXT HXT  sing N N 119 
GLY N   CA   sing N N 120 
GLY N   H    sing N N 121 
GLY N   H2   sing N N 122 
GLY CA  C    sing N N 123 
GLY CA  HA2  sing N N 124 
GLY CA  HA3  sing N N 125 
GLY C   O    doub N N 126 
GLY C   OXT  sing N N 127 
GLY OXT HXT  sing N N 128 
HIS N   CA   sing N N 129 
HIS N   H    sing N N 130 
HIS N   H2   sing N N 131 
HIS CA  C    sing N N 132 
HIS CA  CB   sing N N 133 
HIS CA  HA   sing N N 134 
HIS C   O    doub N N 135 
HIS C   OXT  sing N N 136 
HIS CB  CG   sing N N 137 
HIS CB  HB2  sing N N 138 
HIS CB  HB3  sing N N 139 
HIS CG  ND1  sing Y N 140 
HIS CG  CD2  doub Y N 141 
HIS ND1 CE1  doub Y N 142 
HIS ND1 HD1  sing N N 143 
HIS CD2 NE2  sing Y N 144 
HIS CD2 HD2  sing N N 145 
HIS CE1 NE2  sing Y N 146 
HIS CE1 HE1  sing N N 147 
HIS NE2 HE2  sing N N 148 
HIS OXT HXT  sing N N 149 
HOH O   H1   sing N N 150 
HOH O   H2   sing N N 151 
ILE N   CA   sing N N 152 
ILE N   H    sing N N 153 
ILE N   H2   sing N N 154 
ILE CA  C    sing N N 155 
ILE CA  CB   sing N N 156 
ILE CA  HA   sing N N 157 
ILE C   O    doub N N 158 
ILE C   OXT  sing N N 159 
ILE CB  CG1  sing N N 160 
ILE CB  CG2  sing N N 161 
ILE CB  HB   sing N N 162 
ILE CG1 CD1  sing N N 163 
ILE CG1 HG12 sing N N 164 
ILE CG1 HG13 sing N N 165 
ILE CG2 HG21 sing N N 166 
ILE CG2 HG22 sing N N 167 
ILE CG2 HG23 sing N N 168 
ILE CD1 HD11 sing N N 169 
ILE CD1 HD12 sing N N 170 
ILE CD1 HD13 sing N N 171 
ILE OXT HXT  sing N N 172 
LEU N   CA   sing N N 173 
LEU N   H    sing N N 174 
LEU N   H2   sing N N 175 
LEU CA  C    sing N N 176 
LEU CA  CB   sing N N 177 
LEU CA  HA   sing N N 178 
LEU C   O    doub N N 179 
LEU C   OXT  sing N N 180 
LEU CB  CG   sing N N 181 
LEU CB  HB2  sing N N 182 
LEU CB  HB3  sing N N 183 
LEU CG  CD1  sing N N 184 
LEU CG  CD2  sing N N 185 
LEU CG  HG   sing N N 186 
LEU CD1 HD11 sing N N 187 
LEU CD1 HD12 sing N N 188 
LEU CD1 HD13 sing N N 189 
LEU CD2 HD21 sing N N 190 
LEU CD2 HD22 sing N N 191 
LEU CD2 HD23 sing N N 192 
LEU OXT HXT  sing N N 193 
LYS N   CA   sing N N 194 
LYS N   H    sing N N 195 
LYS N   H2   sing N N 196 
LYS CA  C    sing N N 197 
LYS CA  CB   sing N N 198 
LYS CA  HA   sing N N 199 
LYS C   O    doub N N 200 
LYS C   OXT  sing N N 201 
LYS CB  CG   sing N N 202 
LYS CB  HB2  sing N N 203 
LYS CB  HB3  sing N N 204 
LYS CG  CD   sing N N 205 
LYS CG  HG2  sing N N 206 
LYS CG  HG3  sing N N 207 
LYS CD  CE   sing N N 208 
LYS CD  HD2  sing N N 209 
LYS CD  HD3  sing N N 210 
LYS CE  NZ   sing N N 211 
LYS CE  HE2  sing N N 212 
LYS CE  HE3  sing N N 213 
LYS NZ  HZ1  sing N N 214 
LYS NZ  HZ2  sing N N 215 
LYS NZ  HZ3  sing N N 216 
LYS OXT HXT  sing N N 217 
MET N   CA   sing N N 218 
MET N   H    sing N N 219 
MET N   H2   sing N N 220 
MET CA  C    sing N N 221 
MET CA  CB   sing N N 222 
MET CA  HA   sing N N 223 
MET C   O    doub N N 224 
MET C   OXT  sing N N 225 
MET CB  CG   sing N N 226 
MET CB  HB2  sing N N 227 
MET CB  HB3  sing N N 228 
MET CG  SD   sing N N 229 
MET CG  HG2  sing N N 230 
MET CG  HG3  sing N N 231 
MET SD  CE   sing N N 232 
MET CE  HE1  sing N N 233 
MET CE  HE2  sing N N 234 
MET CE  HE3  sing N N 235 
MET OXT HXT  sing N N 236 
PHE N   CA   sing N N 237 
PHE N   H    sing N N 238 
PHE N   H2   sing N N 239 
PHE CA  C    sing N N 240 
PHE CA  CB   sing N N 241 
PHE CA  HA   sing N N 242 
PHE C   O    doub N N 243 
PHE C   OXT  sing N N 244 
PHE CB  CG   sing N N 245 
PHE CB  HB2  sing N N 246 
PHE CB  HB3  sing N N 247 
PHE CG  CD1  doub Y N 248 
PHE CG  CD2  sing Y N 249 
PHE CD1 CE1  sing Y N 250 
PHE CD1 HD1  sing N N 251 
PHE CD2 CE2  doub Y N 252 
PHE CD2 HD2  sing N N 253 
PHE CE1 CZ   doub Y N 254 
PHE CE1 HE1  sing N N 255 
PHE CE2 CZ   sing Y N 256 
PHE CE2 HE2  sing N N 257 
PHE CZ  HZ   sing N N 258 
PHE OXT HXT  sing N N 259 
PRO N   CA   sing N N 260 
PRO N   CD   sing N N 261 
PRO N   H    sing N N 262 
PRO CA  C    sing N N 263 
PRO CA  CB   sing N N 264 
PRO CA  HA   sing N N 265 
PRO C   O    doub N N 266 
PRO C   OXT  sing N N 267 
PRO CB  CG   sing N N 268 
PRO CB  HB2  sing N N 269 
PRO CB  HB3  sing N N 270 
PRO CG  CD   sing N N 271 
PRO CG  HG2  sing N N 272 
PRO CG  HG3  sing N N 273 
PRO CD  HD2  sing N N 274 
PRO CD  HD3  sing N N 275 
PRO OXT HXT  sing N N 276 
THR N   CA   sing N N 277 
THR N   H    sing N N 278 
THR N   H2   sing N N 279 
THR CA  C    sing N N 280 
THR CA  CB   sing N N 281 
THR CA  HA   sing N N 282 
THR C   O    doub N N 283 
THR C   OXT  sing N N 284 
THR CB  OG1  sing N N 285 
THR CB  CG2  sing N N 286 
THR CB  HB   sing N N 287 
THR OG1 HG1  sing N N 288 
THR CG2 HG21 sing N N 289 
THR CG2 HG22 sing N N 290 
THR CG2 HG23 sing N N 291 
THR OXT HXT  sing N N 292 
TRP N   CA   sing N N 293 
TRP N   H    sing N N 294 
TRP N   H2   sing N N 295 
TRP CA  C    sing N N 296 
TRP CA  CB   sing N N 297 
TRP CA  HA   sing N N 298 
TRP C   O    doub N N 299 
TRP C   OXT  sing N N 300 
TRP CB  CG   sing N N 301 
TRP CB  HB2  sing N N 302 
TRP CB  HB3  sing N N 303 
TRP CG  CD1  doub Y N 304 
TRP CG  CD2  sing Y N 305 
TRP CD1 NE1  sing Y N 306 
TRP CD1 HD1  sing N N 307 
TRP CD2 CE2  doub Y N 308 
TRP CD2 CE3  sing Y N 309 
TRP NE1 CE2  sing Y N 310 
TRP NE1 HE1  sing N N 311 
TRP CE2 CZ2  sing Y N 312 
TRP CE3 CZ3  doub Y N 313 
TRP CE3 HE3  sing N N 314 
TRP CZ2 CH2  doub Y N 315 
TRP CZ2 HZ2  sing N N 316 
TRP CZ3 CH2  sing Y N 317 
TRP CZ3 HZ3  sing N N 318 
TRP CH2 HH2  sing N N 319 
TRP OXT HXT  sing N N 320 
TYR N   CA   sing N N 321 
TYR N   H    sing N N 322 
TYR N   H2   sing N N 323 
TYR CA  C    sing N N 324 
TYR CA  CB   sing N N 325 
TYR CA  HA   sing N N 326 
TYR C   O    doub N N 327 
TYR C   OXT  sing N N 328 
TYR CB  CG   sing N N 329 
TYR CB  HB2  sing N N 330 
TYR CB  HB3  sing N N 331 
TYR CG  CD1  doub Y N 332 
TYR CG  CD2  sing Y N 333 
TYR CD1 CE1  sing Y N 334 
TYR CD1 HD1  sing N N 335 
TYR CD2 CE2  doub Y N 336 
TYR CD2 HD2  sing N N 337 
TYR CE1 CZ   doub Y N 338 
TYR CE1 HE1  sing N N 339 
TYR CE2 CZ   sing Y N 340 
TYR CE2 HE2  sing N N 341 
TYR CZ  OH   sing N N 342 
TYR OH  HH   sing N N 343 
TYR OXT HXT  sing N N 344 
VAL N   CA   sing N N 345 
VAL N   H    sing N N 346 
VAL N   H2   sing N N 347 
VAL CA  C    sing N N 348 
VAL CA  CB   sing N N 349 
VAL CA  HA   sing N N 350 
VAL C   O    doub N N 351 
VAL C   OXT  sing N N 352 
VAL CB  CG1  sing N N 353 
VAL CB  CG2  sing N N 354 
VAL CB  HB   sing N N 355 
VAL CG1 HG11 sing N N 356 
VAL CG1 HG12 sing N N 357 
VAL CG1 HG13 sing N N 358 
VAL CG2 HG21 sing N N 359 
VAL CG2 HG22 sing N N 360 
VAL CG2 HG23 sing N N 361 
VAL OXT HXT  sing N N 362 
# 
_atom_sites.entry_id                    3OUC 
_atom_sites.fract_transf_matrix[1][1]   -0.00662553 
_atom_sites.fract_transf_matrix[1][2]   0.01797306 
_atom_sites.fract_transf_matrix[1][3]   -0.01090510 
_atom_sites.fract_transf_matrix[2][1]   -0.01107058 
_atom_sites.fract_transf_matrix[2][2]   0.00673716 
_atom_sites.fract_transf_matrix[2][3]   0.01782982 
_atom_sites.fract_transf_matrix[3][1]   0.00789393 
_atom_sites.fract_transf_matrix[3][2]   0.00478650 
_atom_sites.fract_transf_matrix[3][3]   0.00309274 
_atom_sites.fract_transf_vector[1]      0.418187 
_atom_sites.fract_transf_vector[2]      0.080030 
_atom_sites.fract_transf_vector[3]      0.000820 
# 
loop_
_atom_type.symbol 
C 
N 
O 
S 
# 
loop_
_atom_site.group_PDB 
_atom_site.id 
_atom_site.type_symbol 
_atom_site.label_atom_id 
_atom_site.label_alt_id 
_atom_site.label_comp_id 
_atom_site.label_asym_id 
_atom_site.label_entity_id 
_atom_site.label_seq_id 
_atom_site.pdbx_PDB_ins_code 
_atom_site.Cartn_x 
_atom_site.Cartn_y 
_atom_site.Cartn_z 
_atom_site.occupancy 
_atom_site.B_iso_or_equiv 
_atom_site.pdbx_formal_charge 
_atom_site.auth_seq_id 
_atom_site.auth_comp_id 
_atom_site.auth_asym_id 
_atom_site.auth_atom_id 
_atom_site.pdbx_PDB_model_num 
ATOM   1    N N   . PRO A 1 1  ? 11.166  6.415   -13.606 1.00 30.97 ? 1   PRO A N   1 
ATOM   2    C CA  . PRO A 1 1  ? 10.974  5.092   -14.202 1.00 30.82 ? 1   PRO A CA  1 
ATOM   3    C C   . PRO A 1 1  ? 9.506   4.644   -14.238 1.00 30.39 ? 1   PRO A C   1 
ATOM   4    O O   . PRO A 1 1  ? 8.652   5.251   -13.599 1.00 30.15 ? 1   PRO A O   1 
ATOM   5    C CB  . PRO A 1 1  ? 11.763  4.170   -13.258 1.00 31.77 ? 1   PRO A CB  1 
ATOM   6    C CG  . PRO A 1 1  ? 11.663  4.840   -11.901 1.00 31.79 ? 1   PRO A CG  1 
ATOM   7    C CD  . PRO A 1 1  ? 11.655  6.343   -12.210 1.00 30.57 ? 1   PRO A CD  1 
ATOM   8    N N   . GLN A 1 2  ? 9.225   3.589   -14.992 1.00 29.25 ? 2   GLN A N   1 
ATOM   9    C CA  . GLN A 1 2  ? 7.939   2.913   -14.895 1.00 29.03 ? 2   GLN A CA  1 
ATOM   10   C C   . GLN A 1 2  ? 8.200   1.606   -14.141 1.00 27.58 ? 2   GLN A C   1 
ATOM   11   O O   . GLN A 1 2  ? 9.099   0.862   -14.499 1.00 28.18 ? 2   GLN A O   1 
ATOM   12   C CB  . GLN A 1 2  ? 7.317   2.690   -16.286 1.00 29.29 ? 2   GLN A CB  1 
ATOM   13   C CG  . GLN A 1 2  ? 6.001   1.885   -16.254 1.00 32.32 ? 2   GLN A CG  1 
ATOM   14   C CD  . GLN A 1 2  ? 5.266   1.834   -17.581 1.00 35.95 ? 2   GLN A CD  1 
ATOM   15   O OE1 . GLN A 1 2  ? 5.436   0.897   -18.358 1.00 38.80 ? 2   GLN A OE1 1 
ATOM   16   N NE2 . GLN A 1 2  ? 4.439   2.836   -17.841 1.00 37.31 ? 2   GLN A NE2 1 
ATOM   17   N N   . ILE A 1 3  ? 7.461   1.382   -13.055 1.00 26.06 ? 3   ILE A N   1 
ATOM   18   C CA  . ILE A 1 3  ? 7.643   0.234   -12.164 1.00 23.19 ? 3   ILE A CA  1 
ATOM   19   C C   . ILE A 1 3  ? 6.381   -0.621  -12.247 1.00 22.87 ? 3   ILE A C   1 
ATOM   20   O O   . ILE A 1 3  ? 5.281   -0.168  -11.875 1.00 19.92 ? 3   ILE A O   1 
ATOM   21   C CB  . ILE A 1 3  ? 7.960   0.679   -10.685 1.00 23.26 ? 3   ILE A CB  1 
ATOM   22   C CG1 . ILE A 1 3  ? 9.292   1.457   -10.616 1.00 22.58 ? 3   ILE A CG1 1 
ATOM   23   C CG2 . ILE A 1 3  ? 8.017   -0.534  -9.689  1.00 22.65 ? 3   ILE A CG2 1 
ATOM   24   C CD1 . ILE A 1 3  ? 9.657   1.979   -9.250  1.00 24.13 ? 3   ILE A CD1 1 
ATOM   25   N N   . THR A 1 4  ? 6.534   -1.839  -12.787 1.00 22.42 ? 4   THR A N   1 
ATOM   26   C CA  . THR A 1 4  ? 5.439   -2.819  -12.812 1.00 21.69 ? 4   THR A CA  1 
ATOM   27   C C   . THR A 1 4  ? 5.295   -3.467  -11.430 1.00 21.12 ? 4   THR A C   1 
ATOM   28   O O   . THR A 1 4  ? 6.197   -3.386  -10.586 1.00 21.64 ? 4   THR A O   1 
ATOM   29   C CB  . THR A 1 4  ? 5.605   -3.937  -13.916 1.00 21.24 ? 4   THR A CB  1 
ATOM   30   O OG1 . THR A 1 4  ? 6.823   -4.655  -13.712 1.00 22.24 ? 4   THR A OG1 1 
ATOM   31   C CG2 . THR A 1 4  ? 5.583   -3.383  -15.318 1.00 24.05 ? 4   THR A CG2 1 
ATOM   32   N N   . LEU A 1 5  ? 4.154   -4.109  -11.193 1.00 20.17 ? 5   LEU A N   1 
ATOM   33   C CA  . LEU A 1 5  ? 3.808   -4.550  -9.845  1.00 19.24 ? 5   LEU A CA  1 
ATOM   34   C C   . LEU A 1 5  ? 3.781   -6.067  -9.651  1.00 18.43 ? 5   LEU A C   1 
ATOM   35   O O   . LEU A 1 5  ? 3.118   -6.564  -8.738  1.00 17.67 ? 5   LEU A O   1 
ATOM   36   C CB  . LEU A 1 5  ? 2.481   -3.879  -9.426  1.00 18.90 ? 5   LEU A CB  1 
ATOM   37   C CG  . LEU A 1 5  ? 2.630   -2.346  -9.387  1.00 18.36 ? 5   LEU A CG  1 
ATOM   38   C CD1 . LEU A 1 5  ? 1.278   -1.683  -9.310  1.00 18.39 ? 5   LEU A CD1 1 
ATOM   39   C CD2 . LEU A 1 5  ? 3.484   -1.954  -8.159  1.00 16.47 ? 5   LEU A CD2 1 
ATOM   40   N N   . TRP A 1 6  ? 4.536   -6.799  -10.487 1.00 18.49 ? 6   TRP A N   1 
ATOM   41   C CA  . TRP A 1 6  ? 4.610   -8.250  -10.366 1.00 18.70 ? 6   TRP A CA  1 
ATOM   42   C C   . TRP A 1 6  ? 5.430   -8.595  -9.127  1.00 19.22 ? 6   TRP A C   1 
ATOM   43   O O   . TRP A 1 6  ? 5.177   -9.599  -8.486  1.00 19.72 ? 6   TRP A O   1 
ATOM   44   C CB  . TRP A 1 6  ? 5.280   -8.865  -11.603 1.00 18.80 ? 6   TRP A CB  1 
ATOM   45   C CG  . TRP A 1 6  ? 4.574   -8.539  -12.869 1.00 19.31 ? 6   TRP A CG  1 
ATOM   46   C CD1 . TRP A 1 6  ? 4.873   -7.556  -13.720 1.00 17.08 ? 6   TRP A CD1 1 
ATOM   47   C CD2 . TRP A 1 6  ? 3.450   -9.235  -13.418 1.00 20.83 ? 6   TRP A CD2 1 
ATOM   48   N NE1 . TRP A 1 6  ? 4.018   -7.584  -14.801 1.00 22.07 ? 6   TRP A NE1 1 
ATOM   49   C CE2 . TRP A 1 6  ? 3.147   -8.626  -14.643 1.00 23.10 ? 6   TRP A CE2 1 
ATOM   50   C CE3 . TRP A 1 6  ? 2.703   -10.342 -13.009 1.00 24.31 ? 6   TRP A CE3 1 
ATOM   51   C CZ2 . TRP A 1 6  ? 2.081   -9.045  -15.446 1.00 23.40 ? 6   TRP A CZ2 1 
ATOM   52   C CZ3 . TRP A 1 6  ? 1.644   -10.773 -13.818 1.00 24.52 ? 6   TRP A CZ3 1 
ATOM   53   C CH2 . TRP A 1 6  ? 1.355   -10.125 -15.013 1.00 24.27 ? 6   TRP A CH2 1 
ATOM   54   N N   . GLN A 1 7  ? 6.358   -7.699  -8.771  1.00 19.48 ? 7   GLN A N   1 
ATOM   55   C CA  . GLN A 1 7  ? 7.151   -7.767  -7.536  1.00 21.04 ? 7   GLN A CA  1 
ATOM   56   C C   . GLN A 1 7  ? 6.779   -6.587  -6.614  1.00 19.88 ? 7   GLN A C   1 
ATOM   57   O O   . GLN A 1 7  ? 6.194   -5.605  -7.074  1.00 19.39 ? 7   GLN A O   1 
ATOM   58   C CB  . GLN A 1 7  ? 8.638   -7.605  -7.894  1.00 21.34 ? 7   GLN A CB  1 
ATOM   59   C CG  . GLN A 1 7  ? 9.481   -8.861  -7.992  1.00 28.10 ? 7   GLN A CG  1 
ATOM   60   C CD  . GLN A 1 7  ? 8.734   -10.134 -8.363  1.00 34.56 ? 7   GLN A CD  1 
ATOM   61   O OE1 . GLN A 1 7  ? 8.578   -11.041 -7.537  1.00 33.77 ? 7   GLN A OE1 1 
ATOM   62   N NE2 . GLN A 1 7  ? 8.307   -10.224 -9.612  1.00 39.41 ? 7   GLN A NE2 1 
ATOM   63   N N   . ARG A 1 8  ? 7.207   -6.655  -5.349  1.00 19.94 ? 8   ARG A N   1 
ATOM   64   C CA  . ARG A 1 8  ? 6.994   -5.560  -4.390  1.00 19.42 ? 8   ARG A CA  1 
ATOM   65   C C   . ARG A 1 8  ? 7.827   -4.367  -4.857  1.00 18.46 ? 8   ARG A C   1 
ATOM   66   O O   . ARG A 1 8  ? 8.985   -4.573  -5.260  1.00 17.54 ? 8   ARG A O   1 
ATOM   67   C CB  . ARG A 1 8  ? 7.415   -6.006  -2.982  1.00 20.36 ? 8   ARG A CB  1 
ATOM   68   C CG  . ARG A 1 8  ? 6.533   -7.080  -2.391  1.00 21.93 ? 8   ARG A CG  1 
ATOM   69   C CD  . ARG A 1 8  ? 6.968   -7.460  -1.002  1.00 27.78 ? 8   ARG A CD  1 
ATOM   70   N NE  . ARG A 1 8  ? 6.062   -8.454  -0.382  1.00 33.24 ? 8   ARG A NE  1 
ATOM   71   C CZ  . ARG A 1 8  ? 6.344   -9.142  0.736   1.00 37.06 ? 8   ARG A CZ  1 
ATOM   72   N NH1 . ARG A 1 8  ? 7.511   -8.955  1.364   1.00 36.49 ? 8   ARG A NH1 1 
ATOM   73   N NH2 . ARG A 1 8  ? 5.465   -10.021 1.235   1.00 35.66 ? 8   ARG A NH2 1 
ATOM   74   N N   . PRO A 1 9  ? 7.223   -3.138  -4.915  1.00 18.44 ? 9   PRO A N   1 
ATOM   75   C CA  . PRO A 1 9  ? 7.947   -1.986  -5.457  1.00 19.21 ? 9   PRO A CA  1 
ATOM   76   C C   . PRO A 1 9  ? 8.960   -1.384  -4.470  1.00 20.69 ? 9   PRO A C   1 
ATOM   77   O O   . PRO A 1 9  ? 8.720   -0.323  -3.854  1.00 21.01 ? 9   PRO A O   1 
ATOM   78   C CB  . PRO A 1 9  ? 6.829   -1.008  -5.864  1.00 19.10 ? 9   PRO A CB  1 
ATOM   79   C CG  . PRO A 1 9  ? 5.720   -1.313  -4.875  1.00 18.02 ? 9   PRO A CG  1 
ATOM   80   C CD  . PRO A 1 9  ? 5.824   -2.793  -4.559  1.00 18.13 ? 9   PRO A CD  1 
ATOM   81   N N   . ILE A 1 10 ? 10.091  -2.085  -4.339  1.00 21.18 ? 10  ILE A N   1 
ATOM   82   C CA  . ILE A 1 10 ? 11.152  -1.705  -3.408  1.00 22.52 ? 10  ILE A CA  1 
ATOM   83   C C   . ILE A 1 10 ? 12.190  -0.896  -4.138  1.00 22.89 ? 10  ILE A C   1 
ATOM   84   O O   . ILE A 1 10 ? 12.623  -1.250  -5.250  1.00 22.72 ? 10  ILE A O   1 
ATOM   85   C CB  . ILE A 1 10 ? 11.730  -2.919  -2.635  1.00 22.29 ? 10  ILE A CB  1 
ATOM   86   C CG1 . ILE A 1 10 ? 10.658  -3.448  -1.676  1.00 24.27 ? 10  ILE A CG1 1 
ATOM   87   C CG2 . ILE A 1 10 ? 12.978  -2.522  -1.782  1.00 25.53 ? 10  ILE A CG2 1 
ATOM   88   C CD1 . ILE A 1 10 ? 10.737  -4.893  -1.386  1.00 28.61 ? 10  ILE A CD1 1 
ATOM   89   N N   . VAL A 1 11 ? 12.523  0.241   -3.538  1.00 22.10 ? 11  VAL A N   1 
ATOM   90   C CA  . VAL A 1 11 ? 13.456  1.171   -4.104  1.00 22.53 ? 11  VAL A CA  1 
ATOM   91   C C   . VAL A 1 11 ? 14.485  1.596   -3.051  1.00 24.12 ? 11  VAL A C   1 
ATOM   92   O O   . VAL A 1 11 ? 14.230  1.498   -1.849  1.00 23.70 ? 11  VAL A O   1 
ATOM   93   C CB  . VAL A 1 11 ? 12.759  2.448   -4.684  1.00 23.08 ? 11  VAL A CB  1 
ATOM   94   C CG1 . VAL A 1 11 ? 11.837  2.092   -5.906  1.00 22.85 ? 11  VAL A CG1 1 
ATOM   95   C CG2 . VAL A 1 11 ? 12.036  3.287   -3.592  1.00 21.51 ? 11  VAL A CG2 1 
ATOM   96   N N   . THR A 1 12 ? 15.626  2.083   -3.546  1.00 24.77 ? 12  THR A N   1 
ATOM   97   C CA  . THR A 1 12 ? 16.685  2.690   -2.747  1.00 25.87 ? 12  THR A CA  1 
ATOM   98   C C   . THR A 1 12 ? 16.396  4.153   -2.435  1.00 25.75 ? 12  THR A C   1 
ATOM   99   O O   . THR A 1 12 ? 15.935  4.920   -3.281  1.00 26.33 ? 12  THR A O   1 
ATOM   100  C CB  . THR A 1 12 ? 18.047  2.550   -3.502  1.00 26.06 ? 12  THR A CB  1 
ATOM   101  O OG1 . THR A 1 12 ? 18.256  1.164   -3.775  1.00 27.64 ? 12  THR A OG1 1 
ATOM   102  C CG2 . THR A 1 12 ? 19.215  3.051   -2.664  1.00 27.69 ? 12  THR A CG2 1 
ATOM   103  N N   . ILE A 1 13 ? 16.658  4.519   -1.195  1.00 25.76 ? 13  ILE A N   1 
ATOM   104  C CA  . ILE A 1 13 ? 16.456  5.868   -0.700  1.00 27.15 ? 13  ILE A CA  1 
ATOM   105  C C   . ILE A 1 13 ? 17.750  6.290   0.024   1.00 27.93 ? 13  ILE A C   1 
ATOM   106  O O   . ILE A 1 13 ? 18.452  5.445   0.611   1.00 28.00 ? 13  ILE A O   1 
ATOM   107  C CB  . ILE A 1 13 ? 15.212  5.957   0.257   1.00 27.01 ? 13  ILE A CB  1 
ATOM   108  C CG1 . ILE A 1 13 ? 15.432  5.164   1.560   1.00 27.54 ? 13  ILE A CG1 1 
ATOM   109  C CG2 . ILE A 1 13 ? 13.914  5.499   -0.474  1.00 26.33 ? 13  ILE A CG2 1 
ATOM   110  C CD1 . ILE A 1 13 ? 14.457  5.469   2.668   1.00 27.68 ? 13  ILE A CD1 1 
ATOM   111  N N   . LYS A 1 14 ? 18.064  7.579   -0.022  1.00 28.65 ? 14  LYS A N   1 
ATOM   112  C CA  . LYS A 1 14 ? 19.105  8.143   0.848   1.00 29.01 ? 14  LYS A CA  1 
ATOM   113  C C   . LYS A 1 14 ? 18.448  8.997   1.907   1.00 28.73 ? 14  LYS A C   1 
ATOM   114  O O   . LYS A 1 14 ? 17.682  9.905   1.582   1.00 27.86 ? 14  LYS A O   1 
ATOM   115  C CB  . LYS A 1 14 ? 20.062  9.028   0.058   1.00 29.85 ? 14  LYS A CB  1 
ATOM   116  C CG  . LYS A 1 14 ? 21.171  8.301   -0.625  1.00 31.54 ? 14  LYS A CG  1 
ATOM   117  C CD  . LYS A 1 14 ? 21.901  9.215   -1.581  1.00 32.32 ? 14  LYS A CD  1 
ATOM   118  C CE  . LYS A 1 14 ? 23.204  8.564   -2.006  1.00 35.91 ? 14  LYS A CE  1 
ATOM   119  N NZ  . LYS A 1 14 ? 23.795  9.247   -3.182  1.00 35.51 ? 14  LYS A NZ  1 
ATOM   120  N N   . ILE A 1 15 ? 18.761  8.743   3.171   1.00 28.27 ? 15  ILE A N   1 
ATOM   121  C CA  . ILE A 1 15 ? 18.103  9.472   4.253   1.00 29.38 ? 15  ILE A CA  1 
ATOM   122  C C   . ILE A 1 15 ? 19.078  9.614   5.432   1.00 30.76 ? 15  ILE A C   1 
ATOM   123  O O   . ILE A 1 15 ? 19.712  8.642   5.814   1.00 30.52 ? 15  ILE A O   1 
ATOM   124  C CB  . ILE A 1 15 ? 16.771  8.766   4.689   1.00 29.32 ? 15  ILE A CB  1 
ATOM   125  C CG1 . ILE A 1 15 ? 16.111  9.457   5.884   1.00 30.26 ? 15  ILE A CG1 1 
ATOM   126  C CG2 . ILE A 1 15 ? 16.975  7.270   4.987   1.00 27.93 ? 15  ILE A CG2 1 
ATOM   127  C CD1 . ILE A 1 15 ? 15.404  10.727  5.557   1.00 27.85 ? 15  ILE A CD1 1 
ATOM   128  N N   . GLY A 1 16 ? 19.202  10.838  5.951   1.00 32.01 ? 16  GLY A N   1 
ATOM   129  C CA  . GLY A 1 16 ? 20.063  11.149  7.088   1.00 34.36 ? 16  GLY A CA  1 
ATOM   130  C C   . GLY A 1 16 ? 21.468  10.596  6.981   1.00 35.17 ? 16  GLY A C   1 
ATOM   131  O O   . GLY A 1 16 ? 21.985  10.075  7.955   1.00 36.22 ? 16  GLY A O   1 
ATOM   132  N N   . GLY A 1 17 ? 22.060  10.688  5.793   1.00 36.33 ? 17  GLY A N   1 
ATOM   133  C CA  . GLY A 1 17 ? 23.391  10.141  5.517   1.00 37.42 ? 17  GLY A CA  1 
ATOM   134  C C   . GLY A 1 17 ? 23.489  8.647   5.197   1.00 38.32 ? 17  GLY A C   1 
ATOM   135  O O   . GLY A 1 17 ? 24.594  8.123   4.976   1.00 38.27 ? 17  GLY A O   1 
ATOM   136  N N   . GLN A 1 18 ? 22.355  7.946   5.166   1.00 37.94 ? 18  GLN A N   1 
ATOM   137  C CA  . GLN A 1 18 ? 22.370  6.479   5.028   1.00 38.36 ? 18  GLN A CA  1 
ATOM   138  C C   . GLN A 1 18 ? 21.679  6.010   3.740   1.00 37.62 ? 18  GLN A C   1 
ATOM   139  O O   . GLN A 1 18 ? 20.809  6.696   3.226   1.00 36.98 ? 18  GLN A O   1 
ATOM   140  C CB  . GLN A 1 18 ? 21.717  5.840   6.258   1.00 39.02 ? 18  GLN A CB  1 
ATOM   141  C CG  . GLN A 1 18 ? 22.462  6.142   7.580   1.00 42.49 ? 18  GLN A CG  1 
ATOM   142  C CD  . GLN A 1 18 ? 21.621  5.854   8.828   1.00 46.73 ? 18  GLN A CD  1 
ATOM   143  O OE1 . GLN A 1 18 ? 21.476  4.698   9.249   1.00 49.22 ? 18  GLN A OE1 1 
ATOM   144  N NE2 . GLN A 1 18 ? 21.085  6.913   9.440   1.00 48.03 ? 18  GLN A NE2 1 
ATOM   145  N N   . LEU A 1 19 ? 22.090  4.866   3.202   1.00 36.97 ? 19  LEU A N   1 
ATOM   146  C CA  . LEU A 1 19 ? 21.366  4.256   2.082   1.00 36.99 ? 19  LEU A CA  1 
ATOM   147  C C   . LEU A 1 19 ? 20.456  3.162   2.617   1.00 36.03 ? 19  LEU A C   1 
ATOM   148  O O   . LEU A 1 19 ? 20.918  2.293   3.363   1.00 36.24 ? 19  LEU A O   1 
ATOM   149  C CB  . LEU A 1 19 ? 22.321  3.662   1.047   1.00 37.59 ? 19  LEU A CB  1 
ATOM   150  C CG  . LEU A 1 19 ? 22.916  4.539   -0.051  1.00 39.65 ? 19  LEU A CG  1 
ATOM   151  C CD1 . LEU A 1 19 ? 24.094  3.805   -0.704  1.00 40.83 ? 19  LEU A CD1 1 
ATOM   152  C CD2 . LEU A 1 19 ? 21.867  4.880   -1.093  1.00 40.76 ? 19  LEU A CD2 1 
ATOM   153  N N   . LYS A 1 20 ? 19.168  3.220   2.272   1.00 34.42 ? 20  LYS A N   1 
ATOM   154  C CA  . LYS A 1 20 ? 18.190  2.236   2.753   1.00 32.63 ? 20  LYS A CA  1 
ATOM   155  C C   . LYS A 1 20 ? 17.297  1.734   1.615   1.00 31.60 ? 20  LYS A C   1 
ATOM   156  O O   . LYS A 1 20 ? 17.391  2.236   0.505   1.00 31.56 ? 20  LYS A O   1 
ATOM   157  C CB  . LYS A 1 20 ? 17.354  2.808   3.900   1.00 32.87 ? 20  LYS A CB  1 
ATOM   158  C CG  . LYS A 1 20 ? 18.180  3.306   5.062   1.00 33.62 ? 20  LYS A CG  1 
ATOM   159  C CD  . LYS A 1 20 ? 17.508  3.079   6.389   1.00 36.28 ? 20  LYS A CD  1 
ATOM   160  C CE  . LYS A 1 20 ? 18.496  3.287   7.561   1.00 38.45 ? 20  LYS A CE  1 
ATOM   161  N NZ  . LYS A 1 20 ? 19.445  2.124   7.732   1.00 39.40 ? 20  LYS A NZ  1 
ATOM   162  N N   . GLU A 1 21 ? 16.476  0.723   1.900   1.00 29.98 ? 21  GLU A N   1 
ATOM   163  C CA  . GLU A 1 21 ? 15.502  0.165   0.962   1.00 29.03 ? 21  GLU A CA  1 
ATOM   164  C C   . GLU A 1 21 ? 14.157  0.442   1.584   1.00 26.61 ? 21  GLU A C   1 
ATOM   165  O O   . GLU A 1 21 ? 14.011  0.346   2.801   1.00 26.11 ? 21  GLU A O   1 
ATOM   166  C CB  . GLU A 1 21 ? 15.618  -1.366  0.821   1.00 30.16 ? 21  GLU A CB  1 
ATOM   167  C CG  . GLU A 1 21 ? 17.001  -1.931  0.576   1.00 34.18 ? 21  GLU A CG  1 
ATOM   168  C CD  . GLU A 1 21 ? 17.417  -1.775  -0.862  1.00 42.03 ? 21  GLU A CD  1 
ATOM   169  O OE1 . GLU A 1 21 ? 17.018  -2.637  -1.690  1.00 44.16 ? 21  GLU A OE1 1 
ATOM   170  O OE2 . GLU A 1 21 ? 18.140  -0.791  -1.166  1.00 45.88 ? 21  GLU A OE2 1 
ATOM   171  N N   . ALA A 1 22 ? 13.177  0.772   0.750   1.00 23.97 ? 22  ALA A N   1 
ATOM   172  C CA  . ALA A 1 22 ? 11.825  1.022   1.219   1.00 21.83 ? 22  ALA A CA  1 
ATOM   173  C C   . ALA A 1 22 ? 10.798  0.701   0.118   1.00 20.54 ? 22  ALA A C   1 
ATOM   174  O O   . ALA A 1 22 ? 11.103  0.763   -1.057  1.00 19.98 ? 22  ALA A O   1 
ATOM   175  C CB  . ALA A 1 22 ? 11.686  2.498   1.691   1.00 20.97 ? 22  ALA A CB  1 
ATOM   176  N N   . LEU A 1 23 ? 9.576   0.397   0.549   1.00 20.24 ? 23  LEU A N   1 
ATOM   177  C CA  . LEU A 1 23 ? 8.462   -0.005  -0.296  1.00 19.40 ? 23  LEU A CA  1 
ATOM   178  C C   . LEU A 1 23 ? 7.618   1.231   -0.696  1.00 19.13 ? 23  LEU A C   1 
ATOM   179  O O   . LEU A 1 23 ? 7.157   1.965   0.185   1.00 19.62 ? 23  LEU A O   1 
ATOM   180  C CB  . LEU A 1 23 ? 7.576   -0.948  0.513   1.00 19.28 ? 23  LEU A CB  1 
ATOM   181  C CG  . LEU A 1 23 ? 6.279   -1.477  -0.084  1.00 20.48 ? 23  LEU A CG  1 
ATOM   182  C CD1 . LEU A 1 23 ? 6.630   -2.411  -1.223  1.00 21.10 ? 23  LEU A CD1 1 
ATOM   183  C CD2 . LEU A 1 23 ? 5.441   -2.191  0.980   1.00 21.57 ? 23  LEU A CD2 1 
ATOM   184  N N   . LEU A 1 24 ? 7.366   1.399   -1.999  1.00 19.19 ? 24  LEU A N   1 
ATOM   185  C CA  . LEU A 1 24 ? 6.437   2.421   -2.498  1.00 18.98 ? 24  LEU A CA  1 
ATOM   186  C C   . LEU A 1 24 ? 5.036   1.904   -2.240  1.00 18.76 ? 24  LEU A C   1 
ATOM   187  O O   . LEU A 1 24 ? 4.558   0.962   -2.923  1.00 19.35 ? 24  LEU A O   1 
ATOM   188  C CB  . LEU A 1 24 ? 6.641   2.739   -3.980  1.00 20.03 ? 24  LEU A CB  1 
ATOM   189  C CG  . LEU A 1 24 ? 8.047   3.168   -4.414  1.00 19.72 ? 24  LEU A CG  1 
ATOM   190  C CD1 . LEU A 1 24 ? 8.126   3.264   -5.924  1.00 19.16 ? 24  LEU A CD1 1 
ATOM   191  C CD2 . LEU A 1 24 ? 8.445   4.508   -3.764  1.00 21.24 ? 24  LEU A CD2 1 
ATOM   192  N N   . ASN A 1 25 ? 4.420   2.497   -1.223  1.00 16.63 ? 25  ASN A N   1 
ATOM   193  C CA  . ASN A 1 25 ? 3.154   2.053   -0.648  1.00 17.39 ? 25  ASN A CA  1 
ATOM   194  C C   . ASN A 1 25 ? 1.982   3.065   -0.778  1.00 16.60 ? 25  ASN A C   1 
ATOM   195  O O   . ASN A 1 25 ? 1.786   3.959   0.048   1.00 17.25 ? 25  ASN A O   1 
ATOM   196  C CB  . ASN A 1 25 ? 3.372   1.568   0.803   1.00 16.01 ? 25  ASN A CB  1 
ATOM   197  C CG  . ASN A 1 25 ? 2.190   0.782   1.339   1.00 17.81 ? 25  ASN A CG  1 
ATOM   198  O OD1 . ASN A 1 25 ? 1.116   0.804   0.765   1.00 17.44 ? 25  ASN A OD1 1 
ATOM   199  N ND2 . ASN A 1 25 ? 2.383   0.112   2.467   1.00 18.08 ? 25  ASN A ND2 1 
ATOM   200  N N   . THR A 1 26 ? 1.208   2.922   -1.848  1.00 16.49 ? 26  THR A N   1 
ATOM   201  C CA  . THR A 1 26 ? 0.100   3.819   -2.124  1.00 16.98 ? 26  THR A CA  1 
ATOM   202  C C   . THR A 1 26 ? -1.062  3.617   -1.128  1.00 17.53 ? 26  THR A C   1 
ATOM   203  O O   . THR A 1 26 ? -1.954  4.459   -1.067  1.00 18.50 ? 26  THR A O   1 
ATOM   204  C CB  . THR A 1 26 ? -0.445  3.634   -3.590  1.00 16.32 ? 26  THR A CB  1 
ATOM   205  O OG1 . THR A 1 26 ? -0.936  2.301   -3.750  1.00 17.22 ? 26  THR A OG1 1 
ATOM   206  C CG2 . THR A 1 26 ? 0.646   3.935   -4.663  1.00 15.90 ? 26  THR A CG2 1 
ATOM   207  N N   . GLY A 1 27 ? -1.061  2.491   -0.393  1.00 17.23 ? 27  GLY A N   1 
ATOM   208  C CA  . GLY A 1 27 ? -2.014  2.250   0.679   1.00 18.14 ? 27  GLY A CA  1 
ATOM   209  C C   . GLY A 1 27 ? -1.625  2.913   1.996   1.00 19.28 ? 27  GLY A C   1 
ATOM   210  O O   . GLY A 1 27 ? -2.399  2.902   2.948   1.00 19.68 ? 27  GLY A O   1 
ATOM   211  N N   . ALA A 1 28 ? -0.453  3.541   2.034   1.00 18.25 ? 28  ALA A N   1 
ATOM   212  C CA  . ALA A 1 28 ? 0.035   4.219   3.237   1.00 19.05 ? 28  ALA A CA  1 
ATOM   213  C C   . ALA A 1 28 ? -0.067  5.733   3.108   1.00 19.12 ? 28  ALA A C   1 
ATOM   214  O O   . ALA A 1 28 ? 0.420   6.318   2.120   1.00 19.24 ? 28  ALA A O   1 
ATOM   215  C CB  . ALA A 1 28 ? 1.490   3.836   3.475   1.00 17.90 ? 28  ALA A CB  1 
ATOM   216  N N   . ASP A 1 29 ? -0.673  6.384   4.098   1.00 18.79 ? 29  ASP A N   1 
ATOM   217  C CA  . ASP A 1 29 ? -0.728  7.858   4.100   1.00 20.17 ? 29  ASP A CA  1 
ATOM   218  C C   . ASP A 1 29 ? 0.654   8.463   4.304   1.00 19.76 ? 29  ASP A C   1 
ATOM   219  O O   . ASP A 1 29 ? 1.016   9.451   3.657   1.00 18.45 ? 29  ASP A O   1 
ATOM   220  C CB  . ASP A 1 29 ? -1.662  8.412   5.170   1.00 21.04 ? 29  ASP A CB  1 
ATOM   221  C CG  . ASP A 1 29 ? -3.112  7.956   5.005   1.00 23.29 ? 29  ASP A CG  1 
ATOM   222  O OD1 . ASP A 1 29 ? -3.840  8.022   6.014   1.00 26.56 ? 29  ASP A OD1 1 
ATOM   223  O OD2 . ASP A 1 29 ? -3.537  7.542   3.896   1.00 23.79 ? 29  ASP A OD2 1 
ATOM   224  N N   . ASP A 1 30 ? 1.424   7.850   5.201   1.00 19.51 ? 30  ASP A N   1 
ATOM   225  C CA  . ASP A 1 30 ? 2.633   8.464   5.723   1.00 20.74 ? 30  ASP A CA  1 
ATOM   226  C C   . ASP A 1 30 ? 3.816   7.574   5.450   1.00 20.44 ? 30  ASP A C   1 
ATOM   227  O O   . ASP A 1 30 ? 3.661   6.390   5.120   1.00 21.50 ? 30  ASP A O   1 
ATOM   228  C CB  . ASP A 1 30 ? 2.526   8.667   7.248   1.00 21.14 ? 30  ASP A CB  1 
ATOM   229  C CG  . ASP A 1 30 ? 1.270   9.441   7.666   1.00 24.48 ? 30  ASP A CG  1 
ATOM   230  O OD1 . ASP A 1 30 ? 0.548   8.962   8.575   1.00 28.70 ? 30  ASP A OD1 1 
ATOM   231  O OD2 . ASP A 1 30 ? 1.019   10.521  7.096   1.00 29.62 ? 30  ASP A OD2 1 
ATOM   232  N N   . THR A 1 31 ? 4.996   8.152   5.598   1.00 19.84 ? 31  THR A N   1 
ATOM   233  C CA  . THR A 1 31 ? 6.241   7.476   5.339   1.00 19.27 ? 31  THR A CA  1 
ATOM   234  C C   . THR A 1 31 ? 6.809   7.107   6.696   1.00 20.17 ? 31  THR A C   1 
ATOM   235  O O   . THR A 1 31 ? 6.993   7.965   7.552   1.00 19.75 ? 31  THR A O   1 
ATOM   236  C CB  . THR A 1 31 ? 7.231   8.396   4.552   1.00 20.23 ? 31  THR A CB  1 
ATOM   237  O OG1 . THR A 1 31 ? 6.769   8.557   3.201   1.00 18.16 ? 31  THR A OG1 1 
ATOM   238  C CG2 . THR A 1 31 ? 8.659   7.805   4.540   1.00 19.51 ? 31  THR A CG2 1 
ATOM   239  N N   . VAL A 1 32 ? 7.049   5.817   6.900   1.00 20.25 ? 32  VAL A N   1 
ATOM   240  C CA  . VAL A 1 32 ? 7.589   5.346   8.160   1.00 21.81 ? 32  VAL A CA  1 
ATOM   241  C C   . VAL A 1 32 ? 8.872   4.567   7.905   1.00 21.53 ? 32  VAL A C   1 
ATOM   242  O O   . VAL A 1 32 ? 8.891   3.607   7.127   1.00 20.69 ? 32  VAL A O   1 
ATOM   243  C CB  . VAL A 1 32 ? 6.585   4.443   8.941   1.00 21.42 ? 32  VAL A CB  1 
ATOM   244  C CG1 . VAL A 1 32 ? 7.154   4.074   10.321  1.00 24.65 ? 32  VAL A CG1 1 
ATOM   245  C CG2 . VAL A 1 32 ? 5.238   5.114   9.071   1.00 22.58 ? 32  VAL A CG2 1 
ATOM   246  N N   . LEU A 1 33 ? 9.926   4.966   8.594   1.00 22.55 ? 33  LEU A N   1 
ATOM   247  C CA  . LEU A 1 33 ? 11.242  4.386   8.410   1.00 24.79 ? 33  LEU A CA  1 
ATOM   248  C C   . LEU A 1 33 ? 11.822  3.989   9.763   1.00 26.67 ? 33  LEU A C   1 
ATOM   249  O O   . LEU A 1 33 ? 11.600  4.675   10.762  1.00 26.09 ? 33  LEU A O   1 
ATOM   250  C CB  . LEU A 1 33 ? 12.164  5.401   7.697   1.00 24.51 ? 33  LEU A CB  1 
ATOM   251  C CG  . LEU A 1 33 ? 11.777  5.942   6.304   1.00 24.93 ? 33  LEU A CG  1 
ATOM   252  C CD1 . LEU A 1 33 ? 12.794  6.957   5.796   1.00 23.98 ? 33  LEU A CD1 1 
ATOM   253  C CD2 . LEU A 1 33 ? 11.654  4.819   5.293   1.00 23.22 ? 33  LEU A CD2 1 
ATOM   254  N N   . GLU A 1 34 ? 12.555  2.876   9.804   1.00 28.88 ? 34  GLU A N   1 
ATOM   255  C CA  . GLU A 1 34 ? 13.235  2.499   11.047  1.00 32.29 ? 34  GLU A CA  1 
ATOM   256  C C   . GLU A 1 34 ? 14.763  2.567   10.963  1.00 33.60 ? 34  GLU A C   1 
ATOM   257  O O   . GLU A 1 34 ? 15.359  2.546   9.854   1.00 34.10 ? 34  GLU A O   1 
ATOM   258  C CB  . GLU A 1 34 ? 12.776  1.140   11.562  1.00 32.72 ? 34  GLU A CB  1 
ATOM   259  C CG  . GLU A 1 34 ? 13.245  -0.043  10.735  1.00 35.37 ? 34  GLU A CG  1 
ATOM   260  C CD  . GLU A 1 34 ? 12.976  -1.396  11.423  1.00 37.76 ? 34  GLU A CD  1 
ATOM   261  O OE1 . GLU A 1 34 ? 12.106  -1.496  12.325  1.00 37.49 ? 34  GLU A OE1 1 
ATOM   262  O OE2 . GLU A 1 34 ? 13.652  -2.371  11.048  1.00 40.51 ? 34  GLU A OE2 1 
ATOM   263  N N   . GLU A 1 35 ? 15.378  2.647   12.144  1.00 35.03 ? 35  GLU A N   1 
ATOM   264  C CA  . GLU A 1 35 ? 16.842  2.753   12.330  1.00 36.99 ? 35  GLU A CA  1 
ATOM   265  C C   . GLU A 1 35 ? 17.552  3.884   11.538  1.00 36.74 ? 35  GLU A C   1 
ATOM   266  O O   . GLU A 1 35 ? 18.591  3.682   10.875  1.00 37.69 ? 35  GLU A O   1 
ATOM   267  C CB  . GLU A 1 35 ? 17.557  1.366   12.300  1.00 37.38 ? 35  GLU A CB  1 
ATOM   268  C CG  . GLU A 1 35 ? 17.656  0.654   10.954  1.00 42.00 ? 35  GLU A CG  1 
ATOM   269  C CD  . GLU A 1 35 ? 18.022  -0.836  11.063  1.00 47.36 ? 35  GLU A CD  1 
ATOM   270  O OE1 . GLU A 1 35 ? 17.690  -1.479  12.091  1.00 50.01 ? 35  GLU A OE1 1 
ATOM   271  O OE2 . GLU A 1 35 ? 18.626  -1.374  10.097  1.00 49.81 ? 35  GLU A OE2 1 
ATOM   272  N N   . VAL A 1 36 ? 16.975  5.079   11.640  1.00 36.45 ? 36  VAL A N   1 
ATOM   273  C CA  . VAL A 1 36 ? 17.562  6.305   11.093  1.00 36.02 ? 36  VAL A CA  1 
ATOM   274  C C   . VAL A 1 36 ? 17.667  7.303   12.266  1.00 35.69 ? 36  VAL A C   1 
ATOM   275  O O   . VAL A 1 36 ? 16.819  7.277   13.147  1.00 36.94 ? 36  VAL A O   1 
ATOM   276  C CB  . VAL A 1 36 ? 16.718  6.821   9.883   1.00 36.54 ? 36  VAL A CB  1 
ATOM   277  C CG1 . VAL A 1 36 ? 15.310  7.183   10.304  1.00 36.14 ? 36  VAL A CG1 1 
ATOM   278  C CG2 . VAL A 1 36 ? 17.400  7.976   9.171   1.00 37.42 ? 36  VAL A CG2 1 
ATOM   279  N N   . ASN A 1 37 ? 18.709  8.140   12.315  1.00 34.26 ? 37  ASN A N   1 
ATOM   280  C CA  . ASN A 1 37 ? 18.931  9.040   13.481  1.00 33.28 ? 37  ASN A CA  1 
ATOM   281  C C   . ASN A 1 37 ? 18.964  10.519  13.046  1.00 32.51 ? 37  ASN A C   1 
ATOM   282  O O   . ASN A 1 37 ? 20.010  11.183  13.102  1.00 34.72 ? 37  ASN A O   1 
ATOM   283  C CB  . ASN A 1 37 ? 20.214  8.647   14.254  0.45 33.31 ? 37  ASN A CB  1 
ATOM   284  C CG  . ASN A 1 37 ? 20.356  9.365   15.614  0.45 33.76 ? 37  ASN A CG  1 
ATOM   285  O OD1 . ASN A 1 37 ? 19.575  10.250  15.966  0.45 35.08 ? 37  ASN A OD1 1 
ATOM   286  N ND2 . ASN A 1 37 ? 21.372  8.971   16.382  0.45 33.98 ? 37  ASN A ND2 1 
ATOM   287  N N   . LEU A 1 38 ? 17.804  11.030  12.647  1.00 29.48 ? 38  LEU A N   1 
ATOM   288  C CA  . LEU A 1 38 ? 17.696  12.328  12.013  1.00 27.74 ? 38  LEU A CA  1 
ATOM   289  C C   . LEU A 1 38 ? 18.015  13.459  12.981  1.00 25.93 ? 38  LEU A C   1 
ATOM   290  O O   . LEU A 1 38 ? 17.657  13.371  14.160  1.00 25.92 ? 38  LEU A O   1 
ATOM   291  C CB  . LEU A 1 38 ? 16.271  12.514  11.431  1.00 26.69 ? 38  LEU A CB  1 
ATOM   292  C CG  . LEU A 1 38 ? 15.820  11.463  10.396  1.00 26.13 ? 38  LEU A CG  1 
ATOM   293  C CD1 . LEU A 1 38 ? 14.397  11.740  9.865   1.00 26.07 ? 38  LEU A CD1 1 
ATOM   294  C CD2 . LEU A 1 38 ? 16.825  11.351  9.244   1.00 26.14 ? 38  LEU A CD2 1 
ATOM   295  N N   . PRO A 1 39 ? 18.664  14.529  12.476  1.00 25.08 ? 39  PRO A N   1 
ATOM   296  C CA  . PRO A 1 39 ? 18.945  15.739  13.244  1.00 25.35 ? 39  PRO A CA  1 
ATOM   297  C C   . PRO A 1 39 ? 17.711  16.638  13.385  1.00 26.81 ? 39  PRO A C   1 
ATOM   298  O O   . PRO A 1 39 ? 16.723  16.486  12.637  1.00 25.92 ? 39  PRO A O   1 
ATOM   299  C CB  . PRO A 1 39 ? 20.001  16.453  12.389  1.00 25.26 ? 39  PRO A CB  1 
ATOM   300  C CG  . PRO A 1 39 ? 19.670  16.095  11.001  1.00 25.13 ? 39  PRO A CG  1 
ATOM   301  C CD  . PRO A 1 39 ? 19.201  14.627  11.105  1.00 24.88 ? 39  PRO A CD  1 
ATOM   302  N N   . GLY A 1 40 ? 17.760  17.586  14.313  1.00 27.16 ? 40  GLY A N   1 
ATOM   303  C CA  . GLY A 1 40 ? 16.693  18.571  14.326  1.00 28.50 ? 40  GLY A CA  1 
ATOM   304  C C   . GLY A 1 40 ? 15.504  18.162  15.162  1.00 28.75 ? 40  GLY A C   1 
ATOM   305  O O   . GLY A 1 40 ? 15.541  17.146  15.860  1.00 28.78 ? 40  GLY A O   1 
ATOM   306  N N   . ARG A 1 41 ? 14.441  18.959  15.102  1.00 29.49 ? 41  ARG A N   1 
ATOM   307  C CA  . ARG A 1 41 ? 13.358  18.778  16.062  1.00 29.47 ? 41  ARG A CA  1 
ATOM   308  C C   . ARG A 1 41 ? 12.314  17.768  15.609  1.00 28.21 ? 41  ARG A C   1 
ATOM   309  O O   . ARG A 1 41 ? 12.138  17.531  14.419  1.00 27.03 ? 41  ARG A O   1 
ATOM   310  C CB  . ARG A 1 41 ? 12.727  20.109  16.444  1.00 30.91 ? 41  ARG A CB  1 
ATOM   311  C CG  . ARG A 1 41 ? 11.743  20.705  15.461  1.00 36.12 ? 41  ARG A CG  1 
ATOM   312  C CD  . ARG A 1 41 ? 10.996  21.899  16.126  1.00 43.29 ? 41  ARG A CD  1 
ATOM   313  N NE  . ARG A 1 41 ? 11.874  23.056  16.375  1.00 48.75 ? 41  ARG A NE  1 
ATOM   314  C CZ  . ARG A 1 41 ? 12.505  23.311  17.525  1.00 50.87 ? 41  ARG A CZ  1 
ATOM   315  N NH1 . ARG A 1 41 ? 12.375  22.505  18.570  1.00 53.25 ? 41  ARG A NH1 1 
ATOM   316  N NH2 . ARG A 1 41 ? 13.274  24.386  17.637  1.00 53.60 ? 41  ARG A NH2 1 
ATOM   317  N N   . TRP A 1 42 ? 11.620  17.190  16.579  1.00 26.64 ? 42  TRP A N   1 
ATOM   318  C CA  . TRP A 1 42 ? 10.587  16.216  16.305  1.00 26.28 ? 42  TRP A CA  1 
ATOM   319  C C   . TRP A 1 42 ? 9.453   16.352  17.326  1.00 26.21 ? 42  TRP A C   1 
ATOM   320  O O   . TRP A 1 42 ? 9.619   16.983  18.389  1.00 25.10 ? 42  TRP A O   1 
ATOM   321  C CB  . TRP A 1 42 ? 11.180  14.803  16.270  1.00 25.36 ? 42  TRP A CB  1 
ATOM   322  C CG  . TRP A 1 42 ? 11.923  14.448  17.548  1.00 26.94 ? 42  TRP A CG  1 
ATOM   323  C CD1 . TRP A 1 42 ? 13.252  14.623  17.804  1.00 28.89 ? 42  TRP A CD1 1 
ATOM   324  C CD2 . TRP A 1 42 ? 11.355  13.878  18.736  1.00 27.33 ? 42  TRP A CD2 1 
ATOM   325  N NE1 . TRP A 1 42 ? 13.554  14.182  19.075  1.00 28.39 ? 42  TRP A NE1 1 
ATOM   326  C CE2 . TRP A 1 42 ? 12.403  13.724  19.668  1.00 28.14 ? 42  TRP A CE2 1 
ATOM   327  C CE3 . TRP A 1 42 ? 10.056  13.488  19.099  1.00 25.68 ? 42  TRP A CE3 1 
ATOM   328  C CZ2 . TRP A 1 42 ? 12.191  13.206  20.959  1.00 30.75 ? 42  TRP A CZ2 1 
ATOM   329  C CZ3 . TRP A 1 42 ? 9.841   12.967  20.360  1.00 28.85 ? 42  TRP A CZ3 1 
ATOM   330  C CH2 . TRP A 1 42 ? 10.912  12.828  21.288  1.00 29.54 ? 42  TRP A CH2 1 
ATOM   331  N N   . LYS A 1 43 ? 8.292   15.810  16.974  1.00 25.82 ? 43  LYS A N   1 
ATOM   332  C CA  . LYS A 1 43 ? 7.191   15.638  17.933  1.00 26.01 ? 43  LYS A CA  1 
ATOM   333  C C   . LYS A 1 43 ? 6.681   14.189  17.869  1.00 26.69 ? 43  LYS A C   1 
ATOM   334  O O   . LYS A 1 43 ? 6.745   13.561  16.793  1.00 25.50 ? 43  LYS A O   1 
ATOM   335  C CB  . LYS A 1 43 ? 6.068   16.651  17.701  0.59 25.69 ? 43  LYS A CB  1 
ATOM   336  C CG  . LYS A 1 43 ? 5.346   16.556  16.365  0.59 25.82 ? 43  LYS A CG  1 
ATOM   337  C CD  . LYS A 1 43 ? 4.500   17.811  16.167  0.59 28.36 ? 43  LYS A CD  1 
ATOM   338  C CE  . LYS A 1 43 ? 4.009   17.966  14.756  0.59 26.73 ? 43  LYS A CE  1 
ATOM   339  N NZ  . LYS A 1 43 ? 3.696   19.410  14.467  0.59 31.44 ? 43  LYS A NZ  1 
ATOM   340  N N   . PRO A 1 44 ? 6.216   13.640  19.012  1.00 27.36 ? 44  PRO A N   1 
ATOM   341  C CA  . PRO A 1 44 ? 5.616   12.306  18.952  1.00 27.85 ? 44  PRO A CA  1 
ATOM   342  C C   . PRO A 1 44 ? 4.322   12.288  18.138  1.00 27.30 ? 44  PRO A C   1 
ATOM   343  O O   . PRO A 1 44 ? 3.577   13.260  18.145  1.00 29.05 ? 44  PRO A O   1 
ATOM   344  C CB  . PRO A 1 44 ? 5.329   11.981  20.420  1.00 27.65 ? 44  PRO A CB  1 
ATOM   345  C CG  . PRO A 1 44 ? 5.226   13.330  21.096  1.00 28.42 ? 44  PRO A CG  1 
ATOM   346  C CD  . PRO A 1 44 ? 6.232   14.178  20.392  1.00 27.89 ? 44  PRO A CD  1 
ATOM   347  N N   . LYS A 1 45 ? 4.094   11.202  17.407  1.00 26.78 ? 45  LYS A N   1 
ATOM   348  C CA  . LYS A 1 45 ? 2.857   10.990  16.691  1.00 25.86 ? 45  LYS A CA  1 
ATOM   349  C C   . LYS A 1 45 ? 2.404   9.564   16.989  1.00 26.41 ? 45  LYS A C   1 
ATOM   350  O O   . LYS A 1 45 ? 3.228   8.638   17.014  1.00 24.44 ? 45  LYS A O   1 
ATOM   351  C CB  . LYS A 1 45 ? 3.066   11.166  15.184  1.00 25.98 ? 45  LYS A CB  1 
ATOM   352  C CG  . LYS A 1 45 ? 1.788   11.057  14.331  1.00 25.98 ? 45  LYS A CG  1 
ATOM   353  C CD  . LYS A 1 45 ? 2.097   11.376  12.855  1.00 29.31 ? 45  LYS A CD  1 
ATOM   354  C CE  . LYS A 1 45 ? 0.910   11.084  11.908  1.00 29.50 ? 45  LYS A CE  1 
ATOM   355  N NZ  . LYS A 1 45 ? -0.303  11.846  12.304  1.00 30.88 ? 45  LYS A NZ  1 
ATOM   356  N N   . LEU A 1 46 ? 1.100   9.397   17.219  1.00 25.64 ? 46  LEU A N   1 
ATOM   357  C CA  . LEU A 1 46 ? 0.500   8.073   17.274  1.00 27.12 ? 46  LEU A CA  1 
ATOM   358  C C   . LEU A 1 46 ? 0.013   7.655   15.893  1.00 27.82 ? 46  LEU A C   1 
ATOM   359  O O   . LEU A 1 46 ? -0.710  8.405   15.243  1.00 28.92 ? 46  LEU A O   1 
ATOM   360  C CB  . LEU A 1 46 ? -0.660  8.047   18.282  1.00 26.69 ? 46  LEU A CB  1 
ATOM   361  C CG  . LEU A 1 46 ? -0.345  8.263   19.764  1.00 26.05 ? 46  LEU A CG  1 
ATOM   362  C CD1 . LEU A 1 46 ? -1.622  8.126   20.576  1.00 27.09 ? 46  LEU A CD1 1 
ATOM   363  C CD2 . LEU A 1 46 ? 0.715   7.243   20.252  1.00 22.76 ? 46  LEU A CD2 1 
ATOM   364  N N   . ILE A 1 47 ? 0.407   6.465   15.452  1.00 27.96 ? 47  ILE A N   1 
ATOM   365  C CA  . ILE A 1 47 ? -0.056  5.897   14.181  1.00 29.24 ? 47  ILE A CA  1 
ATOM   366  C C   . ILE A 1 47 ? -0.678  4.516   14.398  1.00 30.04 ? 47  ILE A C   1 
ATOM   367  O O   . ILE A 1 47 ? -0.735  4.014   15.531  1.00 28.71 ? 47  ILE A O   1 
ATOM   368  C CB  . ILE A 1 47 ? 1.081   5.819   13.095  1.00 28.77 ? 47  ILE A CB  1 
ATOM   369  C CG1 . ILE A 1 47 ? 2.278   4.998   13.579  1.00 29.02 ? 47  ILE A CG1 1 
ATOM   370  C CG2 . ILE A 1 47 ? 1.513   7.223   12.669  1.00 29.41 ? 47  ILE A CG2 1 
ATOM   371  C CD1 . ILE A 1 47 ? 3.251   4.569   12.471  1.00 30.21 ? 47  ILE A CD1 1 
ATOM   372  N N   . GLY A 1 48 ? -1.115  3.891   13.300  1.00 31.58 ? 48  GLY A N   1 
ATOM   373  C CA  . GLY A 1 48 ? -1.771  2.587   13.370  1.00 32.92 ? 48  GLY A CA  1 
ATOM   374  C C   . GLY A 1 48 ? -3.087  2.821   14.069  1.00 34.14 ? 48  GLY A C   1 
ATOM   375  O O   . GLY A 1 48 ? -3.809  3.764   13.731  1.00 35.67 ? 48  GLY A O   1 
ATOM   376  N N   . GLY A 1 49 ? -3.399  2.009   15.060  1.00 34.62 ? 49  GLY A N   1 
ATOM   377  C CA  . GLY A 1 49 ? -4.733  2.102   15.704  1.00 35.46 ? 49  GLY A CA  1 
ATOM   378  C C   . GLY A 1 49 ? -5.428  0.762   15.849  1.00 35.64 ? 49  GLY A C   1 
ATOM   379  O O   . GLY A 1 49 ? -6.246  0.568   16.736  1.00 35.96 ? 49  GLY A O   1 
ATOM   380  N N   . ILE A 1 50 ? -5.108  -0.178  14.968  1.00 36.30 ? 50  ILE A N   1 
ATOM   381  C CA  . ILE A 1 50 ? -5.530  -1.565  15.173  1.00 36.49 ? 50  ILE A CA  1 
ATOM   382  C C   . ILE A 1 50 ? -4.692  -2.207  16.288  1.00 35.13 ? 50  ILE A C   1 
ATOM   383  O O   . ILE A 1 50 ? -3.464  -2.223  16.196  1.00 36.07 ? 50  ILE A O   1 
ATOM   384  C CB  . ILE A 1 50 ? -5.547  -2.365  13.819  1.00 36.73 ? 50  ILE A CB  1 
ATOM   385  C CG1 . ILE A 1 50 ? -6.965  -2.343  13.240  1.00 37.40 ? 50  ILE A CG1 1 
ATOM   386  C CG2 . ILE A 1 50 ? -5.136  -3.813  14.027  1.00 39.36 ? 50  ILE A CG2 1 
ATOM   387  C CD1 . ILE A 1 50 ? -7.083  -1.833  11.799  1.00 40.49 ? 50  ILE A CD1 1 
ATOM   388  N N   . GLY A 1 51 ? -5.380  -2.703  17.336  1.00 34.29 ? 51  GLY A N   1 
ATOM   389  C CA  . GLY A 1 51 ? -4.785  -3.372  18.531  1.00 30.89 ? 51  GLY A CA  1 
ATOM   390  C C   . GLY A 1 51 ? -4.173  -2.448  19.599  1.00 29.54 ? 51  GLY A C   1 
ATOM   391  O O   . GLY A 1 51 ? -3.687  -2.904  20.655  1.00 28.17 ? 51  GLY A O   1 
ATOM   392  N N   . GLY A 1 52 ? -4.193  -1.157  19.298  1.00 27.17 ? 52  GLY A N   1 
ATOM   393  C CA  . GLY A 1 52 ? -3.457  -0.136  20.029  1.00 26.37 ? 52  GLY A CA  1 
ATOM   394  C C   . GLY A 1 52 ? -2.830  0.813   19.011  1.00 25.29 ? 52  GLY A C   1 
ATOM   395  O O   . GLY A 1 52 ? -2.983  0.640   17.801  1.00 24.56 ? 52  GLY A O   1 
ATOM   396  N N   . PHE A 1 53 ? -2.142  1.829   19.503  1.00 24.53 ? 53  PHE A N   1 
ATOM   397  C CA  . PHE A 1 53 ? -1.416  2.750   18.659  1.00 23.92 ? 53  PHE A CA  1 
ATOM   398  C C   . PHE A 1 53 ? 0.084   2.498   18.860  1.00 23.17 ? 53  PHE A C   1 
ATOM   399  O O   . PHE A 1 53 ? 0.489   1.888   19.882  1.00 23.88 ? 53  PHE A O   1 
ATOM   400  C CB  . PHE A 1 53 ? -1.799  4.199   19.020  1.00 24.36 ? 53  PHE A CB  1 
ATOM   401  C CG  . PHE A 1 53 ? -3.249  4.540   18.699  1.00 26.63 ? 53  PHE A CG  1 
ATOM   402  C CD1 . PHE A 1 53 ? -3.584  5.096   17.471  1.00 26.70 ? 53  PHE A CD1 1 
ATOM   403  C CD2 . PHE A 1 53 ? -4.273  4.280   19.623  1.00 27.28 ? 53  PHE A CD2 1 
ATOM   404  C CE1 . PHE A 1 53 ? -4.925  5.408   17.167  1.00 27.55 ? 53  PHE A CE1 1 
ATOM   405  C CE2 . PHE A 1 53 ? -5.614  4.581   19.308  1.00 26.82 ? 53  PHE A CE2 1 
ATOM   406  C CZ  . PHE A 1 53 ? -5.923  5.147   18.084  1.00 24.76 ? 53  PHE A CZ  1 
ATOM   407  N N   . VAL A 1 54 ? 0.881   2.943   17.884  1.00 21.89 ? 54  VAL A N   1 
ATOM   408  C CA  . VAL A 1 54 ? 2.345   2.886   17.898  1.00 21.97 ? 54  VAL A CA  1 
ATOM   409  C C   . VAL A 1 54 ? 2.749   4.349   17.902  1.00 22.24 ? 54  VAL A C   1 
ATOM   410  O O   . VAL A 1 54 ? 2.235   5.140   17.076  1.00 21.96 ? 54  VAL A O   1 
ATOM   411  C CB  . VAL A 1 54 ? 2.893   2.260   16.592  1.00 22.69 ? 54  VAL A CB  1 
ATOM   412  C CG1 . VAL A 1 54 ? 4.427   2.318   16.545  1.00 23.51 ? 54  VAL A CG1 1 
ATOM   413  C CG2 . VAL A 1 54 ? 2.386   0.812   16.403  1.00 23.91 ? 54  VAL A CG2 1 
ATOM   414  N N   . LYS A 1 55 ? 3.617   4.720   18.838  1.00 20.94 ? 55  LYS A N   1 
ATOM   415  C CA  . LYS A 1 55 ? 4.168   6.054   18.896  1.00 20.99 ? 55  LYS A CA  1 
ATOM   416  C C   . LYS A 1 55 ? 5.460   6.111   18.084  1.00 21.13 ? 55  LYS A C   1 
ATOM   417  O O   . LYS A 1 55 ? 6.344   5.252   18.235  1.00 20.77 ? 55  LYS A O   1 
ATOM   418  C CB  . LYS A 1 55 ? 4.456   6.441   20.344  1.00 20.32 ? 55  LYS A CB  1 
ATOM   419  C CG  . LYS A 1 55 ? 4.934   7.890   20.531  1.00 20.69 ? 55  LYS A CG  1 
ATOM   420  C CD  . LYS A 1 55 ? 5.339   8.153   21.993  1.00 22.15 ? 55  LYS A CD  1 
ATOM   421  C CE  . LYS A 1 55 ? 4.239   7.719   22.970  1.00 23.97 ? 55  LYS A CE  1 
ATOM   422  N NZ  . LYS A 1 55 ? 4.695   7.725   24.419  1.00 27.38 ? 55  LYS A NZ  1 
ATOM   423  N N   . VAL A 1 56 ? 5.571   7.143   17.248  1.00 20.32 ? 56  VAL A N   1 
ATOM   424  C CA  . VAL A 1 56 ? 6.759   7.382   16.447  1.00 19.19 ? 56  VAL A CA  1 
ATOM   425  C C   . VAL A 1 56 ? 7.172   8.836   16.593  1.00 19.42 ? 56  VAL A C   1 
ATOM   426  O O   . VAL A 1 56 ? 6.427   9.643   17.157  1.00 20.04 ? 56  VAL A O   1 
ATOM   427  C CB  . VAL A 1 56 ? 6.524   7.030   14.932  1.00 19.44 ? 56  VAL A CB  1 
ATOM   428  C CG1 . VAL A 1 56 ? 6.212   5.568   14.800  1.00 17.36 ? 56  VAL A CG1 1 
ATOM   429  C CG2 . VAL A 1 56 ? 5.401   7.912   14.294  1.00 19.02 ? 56  VAL A CG2 1 
ATOM   430  N N   . ARG A 1 57 ? 8.359   9.162   16.087  1.00 19.21 ? 57  ARG A N   1 
ATOM   431  C CA  . ARG A 1 57 ? 8.847   10.536  16.065  1.00 19.97 ? 57  ARG A CA  1 
ATOM   432  C C   . ARG A 1 57 ? 8.588   11.098  14.675  1.00 21.05 ? 57  ARG A C   1 
ATOM   433  O O   . ARG A 1 57 ? 9.031   10.523  13.684  1.00 21.22 ? 57  ARG A O   1 
ATOM   434  C CB  . ARG A 1 57 ? 10.344  10.581  16.344  1.00 19.39 ? 57  ARG A CB  1 
ATOM   435  C CG  . ARG A 1 57 ? 10.767  10.314  17.803  1.00 20.61 ? 57  ARG A CG  1 
ATOM   436  C CD  . ARG A 1 57 ? 12.286  10.428  17.971  1.00 23.11 ? 57  ARG A CD  1 
ATOM   437  N NE  . ARG A 1 57 ? 12.954  9.310   17.301  1.00 28.15 ? 57  ARG A NE  1 
ATOM   438  C CZ  . ARG A 1 57 ? 14.257  9.073   17.329  1.00 32.28 ? 57  ARG A CZ  1 
ATOM   439  N NH1 . ARG A 1 57 ? 14.730  8.007   16.701  1.00 33.33 ? 57  ARG A NH1 1 
ATOM   440  N NH2 . ARG A 1 57 ? 15.084  9.883   18.007  1.00 35.59 ? 57  ARG A NH2 1 
ATOM   441  N N   . GLN A 1 58 ? 7.882   12.225  14.629  1.00 21.06 ? 58  GLN A N   1 
ATOM   442  C CA  . GLN A 1 58 ? 7.551   12.906  13.395  1.00 21.97 ? 58  GLN A CA  1 
ATOM   443  C C   . GLN A 1 58 ? 8.574   14.011  13.144  1.00 22.26 ? 58  GLN A C   1 
ATOM   444  O O   . GLN A 1 58 ? 8.723   14.931  13.949  1.00 22.75 ? 58  GLN A O   1 
ATOM   445  C CB  . GLN A 1 58 ? 6.119   13.477  13.458  1.00 22.05 ? 58  GLN A CB  1 
ATOM   446  C CG  . GLN A 1 58 ? 5.726   14.315  12.210  1.00 23.15 ? 58  GLN A CG  1 
ATOM   447  C CD  . GLN A 1 58 ? 4.361   14.979  12.312  1.00 26.05 ? 58  GLN A CD  1 
ATOM   448  O OE1 . GLN A 1 58 ? 3.458   14.457  12.944  1.00 28.85 ? 58  GLN A OE1 1 
ATOM   449  N NE2 . GLN A 1 58 ? 4.196   16.118  11.640  1.00 27.61 ? 58  GLN A NE2 1 
ATOM   450  N N   . TYR A 1 59 ? 9.328   13.873  12.065  1.00 22.32 ? 59  TYR A N   1 
ATOM   451  C CA  . TYR A 1 59 ? 10.221  14.927  11.611  1.00 22.96 ? 59  TYR A CA  1 
ATOM   452  C C   . TYR A 1 59 ? 9.628   15.584  10.362  1.00 24.15 ? 59  TYR A C   1 
ATOM   453  O O   . TYR A 1 59 ? 9.301   14.903  9.377   1.00 21.23 ? 59  TYR A O   1 
ATOM   454  C CB  . TYR A 1 59 ? 11.587  14.352  11.260  1.00 22.77 ? 59  TYR A CB  1 
ATOM   455  C CG  . TYR A 1 59 ? 12.370  13.777  12.453  1.00 24.05 ? 59  TYR A CG  1 
ATOM   456  C CD1 . TYR A 1 59 ? 12.064  12.507  12.967  1.00 20.55 ? 59  TYR A CD1 1 
ATOM   457  C CD2 . TYR A 1 59 ? 13.433  14.481  13.020  1.00 23.08 ? 59  TYR A CD2 1 
ATOM   458  C CE1 . TYR A 1 59 ? 12.785  11.965  14.028  1.00 20.97 ? 59  TYR A CE1 1 
ATOM   459  C CE2 . TYR A 1 59 ? 14.171  13.941  14.125  1.00 21.96 ? 59  TYR A CE2 1 
ATOM   460  C CZ  . TYR A 1 59 ? 13.829  12.687  14.603  1.00 22.25 ? 59  TYR A CZ  1 
ATOM   461  O OH  . TYR A 1 59 ? 14.540  12.117  15.636  1.00 22.52 ? 59  TYR A OH  1 
ATOM   462  N N   . ASP A 1 60 ? 9.542   16.909  10.386  1.00 25.87 ? 60  ASP A N   1 
ATOM   463  C CA  . ASP A 1 60 ? 8.988   17.641  9.255   1.00 27.77 ? 60  ASP A CA  1 
ATOM   464  C C   . ASP A 1 60 ? 10.073  18.131  8.319   1.00 28.99 ? 60  ASP A C   1 
ATOM   465  O O   . ASP A 1 60 ? 11.241  18.331  8.723   1.00 29.42 ? 60  ASP A O   1 
ATOM   466  C CB  . ASP A 1 60 ? 8.097   18.772  9.728   1.00 28.71 ? 60  ASP A CB  1 
ATOM   467  C CG  . ASP A 1 60 ? 6.897   18.273  10.449  1.00 30.77 ? 60  ASP A CG  1 
ATOM   468  O OD1 . ASP A 1 60 ? 6.409   17.192  10.068  1.00 34.65 ? 60  ASP A OD1 1 
ATOM   469  O OD2 . ASP A 1 60 ? 6.428   18.950  11.389  1.00 34.73 ? 60  ASP A OD2 1 
ATOM   470  N N   . GLN A 1 61 ? 9.693   18.224  7.046   1.00 28.78 ? 61  GLN A N   1 
ATOM   471  C CA  . GLN A 1 61 ? 10.489  18.826  6.001   1.00 29.85 ? 61  GLN A CA  1 
ATOM   472  C C   . GLN A 1 61 ? 11.872  18.204  5.895   1.00 28.94 ? 61  GLN A C   1 
ATOM   473  O O   . GLN A 1 61 ? 12.870  18.919  5.814   1.00 29.58 ? 61  GLN A O   1 
ATOM   474  C CB  . GLN A 1 61 ? 10.578  20.351  6.187   1.00 30.28 ? 61  GLN A CB  1 
ATOM   475  C CG  . GLN A 1 61 ? 9.225   21.067  6.153   1.00 34.46 ? 61  GLN A CG  1 
ATOM   476  C CD  . GLN A 1 61 ? 9.359   22.572  6.306   1.00 39.31 ? 61  GLN A CD  1 
ATOM   477  O OE1 . GLN A 1 61 ? 10.254  23.061  6.996   1.00 42.21 ? 61  GLN A OE1 1 
ATOM   478  N NE2 . GLN A 1 61 ? 8.473   23.313  5.652   1.00 41.51 ? 61  GLN A NE2 1 
ATOM   479  N N   . VAL A 1 62 ? 11.901  16.871  5.903   1.00 27.22 ? 62  VAL A N   1 
ATOM   480  C CA  . VAL A 1 62 ? 13.102  16.080  5.831   1.00 25.46 ? 62  VAL A CA  1 
ATOM   481  C C   . VAL A 1 62 ? 13.568  15.945  4.384   1.00 25.54 ? 62  VAL A C   1 
ATOM   482  O O   . VAL A 1 62 ? 12.804  15.502  3.521   1.00 25.13 ? 62  VAL A O   1 
ATOM   483  C CB  . VAL A 1 62 ? 12.893  14.648  6.486   1.00 26.29 ? 62  VAL A CB  1 
ATOM   484  C CG1 . VAL A 1 62 ? 14.138  13.822  6.372   1.00 25.71 ? 62  VAL A CG1 1 
ATOM   485  C CG2 . VAL A 1 62 ? 12.496  14.760  7.971   1.00 24.17 ? 62  VAL A CG2 1 
ATOM   486  N N   . PRO A 1 63 ? 14.825  16.355  4.107   1.00 25.16 ? 63  PRO A N   1 
ATOM   487  C CA  . PRO A 1 63 ? 15.467  16.099  2.834   1.00 24.70 ? 63  PRO A CA  1 
ATOM   488  C C   . PRO A 1 63 ? 15.657  14.593  2.665   1.00 24.38 ? 63  PRO A C   1 
ATOM   489  O O   . PRO A 1 63 ? 16.197  13.930  3.561   1.00 24.02 ? 63  PRO A O   1 
ATOM   490  C CB  . PRO A 1 63 ? 16.840  16.777  2.986   1.00 25.44 ? 63  PRO A CB  1 
ATOM   491  C CG  . PRO A 1 63 ? 16.681  17.734  4.112   1.00 25.61 ? 63  PRO A CG  1 
ATOM   492  C CD  . PRO A 1 63 ? 15.706  17.101  5.028   1.00 24.94 ? 63  PRO A CD  1 
ATOM   493  N N   . ILE A 1 64 ? 15.212  14.056  1.537   1.00 23.23 ? 64  ILE A N   1 
ATOM   494  C CA  . ILE A 1 64 ? 15.296  12.618  1.282   1.00 23.97 ? 64  ILE A CA  1 
ATOM   495  C C   . ILE A 1 64 ? 15.430  12.385  -0.221  1.00 25.04 ? 64  ILE A C   1 
ATOM   496  O O   . ILE A 1 64 ? 14.790  13.070  -1.011  1.00 25.39 ? 64  ILE A O   1 
ATOM   497  C CB  . ILE A 1 64 ? 14.096  11.810  1.926   1.00 23.65 ? 64  ILE A CB  1 
ATOM   498  C CG1 . ILE A 1 64 ? 14.214  10.299  1.629   1.00 24.38 ? 64  ILE A CG1 1 
ATOM   499  C CG2 . ILE A 1 64 ? 12.696  12.388  1.513   1.00 22.87 ? 64  ILE A CG2 1 
ATOM   500  C CD1 . ILE A 1 64 ? 13.113  9.442   2.308   1.00 27.23 ? 64  ILE A CD1 1 
ATOM   501  N N   . GLU A 1 65 ? 16.276  11.442  -0.614  1.00 25.88 ? 65  GLU A N   1 
ATOM   502  C CA  . GLU A 1 65 ? 16.406  11.078  -2.018  1.00 27.20 ? 65  GLU A CA  1 
ATOM   503  C C   . GLU A 1 65 ? 15.716  9.730   -2.247  1.00 28.45 ? 65  GLU A C   1 
ATOM   504  O O   . GLU A 1 65 ? 16.000  8.739   -1.567  1.00 28.12 ? 65  GLU A O   1 
ATOM   505  C CB  . GLU A 1 65 ? 17.886  11.033  -2.439  1.00 27.38 ? 65  GLU A CB  1 
ATOM   506  C CG  . GLU A 1 65 ? 18.124  11.011  -3.927  1.00 27.01 ? 65  GLU A CG  1 
ATOM   507  C CD  . GLU A 1 65 ? 19.620  11.080  -4.300  1.00 34.48 ? 65  GLU A CD  1 
ATOM   508  O OE1 . GLU A 1 65 ? 20.375  11.936  -3.770  1.00 35.88 ? 65  GLU A OE1 1 
ATOM   509  O OE2 . GLU A 1 65 ? 20.042  10.280  -5.150  1.00 37.21 ? 65  GLU A OE2 1 
ATOM   510  N N   . ILE A 1 66 ? 14.762  9.708   -3.173  1.00 29.53 ? 66  ILE A N   1 
ATOM   511  C CA  . ILE A 1 66 ? 13.968  8.500   -3.386  1.00 29.70 ? 66  ILE A CA  1 
ATOM   512  C C   . ILE A 1 66 ? 14.178  8.178   -4.839  1.00 30.48 ? 66  ILE A C   1 
ATOM   513  O O   . ILE A 1 66 ? 13.769  8.925   -5.740  1.00 30.20 ? 66  ILE A O   1 
ATOM   514  C CB  . ILE A 1 66 ? 12.461  8.637   -2.971  1.00 29.95 ? 66  ILE A CB  1 
ATOM   515  C CG1 . ILE A 1 66 ? 12.335  9.162   -1.533  1.00 30.58 ? 66  ILE A CG1 1 
ATOM   516  C CG2 . ILE A 1 66 ? 11.708  7.284   -3.094  1.00 30.29 ? 66  ILE A CG2 1 
ATOM   517  C CD1 . ILE A 1 66 ? 10.924  9.509   -1.126  1.00 28.79 ? 66  ILE A CD1 1 
ATOM   518  N N   . CYS A 1 67 ? 14.915  7.097   -5.053  1.00 31.96 ? 67  CYS A N   1 
ATOM   519  C CA  . CYS A 1 67 ? 15.142  6.587   -6.375  1.00 33.62 ? 67  CYS A CA  1 
ATOM   520  C C   . CYS A 1 67 ? 15.725  7.702   -7.269  1.00 33.81 ? 67  CYS A C   1 
ATOM   521  O O   . CYS A 1 67 ? 15.324  7.863   -8.426  1.00 35.31 ? 67  CYS A O   1 
ATOM   522  C CB  . CYS A 1 67 ? 13.803  6.046   -6.896  1.00 34.18 ? 67  CYS A CB  1 
ATOM   523  S SG  . CYS A 1 67 ? 13.965  4.833   -8.142  1.00 37.77 ? 67  CYS A SG  1 
ATOM   524  N N   . GLY A 1 68 ? 16.647  8.497   -6.718  1.00 32.87 ? 68  GLY A N   1 
ATOM   525  C CA  . GLY A 1 68 ? 17.314  9.546   -7.502  1.00 32.68 ? 68  GLY A CA  1 
ATOM   526  C C   . GLY A 1 68 ? 16.663  10.922  -7.498  1.00 32.01 ? 68  GLY A C   1 
ATOM   527  O O   . GLY A 1 68 ? 17.234  11.888  -8.008  1.00 32.72 ? 68  GLY A O   1 
ATOM   528  N N   . HIS A 1 69 ? 15.460  11.010  -6.938  1.00 30.42 ? 69  HIS A N   1 
ATOM   529  C CA  . HIS A 1 69 ? 14.743  12.277  -6.833  1.00 28.90 ? 69  HIS A CA  1 
ATOM   530  C C   . HIS A 1 69 ? 14.931  12.864  -5.434  1.00 27.49 ? 69  HIS A C   1 
ATOM   531  O O   . HIS A 1 69 ? 14.498  12.261  -4.434  1.00 27.52 ? 69  HIS A O   1 
ATOM   532  C CB  . HIS A 1 69 ? 13.242  12.066  -7.096  1.00 28.25 ? 69  HIS A CB  1 
ATOM   533  C CG  . HIS A 1 69 ? 12.900  11.811  -8.532  1.00 28.96 ? 69  HIS A CG  1 
ATOM   534  N ND1 . HIS A 1 69 ? 13.333  10.696  -9.219  1.00 31.27 ? 69  HIS A ND1 1 
ATOM   535  C CD2 . HIS A 1 69 ? 12.129  12.509  -9.397  1.00 28.12 ? 69  HIS A CD2 1 
ATOM   536  C CE1 . HIS A 1 69 ? 12.871  10.732  -10.457 1.00 28.06 ? 69  HIS A CE1 1 
ATOM   537  N NE2 . HIS A 1 69 ? 12.144  11.825  -10.592 1.00 30.93 ? 69  HIS A NE2 1 
ATOM   538  N N   . LYS A 1 70 ? 15.545  14.041  -5.377  1.00 25.56 ? 70  LYS A N   1 
ATOM   539  C CA  . LYS A 1 70 ? 15.746  14.781  -4.114  1.00 24.70 ? 70  LYS A CA  1 
ATOM   540  C C   . LYS A 1 70 ? 14.500  15.560  -3.782  1.00 23.80 ? 70  LYS A C   1 
ATOM   541  O O   . LYS A 1 70 ? 14.098  16.464  -4.520  1.00 24.35 ? 70  LYS A O   1 
ATOM   542  C CB  . LYS A 1 70 ? 16.951  15.725  -4.218  1.00 24.80 ? 70  LYS A CB  1 
ATOM   543  C CG  . LYS A 1 70 ? 18.233  14.945  -4.489  1.00 26.24 ? 70  LYS A CG  1 
ATOM   544  C CD  . LYS A 1 70 ? 19.462  15.812  -4.387  1.00 31.21 ? 70  LYS A CD  1 
ATOM   545  C CE  . LYS A 1 70 ? 20.718  14.968  -4.520  1.00 33.75 ? 70  LYS A CE  1 
ATOM   546  N NZ  . LYS A 1 70 ? 21.568  15.509  -5.594  1.00 38.07 ? 70  LYS A NZ  1 
ATOM   547  N N   . VAL A 1 71 ? 13.853  15.179  -2.696  1.00 22.18 ? 71  VAL A N   1 
ATOM   548  C CA  . VAL A 1 71 ? 12.624  15.831  -2.313  1.00 21.13 ? 71  VAL A CA  1 
ATOM   549  C C   . VAL A 1 71 ? 12.666  16.194  -0.844  1.00 20.47 ? 71  VAL A C   1 
ATOM   550  O O   . VAL A 1 71 ? 13.672  15.948  -0.157  1.00 20.54 ? 71  VAL A O   1 
ATOM   551  C CB  . VAL A 1 71 ? 11.386  14.954  -2.645  1.00 21.56 ? 71  VAL A CB  1 
ATOM   552  C CG1 . VAL A 1 71 ? 11.184  14.832  -4.183  1.00 21.56 ? 71  VAL A CG1 1 
ATOM   553  C CG2 . VAL A 1 71 ? 11.474  13.581  -1.940  1.00 19.86 ? 71  VAL A CG2 1 
ATOM   554  N N   . ILE A 1 72 ? 11.559  16.747  -0.360  1.00 20.49 ? 72  ILE A N   1 
ATOM   555  C CA  . ILE A 1 72 ? 11.396  17.101  1.031   1.00 20.55 ? 72  ILE A CA  1 
ATOM   556  C C   . ILE A 1 72 ? 10.026  16.673  1.524   1.00 20.80 ? 72  ILE A C   1 
ATOM   557  O O   . ILE A 1 72 ? 8.989   17.025  0.926   1.00 20.92 ? 72  ILE A O   1 
ATOM   558  C CB  . ILE A 1 72 ? 11.460  18.624  1.227   1.00 20.27 ? 72  ILE A CB  1 
ATOM   559  C CG1 . ILE A 1 72 ? 12.810  19.211  0.854   1.00 21.22 ? 72  ILE A CG1 1 
ATOM   560  C CG2 . ILE A 1 72 ? 11.089  19.007  2.655   1.00 22.28 ? 72  ILE A CG2 1 
ATOM   561  C CD1 . ILE A 1 72 ? 12.863  20.723  1.220   1.00 24.36 ? 72  ILE A CD1 1 
ATOM   562  N N   . GLY A 1 73 ? 9.994   15.959  2.644   1.00 21.01 ? 73  GLY A N   1 
ATOM   563  C CA  . GLY A 1 73 ? 8.707   15.605  3.243   1.00 20.11 ? 73  GLY A CA  1 
ATOM   564  C C   . GLY A 1 73 ? 8.796   15.148  4.697   1.00 20.79 ? 73  GLY A C   1 
ATOM   565  O O   . GLY A 1 73 ? 9.888   14.989  5.257   1.00 20.18 ? 73  GLY A O   1 
ATOM   566  N N   . THR A 1 74 ? 7.633   14.945  5.291   1.00 20.62 ? 74  THR A N   1 
ATOM   567  C CA  . THR A 1 74 ? 7.523   14.433  6.656   1.00 21.18 ? 74  THR A CA  1 
ATOM   568  C C   . THR A 1 74 ? 7.942   12.970  6.688   1.00 21.02 ? 74  THR A C   1 
ATOM   569  O O   . THR A 1 74 ? 7.521   12.145  5.833   1.00 19.21 ? 74  THR A O   1 
ATOM   570  C CB  . THR A 1 74 ? 6.082   14.642  7.251   1.00 21.43 ? 74  THR A CB  1 
ATOM   571  O OG1 . THR A 1 74 ? 5.771   16.038  7.331   1.00 24.55 ? 74  THR A OG1 1 
ATOM   572  C CG2 . THR A 1 74 ? 5.966   14.056  8.664   1.00 17.19 ? 74  THR A CG2 1 
ATOM   573  N N   . VAL A 1 75 ? 8.821   12.657  7.643   1.00 21.28 ? 75  VAL A N   1 
ATOM   574  C CA  . VAL A 1 75 ? 9.250   11.268  7.861   1.00 21.14 ? 75  VAL A CA  1 
ATOM   575  C C   . VAL A 1 75 ? 8.994   10.910  9.295   1.00 21.24 ? 75  VAL A C   1 
ATOM   576  O O   . VAL A 1 75 ? 9.383   11.660  10.242  1.00 20.58 ? 75  VAL A O   1 
ATOM   577  C CB  . VAL A 1 75 ? 10.745  11.020  7.491   1.00 20.98 ? 75  VAL A CB  1 
ATOM   578  C CG1 . VAL A 1 75 ? 11.164  9.583   7.874   1.00 21.46 ? 75  VAL A CG1 1 
ATOM   579  C CG2 . VAL A 1 75 ? 10.955  11.302  6.027   1.00 21.99 ? 75  VAL A CG2 1 
ATOM   580  N N   . LEU A 1 76 ? 8.294   9.781   9.453   1.00 21.48 ? 76  LEU A N   1 
ATOM   581  C CA  . LEU A 1 76 ? 8.009   9.221   10.766  1.00 21.16 ? 76  LEU A CA  1 
ATOM   582  C C   . LEU A 1 76 ? 9.083   8.169   11.072  1.00 21.69 ? 76  LEU A C   1 
ATOM   583  O O   . LEU A 1 76 ? 9.335   7.263   10.264  1.00 21.34 ? 76  LEU A O   1 
ATOM   584  C CB  . LEU A 1 76 ? 6.603   8.592   10.792  1.00 20.76 ? 76  LEU A CB  1 
ATOM   585  C CG  . LEU A 1 76 ? 5.434   9.503   10.333  1.00 19.76 ? 76  LEU A CG  1 
ATOM   586  C CD1 . LEU A 1 76 ? 4.127   8.806   10.596  1.00 18.18 ? 76  LEU A CD1 1 
ATOM   587  C CD2 . LEU A 1 76 ? 5.437   10.863  11.062  1.00 18.05 ? 76  LEU A CD2 1 
ATOM   588  N N   . VAL A 1 77 ? 9.721   8.284   12.237  1.00 21.80 ? 77  VAL A N   1 
ATOM   589  C CA  . VAL A 1 77 ? 10.784  7.344   12.581  1.00 22.35 ? 77  VAL A CA  1 
ATOM   590  C C   . VAL A 1 77 ? 10.353  6.480   13.767  1.00 23.54 ? 77  VAL A C   1 
ATOM   591  O O   . VAL A 1 77 ? 10.058  6.987   14.860  1.00 23.87 ? 77  VAL A O   1 
ATOM   592  C CB  . VAL A 1 77 ? 12.133  8.052   12.859  1.00 22.25 ? 77  VAL A CB  1 
ATOM   593  C CG1 . VAL A 1 77 ? 13.225  7.025   13.159  1.00 21.82 ? 77  VAL A CG1 1 
ATOM   594  C CG2 . VAL A 1 77 ? 12.514  8.988   11.656  1.00 20.37 ? 77  VAL A CG2 1 
ATOM   595  N N   . GLY A 1 78 ? 10.290  5.179   13.513  1.00 25.70 ? 78  GLY A N   1 
ATOM   596  C CA  . GLY A 1 78 ? 9.904   4.194   14.515  1.00 29.09 ? 78  GLY A CA  1 
ATOM   597  C C   . GLY A 1 78 ? 9.962   2.782   13.955  1.00 31.14 ? 78  GLY A C   1 
ATOM   598  O O   . GLY A 1 78 ? 10.223  2.592   12.780  1.00 29.97 ? 78  GLY A O   1 
ATOM   599  N N   . PRO A 1 79 ? 9.681   1.772   14.800  1.00 33.60 ? 79  PRO A N   1 
ATOM   600  C CA  . PRO A 1 79 ? 9.827   0.394   14.355  1.00 35.04 ? 79  PRO A CA  1 
ATOM   601  C C   . PRO A 1 79 ? 8.721   0.054   13.367  1.00 36.21 ? 79  PRO A C   1 
ATOM   602  O O   . PRO A 1 79 ? 7.558   0.399   13.570  1.00 37.13 ? 79  PRO A O   1 
ATOM   603  C CB  . PRO A 1 79 ? 9.714   -0.408  15.659  1.00 35.44 ? 79  PRO A CB  1 
ATOM   604  C CG  . PRO A 1 79 ? 8.869   0.399   16.533  1.00 33.85 ? 79  PRO A CG  1 
ATOM   605  C CD  . PRO A 1 79 ? 9.194   1.847   16.192  1.00 34.59 ? 79  PRO A CD  1 
ATOM   606  N N   . THR A 1 80 ? 9.096   -0.585  12.275  1.00 37.04 ? 80  THR A N   1 
ATOM   607  C CA  . THR A 1 80 ? 8.144   -0.870  11.220  1.00 37.88 ? 80  THR A CA  1 
ATOM   608  C C   . THR A 1 80 ? 8.599   -2.159  10.548  1.00 37.92 ? 80  THR A C   1 
ATOM   609  O O   . THR A 1 80 ? 9.799   -2.317  10.261  1.00 38.95 ? 80  THR A O   1 
ATOM   610  C CB  . THR A 1 80 ? 8.023   0.326   10.195  1.00 37.66 ? 80  THR A CB  1 
ATOM   611  O OG1 . THR A 1 80 ? 7.095   -0.003  9.148   1.00 38.46 ? 80  THR A OG1 1 
ATOM   612  C CG2 . THR A 1 80 ? 9.384   0.691   9.587   1.00 36.10 ? 80  THR A CG2 1 
ATOM   613  N N   . PRO A 1 81 ? 7.654   -3.094  10.312  1.00 38.52 ? 81  PRO A N   1 
ATOM   614  C CA  . PRO A 1 81 ? 7.993   -4.371  9.665   1.00 38.33 ? 81  PRO A CA  1 
ATOM   615  C C   . PRO A 1 81 ? 8.783   -4.160  8.391   1.00 38.28 ? 81  PRO A C   1 
ATOM   616  O O   . PRO A 1 81 ? 9.699   -4.919  8.095   1.00 39.14 ? 81  PRO A O   1 
ATOM   617  C CB  . PRO A 1 81 ? 6.623   -4.975  9.344   1.00 38.57 ? 81  PRO A CB  1 
ATOM   618  C CG  . PRO A 1 81 ? 5.726   -4.429  10.390  1.00 38.97 ? 81  PRO A CG  1 
ATOM   619  C CD  . PRO A 1 81 ? 6.211   -3.005  10.619  1.00 38.14 ? 81  PRO A CD  1 
ATOM   620  N N   . THR A 1 82 ? 8.437   -3.104  7.657   1.00 37.63 ? 82  THR A N   1 
ATOM   621  C CA  . THR A 1 82 ? 9.052   -2.773  6.366   1.00 36.62 ? 82  THR A CA  1 
ATOM   622  C C   . THR A 1 82 ? 9.167   -1.259  6.294   1.00 33.79 ? 82  THR A C   1 
ATOM   623  O O   . THR A 1 82 ? 8.222   -0.592  6.727   1.00 34.86 ? 82  THR A O   1 
ATOM   624  C CB  . THR A 1 82 ? 8.104   -3.192  5.210   1.00 37.37 ? 82  THR A CB  1 
ATOM   625  O OG1 . THR A 1 82 ? 6.748   -2.923  5.592   1.00 39.95 ? 82  THR A OG1 1 
ATOM   626  C CG2 . THR A 1 82 ? 8.233   -4.660  4.920   1.00 39.15 ? 82  THR A CG2 1 
ATOM   627  N N   . ASN A 1 83 ? 10.276  -0.713  5.767   1.00 29.52 ? 83  ASN A N   1 
ATOM   628  C CA  . ASN A 1 83 ? 10.388  0.757   5.573   1.00 26.51 ? 83  ASN A CA  1 
ATOM   629  C C   . ASN A 1 83 ? 9.374   1.119   4.506   1.00 23.65 ? 83  ASN A C   1 
ATOM   630  O O   . ASN A 1 83 ? 9.312   0.463   3.468   1.00 22.51 ? 83  ASN A O   1 
ATOM   631  C CB  . ASN A 1 83 ? 11.775  1.193   5.082   1.00 24.85 ? 83  ASN A CB  1 
ATOM   632  C CG  . ASN A 1 83 ? 12.847  1.175   6.181   1.00 26.69 ? 83  ASN A CG  1 
ATOM   633  O OD1 . ASN A 1 83 ? 12.580  1.457   7.346   1.00 25.08 ? 83  ASN A OD1 1 
ATOM   634  N ND2 . ASN A 1 83 ? 14.090  0.902   5.778   1.00 24.15 ? 83  ASN A ND2 1 
ATOM   635  N N   . VAL A 1 84 ? 8.567   2.132   4.757   1.00 21.62 ? 84  VAL A N   1 
ATOM   636  C CA  . VAL A 1 84 ? 7.471   2.443   3.834   1.00 20.43 ? 84  VAL A CA  1 
ATOM   637  C C   . VAL A 1 84 ? 7.585   3.874   3.337   1.00 19.19 ? 84  VAL A C   1 
ATOM   638  O O   . VAL A 1 84 ? 7.706   4.798   4.150   1.00 18.56 ? 84  VAL A O   1 
ATOM   639  C CB  . VAL A 1 84 ? 6.100   2.276   4.542   1.00 20.67 ? 84  VAL A CB  1 
ATOM   640  C CG1 . VAL A 1 84 ? 4.973   2.748   3.629   1.00 21.18 ? 84  VAL A CG1 1 
ATOM   641  C CG2 . VAL A 1 84 ? 5.887   0.810   4.905   1.00 23.89 ? 84  VAL A CG2 1 
ATOM   642  N N   . ILE A 1 85 ? 7.534   4.049   2.017   1.00 18.62 ? 85  ILE A N   1 
ATOM   643  C CA  . ILE A 1 85 ? 7.374   5.387   1.407   1.00 17.98 ? 85  ILE A CA  1 
ATOM   644  C C   . ILE A 1 85 ? 5.860   5.541   1.150   1.00 17.95 ? 85  ILE A C   1 
ATOM   645  O O   . ILE A 1 85 ? 5.275   4.814   0.337   1.00 17.75 ? 85  ILE A O   1 
ATOM   646  C CB  . ILE A 1 85 ? 8.170   5.553   0.082   1.00 17.47 ? 85  ILE A CB  1 
ATOM   647  C CG1 . ILE A 1 85 ? 9.695   5.258   0.284   1.00 17.30 ? 85  ILE A CG1 1 
ATOM   648  C CG2 . ILE A 1 85 ? 8.003   6.969   -0.464  1.00 18.77 ? 85  ILE A CG2 1 
ATOM   649  C CD1 . ILE A 1 85 ? 10.347  6.164   1.353   1.00 15.11 ? 85  ILE A CD1 1 
ATOM   650  N N   . GLY A 1 86 ? 5.240   6.460   1.868   1.00 17.18 ? 86  GLY A N   1 
ATOM   651  C CA  . GLY A 1 86 ? 3.795   6.697   1.739   1.00 17.03 ? 86  GLY A CA  1 
ATOM   652  C C   . GLY A 1 86 ? 3.471   7.711   0.670   1.00 17.13 ? 86  GLY A C   1 
ATOM   653  O O   . GLY A 1 86 ? 4.362   8.232   0.000   1.00 17.01 ? 86  GLY A O   1 
ATOM   654  N N   . ARG A 1 87 ? 2.174   7.974   0.493   1.00 16.62 ? 87  ARG A N   1 
ATOM   655  C CA  . ARG A 1 87 ? 1.723   8.935   -0.479  1.00 16.31 ? 87  ARG A CA  1 
ATOM   656  C C   . ARG A 1 87 ? 2.331   10.311  -0.302  1.00 17.22 ? 87  ARG A C   1 
ATOM   657  O O   . ARG A 1 87 ? 2.576   10.981  -1.282  1.00 16.77 ? 87  ARG A O   1 
ATOM   658  C CB  . ARG A 1 87 ? 0.193   9.036   -0.470  1.00 16.72 ? 87  ARG A CB  1 
ATOM   659  C CG  . ARG A 1 87 ? -0.525  7.740   -0.901  1.00 16.43 ? 87  ARG A CG  1 
ATOM   660  C CD  . ARG A 1 87 ? -2.058  7.944   -1.033  1.00 17.15 ? 87  ARG A CD  1 
ATOM   661  N NE  . ARG A 1 87 ? -2.726  8.218   0.252   1.00 17.06 ? 87  ARG A NE  1 
ATOM   662  C CZ  . ARG A 1 87 ? -3.032  9.442   0.684   1.00 16.94 ? 87  ARG A CZ  1 
ATOM   663  N NH1 . ARG A 1 87 ? -3.619  9.604   1.858   1.00 18.75 ? 87  ARG A NH1 1 
ATOM   664  N NH2 . ARG A 1 87 ? -2.723  10.508  -0.049  1.00 17.45 ? 87  ARG A NH2 1 
ATOM   665  N N   . ASN A 1 88 ? 2.539   10.737  0.949   1.00 17.48 ? 88  ASN A N   1 
ATOM   666  C CA  . ASN A 1 88 ? 3.092   12.061  1.234   1.00 18.67 ? 88  ASN A CA  1 
ATOM   667  C C   . ASN A 1 88 ? 4.392   12.340  0.455   1.00 18.76 ? 88  ASN A C   1 
ATOM   668  O O   . ASN A 1 88 ? 4.621   13.449  -0.025  1.00 19.72 ? 88  ASN A O   1 
ATOM   669  C CB  . ASN A 1 88 ? 3.286   12.247  2.756   1.00 18.65 ? 88  ASN A CB  1 
ATOM   670  C CG  . ASN A 1 88 ? 4.514   11.543  3.276   1.00 18.52 ? 88  ASN A CG  1 
ATOM   671  O OD1 . ASN A 1 88 ? 4.598   10.316  3.240   1.00 18.33 ? 88  ASN A OD1 1 
ATOM   672  N ND2 . ASN A 1 88 ? 5.482   12.319  3.772   1.00 17.02 ? 88  ASN A ND2 1 
ATOM   673  N N   . LEU A 1 89 ? 5.235   11.332  0.316   1.00 18.53 ? 89  LEU A N   1 
ATOM   674  C CA  . LEU A 1 89 ? 6.472   11.496  -0.427  1.00 19.31 ? 89  LEU A CA  1 
ATOM   675  C C   . LEU A 1 89 ? 6.354   11.094  -1.898  1.00 17.97 ? 89  LEU A C   1 
ATOM   676  O O   . LEU A 1 89 ? 7.081   11.609  -2.755  1.00 17.11 ? 89  LEU A O   1 
ATOM   677  C CB  . LEU A 1 89 ? 7.643   10.774  0.271   1.00 19.22 ? 89  LEU A CB  1 
ATOM   678  C CG  . LEU A 1 89 ? 8.165   11.580  1.466   1.00 21.04 ? 89  LEU A CG  1 
ATOM   679  C CD1 . LEU A 1 89 ? 9.086   10.728  2.288   1.00 23.25 ? 89  LEU A CD1 1 
ATOM   680  C CD2 . LEU A 1 89 ? 8.901   12.867  0.977   1.00 20.55 ? 89  LEU A CD2 1 
ATOM   681  N N   . MET A 1 90 ? 5.451   10.168  -2.200  1.00 18.16 ? 90  MET A N   1 
ATOM   682  C CA  . MET A 1 90 ? 5.215   9.830   -3.608  1.00 18.63 ? 90  MET A CA  1 
ATOM   683  C C   . MET A 1 90 ? 4.657   11.036  -4.400  1.00 18.68 ? 90  MET A C   1 
ATOM   684  O O   . MET A 1 90 ? 5.055   11.259  -5.556  1.00 18.52 ? 90  MET A O   1 
ATOM   685  C CB  . MET A 1 90 ? 4.349   8.595   -3.784  1.00 18.65 ? 90  MET A CB  1 
ATOM   686  C CG  . MET A 1 90 ? 5.084   7.315   -3.479  1.00 20.01 ? 90  MET A CG  1 
ATOM   687  S SD  . MET A 1 90 ? 4.075   5.809   -3.727  1.00 23.79 ? 90  MET A SD  1 
ATOM   688  C CE  . MET A 1 90 ? 3.220   5.724   -2.229  1.00 18.96 ? 90  MET A CE  1 
ATOM   689  N N   . THR A 1 91 ? 3.817   11.855  -3.759  1.00 18.90 ? 91  THR A N   1 
ATOM   690  C CA  . THR A 1 91 ? 3.391   13.106  -4.399  1.00 19.54 ? 91  THR A CA  1 
ATOM   691  C C   . THR A 1 91 ? 4.586   13.999  -4.727  1.00 20.18 ? 91  THR A C   1 
ATOM   692  O O   . THR A 1 91 ? 4.624   14.632  -5.778  1.00 20.74 ? 91  THR A O   1 
ATOM   693  C CB  . THR A 1 91 ? 2.392   13.921  -3.559  1.00 20.29 ? 91  THR A CB  1 
ATOM   694  O OG1 . THR A 1 91 ? 2.991   14.307  -2.295  1.00 21.34 ? 91  THR A OG1 1 
ATOM   695  C CG2 . THR A 1 91 ? 1.106   13.103  -3.323  1.00 17.65 ? 91  THR A CG2 1 
ATOM   696  N N   . GLN A 1 92 ? 5.554   14.046  -3.827  1.00 19.83 ? 92  GLN A N   1 
ATOM   697  C CA  . GLN A 1 92 ? 6.698   14.947  -3.991  1.00 20.93 ? 92  GLN A CA  1 
ATOM   698  C C   . GLN A 1 92 ? 7.613   14.558  -5.143  1.00 20.98 ? 92  GLN A C   1 
ATOM   699  O O   . GLN A 1 92 ? 8.181   15.433  -5.811  1.00 20.94 ? 92  GLN A O   1 
ATOM   700  C CB  . GLN A 1 92 ? 7.508   15.037  -2.690  1.00 21.02 ? 92  GLN A CB  1 
ATOM   701  C CG  . GLN A 1 92 ? 6.742   15.556  -1.496  1.00 21.49 ? 92  GLN A CG  1 
ATOM   702  C CD  . GLN A 1 92 ? 6.183   16.943  -1.736  1.00 21.93 ? 92  GLN A CD  1 
ATOM   703  O OE1 . GLN A 1 92 ? 6.944   17.889  -1.947  1.00 22.81 ? 92  GLN A OE1 1 
ATOM   704  N NE2 . GLN A 1 92 ? 4.838   17.071  -1.733  1.00 20.26 ? 92  GLN A NE2 1 
ATOM   705  N N   . ILE A 1 93 ? 7.788   13.258  -5.365  1.00 21.05 ? 93  ILE A N   1 
ATOM   706  C CA  . ILE A 1 93 ? 8.603   12.766  -6.479  1.00 21.56 ? 93  ILE A CA  1 
ATOM   707  C C   . ILE A 1 93 ? 7.806   12.765  -7.803  1.00 21.72 ? 93  ILE A C   1 
ATOM   708  O O   . ILE A 1 93 ? 8.347   12.483  -8.886  1.00 22.91 ? 93  ILE A O   1 
ATOM   709  C CB  . ILE A 1 93 ? 9.241   11.343  -6.178  1.00 23.31 ? 93  ILE A CB  1 
ATOM   710  C CG1 . ILE A 1 93 ? 8.162   10.262  -6.036  1.00 22.36 ? 93  ILE A CG1 1 
ATOM   711  C CG2 . ILE A 1 93 ? 10.118  11.373  -4.907  1.00 21.11 ? 93  ILE A CG2 1 
ATOM   712  C CD1 . ILE A 1 93 ? 8.689   8.829   -6.072  1.00 25.20 ? 93  ILE A CD1 1 
ATOM   713  N N   . GLY A 1 94 ? 6.518   13.083  -7.717  1.00 21.92 ? 94  GLY A N   1 
ATOM   714  C CA  . GLY A 1 94 ? 5.643   13.138  -8.889  1.00 21.63 ? 94  GLY A CA  1 
ATOM   715  C C   . GLY A 1 94 ? 5.200   11.755  -9.332  1.00 22.17 ? 94  GLY A C   1 
ATOM   716  O O   . GLY A 1 94 ? 5.008   11.515  -10.526 1.00 22.35 ? 94  GLY A O   1 
ATOM   717  N N   . CYS A 1 95 ? 5.061   10.843  -8.373  1.00 22.12 ? 95  CYS A N   1 
ATOM   718  C CA  . CYS A 1 95 ? 4.697   9.447   -8.653  1.00 22.41 ? 95  CYS A CA  1 
ATOM   719  C C   . CYS A 1 95 ? 3.173   9.282   -8.821  1.00 22.10 ? 95  CYS A C   1 
ATOM   720  O O   . CYS A 1 95 ? 2.407   9.713   -7.958  1.00 21.13 ? 95  CYS A O   1 
ATOM   721  C CB  . CYS A 1 95 ? 5.224   8.534   -7.522  1.00 23.49 ? 95  CYS A CB  1 
ATOM   722  S SG  . CYS A 1 95 ? 4.943   6.738   -7.810  1.00 25.81 ? 95  CYS A SG  1 
ATOM   723  N N   . THR A 1 96 ? 2.746   8.649   -9.922  1.00 21.64 ? 96  THR A N   1 
ATOM   724  C CA  . THR A 1 96 ? 1.343   8.374   -10.178 1.00 21.49 ? 96  THR A CA  1 
ATOM   725  C C   . THR A 1 96 ? 1.122   6.902   -10.504 1.00 21.54 ? 96  THR A C   1 
ATOM   726  O O   . THR A 1 96 ? 2.047   6.190   -10.940 1.00 21.12 ? 96  THR A O   1 
ATOM   727  C CB  . THR A 1 96 ? 0.784   9.180   -11.404 1.00 22.05 ? 96  THR A CB  1 
ATOM   728  O OG1 . THR A 1 96 ? 1.574   8.896   -12.578 1.00 22.12 ? 96  THR A OG1 1 
ATOM   729  C CG2 . THR A 1 96 ? 0.739   10.672  -11.144 1.00 21.19 ? 96  THR A CG2 1 
ATOM   730  N N   . LEU A 1 97 ? -0.114  6.455   -10.303 1.00 20.73 ? 97  LEU A N   1 
ATOM   731  C CA  . LEU A 1 97 ? -0.556  5.160   -10.777 1.00 21.78 ? 97  LEU A CA  1 
ATOM   732  C C   . LEU A 1 97 ? -1.152  5.327   -12.179 1.00 22.33 ? 97  LEU A C   1 
ATOM   733  O O   . LEU A 1 97 ? -1.912  6.283   -12.442 1.00 22.92 ? 97  LEU A O   1 
ATOM   734  C CB  . LEU A 1 97 ? -1.585  4.551   -9.817  1.00 21.48 ? 97  LEU A CB  1 
ATOM   735  C CG  . LEU A 1 97 ? -1.156  4.143   -8.394  1.00 20.86 ? 97  LEU A CG  1 
ATOM   736  C CD1 . LEU A 1 97 ? -2.435  4.014   -7.543  1.00 18.44 ? 97  LEU A CD1 1 
ATOM   737  C CD2 . LEU A 1 97 ? -0.370  2.818   -8.478  1.00 20.69 ? 97  LEU A CD2 1 
ATOM   738  N N   . ASN A 1 98 ? -0.804  4.416   -13.074 1.00 22.05 ? 98  ASN A N   1 
ATOM   739  C CA  . ASN A 1 98 ? -1.235  4.546   -14.477 1.00 23.39 ? 98  ASN A CA  1 
ATOM   740  C C   . ASN A 1 98 ? -1.689  3.219   -15.040 1.00 23.22 ? 98  ASN A C   1 
ATOM   741  O O   . ASN A 1 98 ? -0.988  2.212   -14.898 1.00 22.68 ? 98  ASN A O   1 
ATOM   742  C CB  . ASN A 1 98 ? -0.096  5.084   -15.365 1.00 22.93 ? 98  ASN A CB  1 
ATOM   743  C CG  . ASN A 1 98 ? 0.339   6.477   -14.983 1.00 25.76 ? 98  ASN A CG  1 
ATOM   744  O OD1 . ASN A 1 98 ? 1.084   6.678   -14.026 1.00 29.92 ? 98  ASN A OD1 1 
ATOM   745  N ND2 . ASN A 1 98 ? -0.097  7.441   -15.745 1.00 28.36 ? 98  ASN A ND2 1 
ATOM   746  N N   . PHE A 1 99 ? -2.847  3.227   -15.693 1.00 24.19 ? 99  PHE A N   1 
ATOM   747  C CA  . PHE A 1 99 ? -3.324  2.055   -16.435 1.00 25.54 ? 99  PHE A CA  1 
ATOM   748  C C   . PHE A 1 99 ? -4.302  2.407   -17.562 1.00 26.61 ? 99  PHE A C   1 
ATOM   749  O O   . PHE A 1 99 ? -4.732  3.554   -17.711 1.00 26.99 ? 99  PHE A O   1 
ATOM   750  C CB  . PHE A 1 99 ? -3.925  0.982   -15.504 1.00 24.91 ? 99  PHE A CB  1 
ATOM   751  C CG  . PHE A 1 99 ? -5.086  1.453   -14.677 1.00 28.91 ? 99  PHE A CG  1 
ATOM   752  C CD1 . PHE A 1 99 ? -4.877  2.164   -13.492 1.00 29.90 ? 99  PHE A CD1 1 
ATOM   753  C CD2 . PHE A 1 99 ? -6.392  1.152   -15.057 1.00 31.86 ? 99  PHE A CD2 1 
ATOM   754  C CE1 . PHE A 1 99 ? -5.941  2.576   -12.702 1.00 31.27 ? 99  PHE A CE1 1 
ATOM   755  C CE2 . PHE A 1 99 ? -7.478  1.561   -14.272 1.00 32.73 ? 99  PHE A CE2 1 
ATOM   756  C CZ  . PHE A 1 99 ? -7.251  2.277   -13.097 1.00 33.49 ? 99  PHE A CZ  1 
ATOM   757  O OXT . PHE A 1 99 ? -4.716  1.532   -18.313 1.00 27.24 ? 99  PHE A OXT 1 
ATOM   758  C CA  . PRO B 1 1  ? -6.182  6.862   -16.296 1.00 32.51 ? 1   PRO B CA  1 
ATOM   759  C C   . PRO B 1 1  ? -4.866  7.062   -15.545 1.00 31.75 ? 1   PRO B C   1 
ATOM   760  O O   . PRO B 1 1  ? -4.187  6.109   -15.239 1.00 31.78 ? 1   PRO B O   1 
ATOM   761  C CB  . PRO B 1 1  ? -7.356  7.096   -15.342 1.00 33.38 ? 1   PRO B CB  1 
ATOM   762  C CG  . PRO B 1 1  ? -7.661  5.721   -14.770 1.00 33.53 ? 1   PRO B CG  1 
ATOM   763  C CD  . PRO B 1 1  ? -7.378  4.758   -15.914 1.00 32.71 ? 1   PRO B CD  1 
ATOM   764  N N   . GLN B 1 2  ? -4.525  8.310   -15.242 1.00 30.67 ? 2   GLN B N   1 
ATOM   765  C CA  . GLN B 1 2  ? -3.385  8.602   -14.388 1.00 29.79 ? 2   GLN B CA  1 
ATOM   766  C C   . GLN B 1 2  ? -3.984  9.100   -13.073 1.00 28.68 ? 2   GLN B C   1 
ATOM   767  O O   . GLN B 1 2  ? -4.819  10.014  -13.091 1.00 29.28 ? 2   GLN B O   1 
ATOM   768  C CB  . GLN B 1 2  ? -2.458  9.634   -15.056 1.00 29.94 ? 2   GLN B CB  1 
ATOM   769  C CG  . GLN B 1 2  ? -1.344  10.204  -14.161 1.00 32.60 ? 2   GLN B CG  1 
ATOM   770  C CD  . GLN B 1 2  ? -0.310  11.015  -14.927 1.00 36.19 ? 2   GLN B CD  1 
ATOM   771  O OE1 . GLN B 1 2  ? -0.278  12.236  -14.829 1.00 39.33 ? 2   GLN B OE1 1 
ATOM   772  N NE2 . GLN B 1 2  ? 0.530   10.337  -15.703 1.00 37.55 ? 2   GLN B NE2 1 
ATOM   773  N N   . ILE B 1 3  ? -3.624  8.442   -11.960 1.00 26.54 ? 3   ILE B N   1 
ATOM   774  C CA  . ILE B 1 3  ? -4.112  8.768   -10.603 1.00 23.62 ? 3   ILE B CA  1 
ATOM   775  C C   . ILE B 1 3  ? -2.945  9.350   -9.782  1.00 23.65 ? 3   ILE B C   1 
ATOM   776  O O   . ILE B 1 3  ? -1.926  8.682   -9.554  1.00 21.94 ? 3   ILE B O   1 
ATOM   777  C CB  . ILE B 1 3  ? -4.793  7.529   -9.898  1.00 23.66 ? 3   ILE B CB  1 
ATOM   778  C CG1 . ILE B 1 3  ? -6.004  7.037   -10.717 1.00 20.54 ? 3   ILE B CG1 1 
ATOM   779  C CG2 . ILE B 1 3  ? -5.280  7.854   -8.440  1.00 23.18 ? 3   ILE B CG2 1 
ATOM   780  C CD1 . ILE B 1 3  ? -6.588  5.729   -10.268 1.00 20.83 ? 3   ILE B CD1 1 
ATOM   781  N N   . THR B 1 4  ? -3.087  10.623  -9.387  1.00 23.02 ? 4   THR B N   1 
ATOM   782  C CA  . THR B 1 4  ? -2.136  11.269  -8.476  1.00 22.34 ? 4   THR B CA  1 
ATOM   783  C C   . THR B 1 4  ? -2.445  10.827  -7.043  1.00 21.21 ? 4   THR B C   1 
ATOM   784  O O   . THR B 1 4  ? -3.538  10.320  -6.761  1.00 21.08 ? 4   THR B O   1 
ATOM   785  C CB  . THR B 1 4  ? -2.150  12.852  -8.580  1.00 21.99 ? 4   THR B CB  1 
ATOM   786  O OG1 . THR B 1 4  ? -3.452  13.352  -8.295  1.00 21.41 ? 4   THR B OG1 1 
ATOM   787  C CG2 . THR B 1 4  ? -1.747  13.333  -9.952  1.00 24.58 ? 4   THR B CG2 1 
ATOM   788  N N   . LEU B 1 5  ? -1.481  11.014  -6.143  1.00 20.70 ? 5   LEU B N   1 
ATOM   789  C CA  . LEU B 1 5  ? -1.551  10.411  -4.816  1.00 19.57 ? 5   LEU B CA  1 
ATOM   790  C C   . LEU B 1 5  ? -1.731  11.423  -3.675  1.00 19.48 ? 5   LEU B C   1 
ATOM   791  O O   . LEU B 1 5  ? -1.401  11.124  -2.526  1.00 18.72 ? 5   LEU B O   1 
ATOM   792  C CB  . LEU B 1 5  ? -0.340  9.496   -4.597  1.00 19.22 ? 5   LEU B CB  1 
ATOM   793  C CG  . LEU B 1 5  ? -0.363  8.305   -5.580  1.00 18.24 ? 5   LEU B CG  1 
ATOM   794  C CD1 . LEU B 1 5  ? 1.013   7.703   -5.723  1.00 18.55 ? 5   LEU B CD1 1 
ATOM   795  C CD2 . LEU B 1 5  ? -1.397  7.264   -5.056  1.00 17.17 ? 5   LEU B CD2 1 
ATOM   796  N N   . TRP B 1 6  ? -2.317  12.589  -3.988  1.00 18.85 ? 6   TRP B N   1 
ATOM   797  C CA  . TRP B 1 6  ? -2.592  13.588  -2.944  1.00 19.56 ? 6   TRP B CA  1 
ATOM   798  C C   . TRP B 1 6  ? -3.736  13.128  -2.060  1.00 19.36 ? 6   TRP B C   1 
ATOM   799  O O   . TRP B 1 6  ? -3.830  13.531  -0.910  1.00 19.78 ? 6   TRP B O   1 
ATOM   800  C CB  . TRP B 1 6  ? -2.985  14.926  -3.585  1.00 20.13 ? 6   TRP B CB  1 
ATOM   801  C CG  . TRP B 1 6  ? -1.929  15.458  -4.493  1.00 20.47 ? 6   TRP B CG  1 
ATOM   802  C CD1 . TRP B 1 6  ? -1.864  15.312  -5.816  1.00 21.04 ? 6   TRP B CD1 1 
ATOM   803  C CD2 . TRP B 1 6  ? -0.783  16.222  -4.105  1.00 21.37 ? 6   TRP B CD2 1 
ATOM   804  N NE1 . TRP B 1 6  ? -0.754  15.961  -6.315  1.00 24.90 ? 6   TRP B NE1 1 
ATOM   805  C CE2 . TRP B 1 6  ? -0.083  16.542  -5.276  1.00 22.66 ? 6   TRP B CE2 1 
ATOM   806  C CE3 . TRP B 1 6  ? -0.315  16.705  -2.889  1.00 23.02 ? 6   TRP B CE3 1 
ATOM   807  C CZ2 . TRP B 1 6  ? 1.104   17.287  -5.265  1.00 23.63 ? 6   TRP B CZ2 1 
ATOM   808  C CZ3 . TRP B 1 6  ? 0.875   17.465  -2.880  1.00 23.28 ? 6   TRP B CZ3 1 
ATOM   809  C CH2 . TRP B 1 6  ? 1.546   17.743  -4.047  1.00 22.98 ? 6   TRP B CH2 1 
ATOM   810  N N   . GLN B 1 7  ? -4.613  12.287  -2.618  1.00 19.37 ? 7   GLN B N   1 
ATOM   811  C CA  . GLN B 1 7  ? -5.668  11.626  -1.837  1.00 20.13 ? 7   GLN B CA  1 
ATOM   812  C C   . GLN B 1 7  ? -5.480  10.111  -1.944  1.00 19.18 ? 7   GLN B C   1 
ATOM   813  O O   . GLN B 1 7  ? -4.720  9.621   -2.799  1.00 19.07 ? 7   GLN B O   1 
ATOM   814  C CB  . GLN B 1 7  ? -7.069  12.016  -2.336  1.00 20.79 ? 7   GLN B CB  1 
ATOM   815  C CG  . GLN B 1 7  ? -7.309  13.525  -2.428  1.00 25.61 ? 7   GLN B CG  1 
ATOM   816  C CD  . GLN B 1 7  ? -8.749  13.879  -2.727  1.00 32.63 ? 7   GLN B CD  1 
ATOM   817  O OE1 . GLN B 1 7  ? -9.069  14.321  -3.836  1.00 36.92 ? 7   GLN B OE1 1 
ATOM   818  N NE2 . GLN B 1 7  ? -9.635  13.695  -1.735  1.00 33.94 ? 7   GLN B NE2 1 
ATOM   819  N N   . ARG B 1 8  ? -6.217  9.369   -1.120  1.00 19.32 ? 8   ARG B N   1 
ATOM   820  C CA  . ARG B 1 8  ? -6.207  7.912   -1.201  1.00 19.62 ? 8   ARG B CA  1 
ATOM   821  C C   . ARG B 1 8  ? -6.773  7.432   -2.538  1.00 18.73 ? 8   ARG B C   1 
ATOM   822  O O   . ARG B 1 8  ? -7.846  7.925   -2.976  1.00 19.05 ? 8   ARG B O   1 
ATOM   823  C CB  . ARG B 1 8  ? -6.971  7.309   -0.021  1.00 19.80 ? 8   ARG B CB  1 
ATOM   824  C CG  . ARG B 1 8  ? -6.368  7.629   1.326   1.00 22.76 ? 8   ARG B CG  1 
ATOM   825  C CD  . ARG B 1 8  ? -7.211  7.052   2.439   1.00 28.41 ? 8   ARG B CD  1 
ATOM   826  N NE  . ARG B 1 8  ? -6.588  7.229   3.762   1.00 34.89 ? 8   ARG B NE  1 
ATOM   827  C CZ  . ARG B 1 8  ? -7.208  6.996   4.926   1.00 38.32 ? 8   ARG B CZ  1 
ATOM   828  N NH1 . ARG B 1 8  ? -8.478  6.576   4.933   1.00 38.90 ? 8   ARG B NH1 1 
ATOM   829  N NH2 . ARG B 1 8  ? -6.569  7.176   6.087   1.00 38.36 ? 8   ARG B NH2 1 
ATOM   830  N N   . PRO B 1 9  ? -6.058  6.508   -3.227  1.00 18.93 ? 9   PRO B N   1 
ATOM   831  C CA  . PRO B 1 9  ? -6.488  6.078   -4.555  1.00 19.66 ? 9   PRO B CA  1 
ATOM   832  C C   . PRO B 1 9  ? -7.630  5.059   -4.508  1.00 21.31 ? 9   PRO B C   1 
ATOM   833  O O   . PRO B 1 9  ? -7.447  3.857   -4.806  1.00 21.17 ? 9   PRO B O   1 
ATOM   834  C CB  . PRO B 1 9  ? -5.213  5.500   -5.175  1.00 19.78 ? 9   PRO B CB  1 
ATOM   835  C CG  . PRO B 1 9  ? -4.456  4.965   -3.977  1.00 19.49 ? 9   PRO B CG  1 
ATOM   836  C CD  . PRO B 1 9  ? -4.783  5.874   -2.827  1.00 19.15 ? 9   PRO B CD  1 
ATOM   837  N N   . ILE B 1 10 ? -8.810  5.568   -4.158  1.00 22.03 ? 10  ILE B N   1 
ATOM   838  C CA  . ILE B 1 10 ? -10.018 4.742   -4.046  1.00 23.38 ? 10  ILE B CA  1 
ATOM   839  C C   . ILE B 1 10 ? -10.711 4.757   -5.399  1.00 23.54 ? 10  ILE B C   1 
ATOM   840  O O   . ILE B 1 10 ? -10.845 5.813   -6.057  1.00 22.85 ? 10  ILE B O   1 
ATOM   841  C CB  . ILE B 1 10 ? -10.892 5.148   -2.823  1.00 23.16 ? 10  ILE B CB  1 
ATOM   842  C CG1 . ILE B 1 10 ? -10.114 4.846   -1.536  1.00 24.61 ? 10  ILE B CG1 1 
ATOM   843  C CG2 . ILE B 1 10 ? -12.246 4.343   -2.742  1.00 25.39 ? 10  ILE B CG2 1 
ATOM   844  C CD1 . ILE B 1 10 ? -10.326 5.824   -0.439  1.00 27.41 ? 10  ILE B CD1 1 
ATOM   845  N N   . VAL B 1 11 ? -11.059 3.559   -5.845  1.00 23.02 ? 11  VAL B N   1 
ATOM   846  C CA  . VAL B 1 11 ? -11.734 3.359   -7.110  1.00 23.38 ? 11  VAL B CA  1 
ATOM   847  C C   . VAL B 1 11 ? -12.970 2.492   -6.913  1.00 24.39 ? 11  VAL B C   1 
ATOM   848  O O   . VAL B 1 11 ? -13.117 1.810   -5.866  1.00 24.21 ? 11  VAL B O   1 
ATOM   849  C CB  . VAL B 1 11 ? -10.808 2.737   -8.215  1.00 23.92 ? 11  VAL B CB  1 
ATOM   850  C CG1 . VAL B 1 11 ? -9.649  3.721   -8.608  1.00 23.74 ? 11  VAL B CG1 1 
ATOM   851  C CG2 . VAL B 1 11 ? -10.299 1.307   -7.841  1.00 22.85 ? 11  VAL B CG2 1 
ATOM   852  N N   . THR B 1 12 ? -13.844 2.545   -7.921  1.00 24.49 ? 12  THR B N   1 
ATOM   853  C CA  . THR B 1 12 ? -15.017 1.692   -8.035  1.00 25.26 ? 12  THR B CA  1 
ATOM   854  C C   . THR B 1 12 ? -14.674 0.390   -8.738  1.00 24.93 ? 12  THR B C   1 
ATOM   855  O O   . THR B 1 12 ? -13.933 0.366   -9.713  1.00 24.99 ? 12  THR B O   1 
ATOM   856  C CB  . THR B 1 12 ? -16.142 2.413   -8.829  1.00 25.69 ? 12  THR B CB  1 
ATOM   857  O OG1 . THR B 1 12 ? -16.484 3.615   -8.145  1.00 26.91 ? 12  THR B OG1 1 
ATOM   858  C CG2 . THR B 1 12 ? -17.397 1.553   -8.931  1.00 27.51 ? 12  THR B CG2 1 
ATOM   859  N N   . ILE B 1 13 ? -15.225 -0.691  -8.209  1.00 24.20 ? 13  ILE B N   1 
ATOM   860  C CA  . ILE B 1 13 ? -15.006 -2.029  -8.710  1.00 26.00 ? 13  ILE B CA  1 
ATOM   861  C C   . ILE B 1 13 ? -16.361 -2.713  -8.801  1.00 26.75 ? 13  ILE B C   1 
ATOM   862  O O   . ILE B 1 13 ? -17.276 -2.412  -8.011  1.00 26.98 ? 13  ILE B O   1 
ATOM   863  C CB  . ILE B 1 13 ? -14.064 -2.863  -7.769  1.00 25.51 ? 13  ILE B CB  1 
ATOM   864  C CG1 . ILE B 1 13 ? -14.769 -3.218  -6.443  1.00 26.52 ? 13  ILE B CG1 1 
ATOM   865  C CG2 . ILE B 1 13 ? -12.717 -2.128  -7.564  1.00 24.86 ? 13  ILE B CG2 1 
ATOM   866  C CD1 . ILE B 1 13 ? -14.036 -4.194  -5.545  1.00 25.91 ? 13  ILE B CD1 1 
ATOM   867  N N   . LYS B 1 14 ? -16.483 -3.649  -9.732  1.00 27.31 ? 14  LYS B N   1 
ATOM   868  C CA  . LYS B 1 14 ? -17.659 -4.507  -9.760  1.00 28.62 ? 14  LYS B CA  1 
ATOM   869  C C   . LYS B 1 14 ? -17.245 -5.948  -9.519  1.00 28.41 ? 14  LYS B C   1 
ATOM   870  O O   . LYS B 1 14 ? -16.338 -6.466  -10.179 1.00 27.89 ? 14  LYS B O   1 
ATOM   871  C CB  . LYS B 1 14 ? -18.419 -4.331  -11.077 1.00 29.13 ? 14  LYS B CB  1 
ATOM   872  C CG  . LYS B 1 14 ? -18.819 -2.877  -11.311 1.00 32.96 ? 14  LYS B CG  1 
ATOM   873  C CD  . LYS B 1 14 ? -18.862 -2.476  -12.790 1.00 38.43 ? 14  LYS B CD  1 
ATOM   874  C CE  . LYS B 1 14 ? -20.216 -2.726  -13.405 1.00 40.52 ? 14  LYS B CE  1 
ATOM   875  N NZ  . LYS B 1 14 ? -20.657 -4.066  -12.991 1.00 44.59 ? 14  LYS B NZ  1 
ATOM   876  N N   . ILE B 1 15 ? -17.878 -6.581  -8.539  1.00 28.13 ? 15  ILE B N   1 
ATOM   877  C CA  . ILE B 1 15 ? -17.566 -7.964  -8.206  1.00 28.63 ? 15  ILE B CA  1 
ATOM   878  C C   . ILE B 1 15 ? -18.787 -8.698  -7.651  1.00 29.88 ? 15  ILE B C   1 
ATOM   879  O O   . ILE B 1 15 ? -19.528 -8.135  -6.860  1.00 30.25 ? 15  ILE B O   1 
ATOM   880  C CB  . ILE B 1 15 ? -16.406 -8.085  -7.179  1.00 28.67 ? 15  ILE B CB  1 
ATOM   881  C CG1 . ILE B 1 15 ? -15.976 -9.558  -7.054  1.00 29.12 ? 15  ILE B CG1 1 
ATOM   882  C CG2 . ILE B 1 15 ? -16.749 -7.390  -5.835  1.00 27.67 ? 15  ILE B CG2 1 
ATOM   883  C CD1 . ILE B 1 15 ? -14.614 -9.771  -6.519  1.00 30.03 ? 15  ILE B CD1 1 
ATOM   884  N N   . GLY B 1 16 ? -18.965 -9.951  -8.066  1.00 31.32 ? 16  GLY B N   1 
ATOM   885  C CA  . GLY B 1 16 ? -20.065 -10.790 -7.589  1.00 33.08 ? 16  GLY B CA  1 
ATOM   886  C C   . GLY B 1 16 ? -21.436 -10.156 -7.736  1.00 33.54 ? 16  GLY B C   1 
ATOM   887  O O   . GLY B 1 16 ? -22.289 -10.353 -6.888  1.00 34.36 ? 16  GLY B O   1 
ATOM   888  N N   . GLY B 1 17 ? -21.629 -9.370  -8.793  1.00 34.52 ? 17  GLY B N   1 
ATOM   889  C CA  . GLY B 1 17 ? -22.878 -8.635  -9.016  1.00 35.09 ? 17  GLY B CA  1 
ATOM   890  C C   . GLY B 1 17 ? -23.120 -7.407  -8.129  1.00 36.20 ? 17  GLY B C   1 
ATOM   891  O O   . GLY B 1 17 ? -24.272 -6.953  -7.984  1.00 36.46 ? 17  GLY B O   1 
ATOM   892  N N   . GLN B 1 18 ? -22.060 -6.864  -7.526  1.00 35.69 ? 18  GLN B N   1 
ATOM   893  C CA  . GLN B 1 18 ? -22.183 -5.697  -6.620  1.00 36.11 ? 18  GLN B CA  1 
ATOM   894  C C   . GLN B 1 18 ? -21.211 -4.573  -7.011  1.00 35.65 ? 18  GLN B C   1 
ATOM   895  O O   . GLN B 1 18 ? -20.127 -4.842  -7.517  1.00 35.45 ? 18  GLN B O   1 
ATOM   896  C CB  . GLN B 1 18 ? -21.921 -6.127  -5.174  1.00 36.33 ? 18  GLN B CB  1 
ATOM   897  C CG  . GLN B 1 18 ? -22.932 -7.156  -4.620  1.00 39.77 ? 18  GLN B CG  1 
ATOM   898  C CD  . GLN B 1 18 ? -22.415 -7.914  -3.390  1.00 43.63 ? 18  GLN B CD  1 
ATOM   899  O OE1 . GLN B 1 18 ? -22.492 -7.416  -2.256  1.00 47.68 ? 18  GLN B OE1 1 
ATOM   900  N NE2 . GLN B 1 18 ? -21.916 -9.135  -3.605  1.00 44.42 ? 18  GLN B NE2 1 
ATOM   901  N N   . LEU B 1 19 ? -21.597 -3.322  -6.787  1.00 35.59 ? 19  LEU B N   1 
ATOM   902  C CA  . LEU B 1 19 ? -20.677 -2.194  -6.950  1.00 35.99 ? 19  LEU B CA  1 
ATOM   903  C C   . LEU B 1 19 ? -20.052 -1.867  -5.602  1.00 35.52 ? 19  LEU B C   1 
ATOM   904  O O   . LEU B 1 19 ? -20.782 -1.664  -4.618  1.00 35.61 ? 19  LEU B O   1 
ATOM   905  C CB  . LEU B 1 19 ? -21.385 -0.946  -7.483  1.00 36.54 ? 19  LEU B CB  1 
ATOM   906  C CG  . LEU B 1 19 ? -21.482 -0.672  -8.977  1.00 38.06 ? 19  LEU B CG  1 
ATOM   907  C CD1 . LEU B 1 19 ? -22.319 0.577   -9.186  1.00 39.43 ? 19  LEU B CD1 1 
ATOM   908  C CD2 . LEU B 1 19 ? -20.113 -0.469  -9.592  1.00 39.68 ? 19  LEU B CD2 1 
ATOM   909  N N   . LYS B 1 20 ? -18.717 -1.817  -5.557  1.00 33.78 ? 20  LYS B N   1 
ATOM   910  C CA  . LYS B 1 20 ? -17.984 -1.520  -4.321  1.00 32.21 ? 20  LYS B CA  1 
ATOM   911  C C   . LYS B 1 20 ? -16.879 -0.483  -4.562  1.00 31.10 ? 20  LYS B C   1 
ATOM   912  O O   . LYS B 1 20 ? -16.612 -0.130  -5.697  1.00 30.71 ? 20  LYS B O   1 
ATOM   913  C CB  . LYS B 1 20 ? -17.387 -2.789  -3.717  1.00 32.43 ? 20  LYS B CB  1 
ATOM   914  C CG  . LYS B 1 20 ? -18.377 -3.923  -3.516  1.00 33.21 ? 20  LYS B CG  1 
ATOM   915  C CD  . LYS B 1 20 ? -18.055 -4.729  -2.285  1.00 36.29 ? 20  LYS B CD  1 
ATOM   916  C CE  . LYS B 1 20 ? -19.250 -5.605  -1.864  1.00 37.41 ? 20  LYS B CE  1 
ATOM   917  N NZ  . LYS B 1 20 ? -20.417 -4.773  -1.410  1.00 40.07 ? 20  LYS B NZ  1 
ATOM   918  N N   . GLU B 1 21 ? -16.274 -0.003  -3.476  1.00 29.88 ? 21  GLU B N   1 
ATOM   919  C CA  . GLU B 1 21 ? -15.136 0.918   -3.482  1.00 29.08 ? 21  GLU B CA  1 
ATOM   920  C C   . GLU B 1 21 ? -13.963 0.176   -2.869  1.00 26.76 ? 21  GLU B C   1 
ATOM   921  O O   . GLU B 1 21 ? -14.135 -0.580  -1.902  1.00 25.62 ? 21  GLU B O   1 
ATOM   922  C CB  . GLU B 1 21 ? -15.413 2.146   -2.609  1.00 30.22 ? 21  GLU B CB  1 
ATOM   923  C CG  . GLU B 1 21 ? -16.626 2.951   -2.997  1.00 35.04 ? 21  GLU B CG  1 
ATOM   924  C CD  . GLU B 1 21 ? -16.291 3.995   -4.021  1.00 42.57 ? 21  GLU B CD  1 
ATOM   925  O OE1 . GLU B 1 21 ? -15.912 5.111   -3.602  1.00 45.95 ? 21  GLU B OE1 1 
ATOM   926  O OE2 . GLU B 1 21 ? -16.408 3.706   -5.240  1.00 46.36 ? 21  GLU B OE2 1 
ATOM   927  N N   . ALA B 1 22 ? -12.777 0.390   -3.427  1.00 24.13 ? 22  ALA B N   1 
ATOM   928  C CA  . ALA B 1 22 ? -11.591 -0.286  -2.937  1.00 22.00 ? 22  ALA B CA  1 
ATOM   929  C C   . ALA B 1 22 ? -10.335 0.581   -3.131  1.00 21.14 ? 22  ALA B C   1 
ATOM   930  O O   . ALA B 1 22 ? -10.280 1.403   -4.043  1.00 20.40 ? 22  ALA B O   1 
ATOM   931  C CB  . ALA B 1 22 ? -11.452 -1.662  -3.626  1.00 21.35 ? 22  ALA B CB  1 
ATOM   932  N N   . LEU B 1 23 ? -9.343  0.382   -2.261  1.00 21.31 ? 23  LEU B N   1 
ATOM   933  C CA  . LEU B 1 23 ? -8.088  1.140   -2.280  1.00 21.11 ? 23  LEU B CA  1 
ATOM   934  C C   . LEU B 1 23 ? -7.038  0.399   -3.149  1.00 21.33 ? 23  LEU B C   1 
ATOM   935  O O   . LEU B 1 23 ? -6.762  -0.783  -2.876  1.00 20.61 ? 23  LEU B O   1 
ATOM   936  C CB  . LEU B 1 23 ? -7.544  1.316   -0.853  1.00 22.21 ? 23  LEU B CB  1 
ATOM   937  C CG  . LEU B 1 23 ? -6.396  2.308   -0.570  1.00 25.09 ? 23  LEU B CG  1 
ATOM   938  C CD1 . LEU B 1 23 ? -6.262  2.510   0.906   1.00 31.67 ? 23  LEU B CD1 1 
ATOM   939  C CD2 . LEU B 1 23 ? -5.109  1.727   -1.004  1.00 29.55 ? 23  LEU B CD2 1 
ATOM   940  N N   . LEU B 1 24 ? -6.472  1.111   -4.144  1.00 20.03 ? 24  LEU B N   1 
ATOM   941  C CA  . LEU B 1 24 ? -5.336  0.657   -4.970  1.00 20.01 ? 24  LEU B CA  1 
ATOM   942  C C   . LEU B 1 24 ? -4.067  0.733   -4.127  1.00 19.07 ? 24  LEU B C   1 
ATOM   943  O O   . LEU B 1 24 ? -3.521  1.833   -3.886  1.00 19.56 ? 24  LEU B O   1 
ATOM   944  C CB  . LEU B 1 24 ? -5.176  1.502   -6.245  1.00 20.53 ? 24  LEU B CB  1 
ATOM   945  C CG  . LEU B 1 24 ? -6.272  1.483   -7.322  1.00 20.57 ? 24  LEU B CG  1 
ATOM   946  C CD1 . LEU B 1 24 ? -5.948  2.380   -8.498  1.00 20.49 ? 24  LEU B CD1 1 
ATOM   947  C CD2 . LEU B 1 24 ? -6.567  0.049   -7.810  1.00 20.99 ? 24  LEU B CD2 1 
ATOM   948  N N   . ASN B 1 25 ? -3.633  -0.441  -3.669  1.00 17.07 ? 25  ASN B N   1 
ATOM   949  C CA  . ASN B 1 25 ? -2.644  -0.602  -2.618  1.00 17.82 ? 25  ASN B CA  1 
ATOM   950  C C   . ASN B 1 25 ? -1.393  -1.386  -3.058  1.00 17.34 ? 25  ASN B C   1 
ATOM   951  O O   . ASN B 1 25 ? -1.348  -2.626  -3.004  1.00 17.37 ? 25  ASN B O   1 
ATOM   952  C CB  . ASN B 1 25 ? -3.284  -1.259  -1.377  1.00 16.68 ? 25  ASN B CB  1 
ATOM   953  C CG  . ASN B 1 25 ? -2.394  -1.170  -0.152  1.00 18.96 ? 25  ASN B CG  1 
ATOM   954  O OD1 . ASN B 1 25 ? -1.230  -0.848  -0.261  1.00 17.27 ? 25  ASN B OD1 1 
ATOM   955  N ND2 . ASN B 1 25 ? -2.941  -1.483  1.023   1.00 20.71 ? 25  ASN B ND2 1 
ATOM   956  N N   . THR B 1 26 ? -0.380  -0.653  -3.520  1.00 17.75 ? 26  THR B N   1 
ATOM   957  C CA  . THR B 1 26 ? 0.837   -1.268  -4.013  1.00 17.79 ? 26  THR B CA  1 
ATOM   958  C C   . THR B 1 26 ? 1.643   -1.940  -2.878  1.00 18.44 ? 26  THR B C   1 
ATOM   959  O O   . THR B 1 26 ? 2.548   -2.728  -3.145  1.00 19.19 ? 26  THR B O   1 
ATOM   960  C CB  . THR B 1 26 ? 1.727   -0.232  -4.774  1.00 17.62 ? 26  THR B CB  1 
ATOM   961  O OG1 . THR B 1 26 ? 2.134   0.818   -3.884  1.00 16.56 ? 26  THR B OG1 1 
ATOM   962  C CG2 . THR B 1 26 ? 0.956   0.374   -6.006  1.00 18.18 ? 26  THR B CG2 1 
ATOM   963  N N   . GLY B 1 27 ? 1.346   -1.586  -1.626  1.00 17.71 ? 27  GLY B N   1 
ATOM   964  C CA  . GLY B 1 27 ? 1.952   -2.229  -0.482  1.00 18.70 ? 27  GLY B CA  1 
ATOM   965  C C   . GLY B 1 27 ? 1.325   -3.563  -0.113  1.00 19.43 ? 27  GLY B C   1 
ATOM   966  O O   . GLY B 1 27 ? 1.832   -4.265  0.743   1.00 20.14 ? 27  GLY B O   1 
ATOM   967  N N   . ALA B 1 28 ? 0.241   -3.939  -0.781  1.00 18.72 ? 28  ALA B N   1 
ATOM   968  C CA  . ALA B 1 28 ? -0.454  -5.188  -0.478  1.00 19.49 ? 28  ALA B CA  1 
ATOM   969  C C   . ALA B 1 28 ? -0.207  -6.224  -1.560  1.00 19.15 ? 28  ALA B C   1 
ATOM   970  O O   . ALA B 1 28 ? -0.345  -5.935  -2.757  1.00 17.80 ? 28  ALA B O   1 
ATOM   971  C CB  . ALA B 1 28 ? -1.979  -4.927  -0.344  1.00 18.98 ? 28  ALA B CB  1 
ATOM   972  N N   . ASP B 1 29 ? 0.148   -7.444  -1.151  1.00 19.18 ? 29  ASP B N   1 
ATOM   973  C CA  . ASP B 1 29 ? 0.377   -8.518  -2.131  1.00 20.73 ? 29  ASP B CA  1 
ATOM   974  C C   . ASP B 1 29 ? -0.919  -8.955  -2.778  1.00 20.32 ? 29  ASP B C   1 
ATOM   975  O O   . ASP B 1 29 ? -0.965  -9.223  -3.975  1.00 19.81 ? 29  ASP B O   1 
ATOM   976  C CB  . ASP B 1 29 ? 1.060   -9.735  -1.497  1.00 21.84 ? 29  ASP B CB  1 
ATOM   977  C CG  . ASP B 1 29 ? 2.475   -9.434  -0.968  1.00 22.90 ? 29  ASP B CG  1 
ATOM   978  O OD1 . ASP B 1 29 ? 2.934   -10.227 -0.125  1.00 26.86 ? 29  ASP B OD1 1 
ATOM   979  O OD2 . ASP B 1 29 ? 3.123   -8.419  -1.346  1.00 23.61 ? 29  ASP B OD2 1 
ATOM   980  N N   . ASP B 1 30 ? -1.966  -9.040  -1.955  1.00 20.33 ? 30  ASP B N   1 
ATOM   981  C CA  . ASP B 1 30 ? -3.210  -9.696  -2.308  1.00 20.86 ? 30  ASP B CA  1 
ATOM   982  C C   . ASP B 1 30 ? -4.354  -8.709  -2.194  1.00 20.76 ? 30  ASP B C   1 
ATOM   983  O O   . ASP B 1 30 ? -4.241  -7.646  -1.547  1.00 21.80 ? 30  ASP B O   1 
ATOM   984  C CB  . ASP B 1 30 ? -3.510  -10.879 -1.360  1.00 21.74 ? 30  ASP B CB  1 
ATOM   985  C CG  . ASP B 1 30 ? -2.346  -11.864 -1.238  1.00 24.52 ? 30  ASP B CG  1 
ATOM   986  O OD1 . ASP B 1 30 ? -1.937  -12.162 -0.094  1.00 27.97 ? 30  ASP B OD1 1 
ATOM   987  O OD2 . ASP B 1 30 ? -1.842  -12.338 -2.274  1.00 29.74 ? 30  ASP B OD2 1 
ATOM   988  N N   . THR B 1 31 ? -5.458  -9.089  -2.816  1.00 19.65 ? 31  THR B N   1 
ATOM   989  C CA  . THR B 1 31 ? -6.668  -8.325  -2.843  1.00 18.98 ? 31  THR B CA  1 
ATOM   990  C C   . THR B 1 31 ? -7.604  -8.905  -1.781  1.00 19.58 ? 31  THR B C   1 
ATOM   991  O O   . THR B 1 31 ? -7.898  -10.098 -1.776  1.00 18.78 ? 31  THR B O   1 
ATOM   992  C CB  . THR B 1 31 ? -7.302  -8.398  -4.260  1.00 19.47 ? 31  THR B CB  1 
ATOM   993  O OG1 . THR B 1 31 ? -6.482  -7.668  -5.190  1.00 18.47 ? 31  THR B OG1 1 
ATOM   994  C CG2 . THR B 1 31 ? -8.740  -7.864  -4.272  1.00 20.35 ? 31  THR B CG2 1 
ATOM   995  N N   . VAL B 1 32 ? -8.068  -8.051  -0.877  1.00 19.94 ? 32  VAL B N   1 
ATOM   996  C CA  . VAL B 1 32 ? -8.973  -8.495  0.169   1.00 21.64 ? 32  VAL B CA  1 
ATOM   997  C C   . VAL B 1 32 ? -10.220 -7.625  0.188   1.00 21.69 ? 32  VAL B C   1 
ATOM   998  O O   . VAL B 1 32 ? -10.132 -6.382  0.237   1.00 21.78 ? 32  VAL B O   1 
ATOM   999  C CB  . VAL B 1 32 ? -8.306  -8.439  1.586   1.00 20.72 ? 32  VAL B CB  1 
ATOM   1000 C CG1 . VAL B 1 32 ? -9.275  -8.958  2.672   1.00 24.12 ? 32  VAL B CG1 1 
ATOM   1001 C CG2 . VAL B 1 32 ? -7.001  -9.178  1.595   1.00 23.45 ? 32  VAL B CG2 1 
ATOM   1002 N N   . LEU B 1 33 ? -11.375 -8.271  0.211   1.00 21.95 ? 33  LEU B N   1 
ATOM   1003 C CA  . LEU B 1 33 ? -12.637 -7.566  0.127   1.00 24.17 ? 33  LEU B CA  1 
ATOM   1004 C C   . LEU B 1 33 ? -13.590 -8.117  1.177   1.00 26.11 ? 33  LEU B C   1 
ATOM   1005 O O   . LEU B 1 33 ? -13.556 -9.314  1.488   1.00 25.18 ? 33  LEU B O   1 
ATOM   1006 C CB  . LEU B 1 33 ? -13.244 -7.690  -1.285  1.00 23.80 ? 33  LEU B CB  1 
ATOM   1007 C CG  . LEU B 1 33 ? -12.408 -7.208  -2.501  1.00 24.69 ? 33  LEU B CG  1 
ATOM   1008 C CD1 . LEU B 1 33 ? -13.102 -7.528  -3.802  1.00 25.21 ? 33  LEU B CD1 1 
ATOM   1009 C CD2 . LEU B 1 33 ? -12.113 -5.706  -2.430  1.00 23.22 ? 33  LEU B CD2 1 
ATOM   1010 N N   . GLU B 1 34 ? -14.420 -7.243  1.740   1.00 27.83 ? 34  GLU B N   1 
ATOM   1011 C CA  . GLU B 1 34 ? -15.433 -7.711  2.690   1.00 31.35 ? 34  GLU B CA  1 
ATOM   1012 C C   . GLU B 1 34 ? -16.867 -7.511  2.172   1.00 32.19 ? 34  GLU B C   1 
ATOM   1013 O O   . GLU B 1 34 ? -17.109 -6.735  1.217   1.00 32.99 ? 34  GLU B O   1 
ATOM   1014 C CB  . GLU B 1 34 ? -15.223 -7.141  4.100   1.00 31.67 ? 34  GLU B CB  1 
ATOM   1015 C CG  . GLU B 1 34 ? -15.368 -5.628  4.218   1.00 34.89 ? 34  GLU B CG  1 
ATOM   1016 C CD  . GLU B 1 34 ? -15.619 -5.174  5.661   1.00 37.64 ? 34  GLU B CD  1 
ATOM   1017 O OE1 . GLU B 1 34 ? -15.023 -5.729  6.625   1.00 38.56 ? 34  GLU B OE1 1 
ATOM   1018 O OE2 . GLU B 1 34 ? -16.449 -4.264  5.824   1.00 40.96 ? 34  GLU B OE2 1 
ATOM   1019 N N   . GLU B 1 35 ? -17.798 -8.230  2.797   1.00 33.44 ? 35  GLU B N   1 
ATOM   1020 C CA  . GLU B 1 35 ? -19.235 -8.257  2.406   1.00 34.92 ? 35  GLU B CA  1 
ATOM   1021 C C   . GLU B 1 35 ? -19.513 -8.506  0.915   1.00 35.31 ? 35  GLU B C   1 
ATOM   1022 O O   . GLU B 1 35 ? -20.358 -7.836  0.285   1.00 36.48 ? 35  GLU B O   1 
ATOM   1023 C CB  . GLU B 1 35 ? -20.092 -7.097  2.983   0.52 34.50 ? 35  GLU B CB  1 
ATOM   1024 C CG  . GLU B 1 35 ? -19.386 -5.932  3.665   0.52 35.62 ? 35  GLU B CG  1 
ATOM   1025 C CD  . GLU B 1 35 ? -20.325 -5.090  4.530   0.52 35.91 ? 35  GLU B CD  1 
ATOM   1026 O OE1 . GLU B 1 35 ? -19.863 -4.546  5.557   0.52 35.87 ? 35  GLU B OE1 1 
ATOM   1027 O OE2 . GLU B 1 35 ? -21.525 -4.972  4.196   0.52 36.26 ? 35  GLU B OE2 1 
ATOM   1028 N N   . VAL B 1 36 ? -18.806 -9.489  0.376   1.00 35.87 ? 36  VAL B N   1 
ATOM   1029 C CA  . VAL B 1 36 ? -19.045 -9.983  -0.970  1.00 36.45 ? 36  VAL B CA  1 
ATOM   1030 C C   . VAL B 1 36 ? -19.451 -11.441 -0.836  1.00 36.29 ? 36  VAL B C   1 
ATOM   1031 O O   . VAL B 1 36 ? -18.990 -12.130 0.060   1.00 37.93 ? 36  VAL B O   1 
ATOM   1032 C CB  . VAL B 1 36 ? -17.806 -9.762  -1.898  1.00 36.46 ? 36  VAL B CB  1 
ATOM   1033 C CG1 . VAL B 1 36 ? -16.619 -10.550 -1.429  1.00 36.73 ? 36  VAL B CG1 1 
ATOM   1034 C CG2 . VAL B 1 36 ? -18.133 -10.097 -3.323  1.00 38.78 ? 36  VAL B CG2 1 
ATOM   1035 N N   . ASN B 1 37 ? -20.355 -11.895 -1.693  1.00 35.37 ? 37  ASN B N   1 
ATOM   1036 C CA  . ASN B 1 37 ? -20.740 -13.299 -1.716  1.00 34.40 ? 37  ASN B CA  1 
ATOM   1037 C C   . ASN B 1 37 ? -20.416 -13.783 -3.129  1.00 32.52 ? 37  ASN B C   1 
ATOM   1038 O O   . ASN B 1 37 ? -21.016 -13.309 -4.118  1.00 32.46 ? 37  ASN B O   1 
ATOM   1039 C CB  . ASN B 1 37 ? -22.232 -13.469 -1.378  1.00 36.07 ? 37  ASN B CB  1 
ATOM   1040 C CG  . ASN B 1 37 ? -22.587 -14.890 -0.964  1.00 39.24 ? 37  ASN B CG  1 
ATOM   1041 O OD1 . ASN B 1 37 ? -21.735 -15.655 -0.508  1.00 43.75 ? 37  ASN B OD1 1 
ATOM   1042 N ND2 . ASN B 1 37 ? -23.866 -15.249 -1.116  1.00 43.44 ? 37  ASN B ND2 1 
ATOM   1043 N N   . LEU B 1 38 ? -19.407 -14.651 -3.213  1.00 28.89 ? 38  LEU B N   1 
ATOM   1044 C CA  . LEU B 1 38 ? -18.904 -15.143 -4.484  1.00 27.22 ? 38  LEU B CA  1 
ATOM   1045 C C   . LEU B 1 38 ? -19.345 -16.578 -4.638  1.00 25.73 ? 38  LEU B C   1 
ATOM   1046 O O   . LEU B 1 38 ? -19.332 -17.321 -3.668  1.00 26.46 ? 38  LEU B O   1 
ATOM   1047 C CB  . LEU B 1 38 ? -17.357 -15.055 -4.543  1.00 25.74 ? 38  LEU B CB  1 
ATOM   1048 C CG  . LEU B 1 38 ? -16.746 -13.646 -4.445  1.00 23.43 ? 38  LEU B CG  1 
ATOM   1049 C CD1 . LEU B 1 38 ? -15.221 -13.659 -4.710  1.00 24.03 ? 38  LEU B CD1 1 
ATOM   1050 C CD2 . LEU B 1 38 ? -17.474 -12.668 -5.370  1.00 21.72 ? 38  LEU B CD2 1 
ATOM   1051 N N   . PRO B 1 39 ? -19.741 -16.967 -5.851  1.00 25.50 ? 39  PRO B N   1 
ATOM   1052 C CA  . PRO B 1 39 ? -20.077 -18.361 -6.131  1.00 25.79 ? 39  PRO B CA  1 
ATOM   1053 C C   . PRO B 1 39 ? -18.823 -19.225 -6.316  1.00 27.00 ? 39  PRO B C   1 
ATOM   1054 O O   . PRO B 1 39 ? -17.714 -18.697 -6.511  1.00 26.10 ? 39  PRO B O   1 
ATOM   1055 C CB  . PRO B 1 39 ? -20.823 -18.268 -7.464  1.00 25.89 ? 39  PRO B CB  1 
ATOM   1056 C CG  . PRO B 1 39 ? -20.211 -17.118 -8.164  1.00 25.27 ? 39  PRO B CG  1 
ATOM   1057 C CD  . PRO B 1 39 ? -19.920 -16.110 -7.039  1.00 25.33 ? 39  PRO B CD  1 
ATOM   1058 N N   . GLY B 1 40 ? -18.995 -20.540 -6.300  1.00 27.44 ? 40  GLY B N   1 
ATOM   1059 C CA  . GLY B 1 40 ? -17.883 -21.408 -6.699  1.00 28.30 ? 40  GLY B CA  1 
ATOM   1060 C C   . GLY B 1 40 ? -17.011 -21.835 -5.530  1.00 28.56 ? 40  GLY B C   1 
ATOM   1061 O O   . GLY B 1 40 ? -17.337 -21.573 -4.361  1.00 28.80 ? 40  GLY B O   1 
ATOM   1062 N N   . ARG B 1 41 ? -15.891 -22.478 -5.845  1.00 28.24 ? 41  ARG B N   1 
ATOM   1063 C CA  . ARG B 1 41 ? -15.077 -23.092 -4.789  1.00 27.57 ? 41  ARG B CA  1 
ATOM   1064 C C   . ARG B 1 41 ? -14.084 -22.120 -4.141  1.00 26.34 ? 41  ARG B C   1 
ATOM   1065 O O   . ARG B 1 41 ? -13.619 -21.157 -4.762  1.00 25.27 ? 41  ARG B O   1 
ATOM   1066 C CB  . ARG B 1 41 ? -14.383 -24.360 -5.273  0.53 27.83 ? 41  ARG B CB  1 
ATOM   1067 C CG  . ARG B 1 41 ? -13.212 -24.141 -6.205  0.53 30.26 ? 41  ARG B CG  1 
ATOM   1068 C CD  . ARG B 1 41 ? -12.283 -25.359 -6.177  0.53 32.87 ? 41  ARG B CD  1 
ATOM   1069 N NE  . ARG B 1 41 ? -12.890 -26.563 -6.749  0.53 34.88 ? 41  ARG B NE  1 
ATOM   1070 C CZ  . ARG B 1 41 ? -13.063 -26.777 -8.053  0.53 36.61 ? 41  ARG B CZ  1 
ATOM   1071 N NH1 . ARG B 1 41 ? -12.720 -25.850 -8.932  0.53 36.66 ? 41  ARG B NH1 1 
ATOM   1072 N NH2 . ARG B 1 41 ? -13.606 -27.909 -8.489  0.53 38.67 ? 41  ARG B NH2 1 
ATOM   1073 N N   . TRP B 1 42 ? -13.769 -22.398 -2.884  1.00 25.19 ? 42  TRP B N   1 
ATOM   1074 C CA  . TRP B 1 42 ? -12.815 -21.609 -2.130  1.00 25.21 ? 42  TRP B CA  1 
ATOM   1075 C C   . TRP B 1 42 ? -12.002 -22.513 -1.193  1.00 25.43 ? 42  TRP B C   1 
ATOM   1076 O O   . TRP B 1 42 ? -12.383 -23.663 -0.910  1.00 23.71 ? 42  TRP B O   1 
ATOM   1077 C CB  . TRP B 1 42 ? -13.537 -20.500 -1.355  1.00 24.76 ? 42  TRP B CB  1 
ATOM   1078 C CG  . TRP B 1 42 ? -14.656 -21.028 -0.439  1.00 25.75 ? 42  TRP B CG  1 
ATOM   1079 C CD1 . TRP B 1 42 ? -15.961 -21.202 -0.765  1.00 27.92 ? 42  TRP B CD1 1 
ATOM   1080 C CD2 . TRP B 1 42 ? -14.518 -21.457 0.928   1.00 28.18 ? 42  TRP B CD2 1 
ATOM   1081 N NE1 . TRP B 1 42 ? -16.666 -21.708 0.317   1.00 28.92 ? 42  TRP B NE1 1 
ATOM   1082 C CE2 . TRP B 1 42 ? -15.794 -21.879 1.366   1.00 29.12 ? 42  TRP B CE2 1 
ATOM   1083 C CE3 . TRP B 1 42 ? -13.432 -21.532 1.820   1.00 26.93 ? 42  TRP B CE3 1 
ATOM   1084 C CZ2 . TRP B 1 42 ? -16.022 -22.364 2.671   1.00 31.02 ? 42  TRP B CZ2 1 
ATOM   1085 C CZ3 . TRP B 1 42 ? -13.651 -22.014 3.112   1.00 28.83 ? 42  TRP B CZ3 1 
ATOM   1086 C CH2 . TRP B 1 42 ? -14.944 -22.416 3.532   1.00 28.15 ? 42  TRP B CH2 1 
ATOM   1087 N N   . LYS B 1 43 ? -10.865 -21.994 -0.746  1.00 26.00 ? 43  LYS B N   1 
ATOM   1088 C CA  . LYS B 1 43 ? -10.094 -22.624 0.326   1.00 26.60 ? 43  LYS B CA  1 
ATOM   1089 C C   . LYS B 1 43 ? -9.708  -21.562 1.370   1.00 26.89 ? 43  LYS B C   1 
ATOM   1090 O O   . LYS B 1 43 ? -9.534  -20.377 1.015   1.00 25.01 ? 43  LYS B O   1 
ATOM   1091 C CB  . LYS B 1 43 ? -8.857  -23.338 -0.237  1.00 26.81 ? 43  LYS B CB  1 
ATOM   1092 C CG  . LYS B 1 43 ? -7.818  -22.428 -0.884  1.00 28.98 ? 43  LYS B CG  1 
ATOM   1093 C CD  . LYS B 1 43 ? -6.887  -23.255 -1.759  1.00 35.01 ? 43  LYS B CD  1 
ATOM   1094 C CE  . LYS B 1 43 ? -5.763  -22.429 -2.347  1.00 37.48 ? 43  LYS B CE  1 
ATOM   1095 N NZ  . LYS B 1 43 ? -4.969  -23.211 -3.353  1.00 42.40 ? 43  LYS B NZ  1 
ATOM   1096 N N   . PRO B 1 44 ? -9.603  -21.962 2.655   1.00 27.48 ? 44  PRO B N   1 
ATOM   1097 C CA  . PRO B 1 44 ? -9.128  -20.998 3.645   1.00 27.98 ? 44  PRO B CA  1 
ATOM   1098 C C   . PRO B 1 44 ? -7.688  -20.570 3.378   1.00 27.15 ? 44  PRO B C   1 
ATOM   1099 O O   . PRO B 1 44 ? -6.892  -21.368 2.881   1.00 28.31 ? 44  PRO B O   1 
ATOM   1100 C CB  . PRO B 1 44 ? -9.227  -21.769 4.967   1.00 28.35 ? 44  PRO B CB  1 
ATOM   1101 C CG  . PRO B 1 44 ? -9.168  -23.217 4.554   1.00 29.27 ? 44  PRO B CG  1 
ATOM   1102 C CD  . PRO B 1 44 ? -9.930  -23.265 3.280   1.00 28.78 ? 44  PRO B CD  1 
ATOM   1103 N N   . LYS B 1 45 ? -7.389  -19.305 3.650   1.00 25.59 ? 45  LYS B N   1 
ATOM   1104 C CA  . LYS B 1 45 ? -6.037  -18.788 3.602   1.00 24.11 ? 45  LYS B CA  1 
ATOM   1105 C C   . LYS B 1 45 ? -5.822  -17.969 4.887   1.00 24.41 ? 45  LYS B C   1 
ATOM   1106 O O   . LYS B 1 45 ? -6.699  -17.181 5.292   1.00 22.48 ? 45  LYS B O   1 
ATOM   1107 C CB  . LYS B 1 45 ? -5.828  -17.890 2.375   0.64 23.30 ? 45  LYS B CB  1 
ATOM   1108 C CG  . LYS B 1 45 ? -4.382  -17.396 2.192   0.64 22.85 ? 45  LYS B CG  1 
ATOM   1109 C CD  . LYS B 1 45 ? -4.239  -16.525 0.936   0.64 22.64 ? 45  LYS B CD  1 
ATOM   1110 C CE  . LYS B 1 45 ? -2.840  -15.888 0.812   0.64 22.59 ? 45  LYS B CE  1 
ATOM   1111 N NZ  . LYS B 1 45 ? -1.753  -16.904 0.782   0.64 22.53 ? 45  LYS B NZ  1 
ATOM   1112 N N   . LEU B 1 46 ? -4.653  -18.136 5.504   1.00 23.42 ? 46  LEU B N   1 
ATOM   1113 C CA  . LEU B 1 46 ? -4.239  -17.255 6.597   1.00 25.47 ? 46  LEU B CA  1 
ATOM   1114 C C   . LEU B 1 46 ? -3.427  -16.093 6.064   1.00 26.48 ? 46  LEU B C   1 
ATOM   1115 O O   . LEU B 1 46 ? -2.410  -16.300 5.391   1.00 26.74 ? 46  LEU B O   1 
ATOM   1116 C CB  . LEU B 1 46 ? -3.391  -18.020 7.634   1.00 25.16 ? 46  LEU B CB  1 
ATOM   1117 C CG  . LEU B 1 46 ? -4.018  -19.203 8.359   1.00 26.36 ? 46  LEU B CG  1 
ATOM   1118 C CD1 . LEU B 1 46 ? -2.972  -19.863 9.263   1.00 29.96 ? 46  LEU B CD1 1 
ATOM   1119 C CD2 . LEU B 1 46 ? -5.248  -18.746 9.192   1.00 24.72 ? 46  LEU B CD2 1 
ATOM   1120 N N   . ILE B 1 47 ? -3.846  -14.881 6.413   1.00 27.74 ? 47  ILE B N   1 
ATOM   1121 C CA  . ILE B 1 47 ? -3.107  -13.661 6.089   1.00 29.57 ? 47  ILE B CA  1 
ATOM   1122 C C   . ILE B 1 47 ? -2.755  -12.836 7.332   1.00 30.79 ? 47  ILE B C   1 
ATOM   1123 O O   . ILE B 1 47 ? -3.079  -13.212 8.469   1.00 29.89 ? 47  ILE B O   1 
ATOM   1124 C CB  . ILE B 1 47 ? -3.843  -12.783 5.027   1.00 29.17 ? 47  ILE B CB  1 
ATOM   1125 C CG1 . ILE B 1 47 ? -5.240  -12.357 5.507   1.00 29.25 ? 47  ILE B CG1 1 
ATOM   1126 C CG2 . ILE B 1 47 ? -3.902  -13.515 3.682   1.00 29.81 ? 47  ILE B CG2 1 
ATOM   1127 C CD1 . ILE B 1 47 ? -5.826  -11.143 4.715   1.00 32.61 ? 47  ILE B CD1 1 
ATOM   1128 N N   . GLY B 1 48 ? -2.100  -11.694 7.111   1.00 32.29 ? 48  GLY B N   1 
ATOM   1129 C CA  . GLY B 1 48 ? -1.630  -10.873 8.225   1.00 34.22 ? 48  GLY B CA  1 
ATOM   1130 C C   . GLY B 1 48 ? -0.605  -11.735 8.917   1.00 34.91 ? 48  GLY B C   1 
ATOM   1131 O O   . GLY B 1 48 ? 0.024   -12.559 8.272   1.00 36.65 ? 48  GLY B O   1 
ATOM   1132 N N   . GLY B 1 49 ? -0.457  -11.590 10.220  1.00 35.52 ? 49  GLY B N   1 
ATOM   1133 C CA  . GLY B 1 49 ? 0.648   -12.269 10.925  1.00 36.04 ? 49  GLY B CA  1 
ATOM   1134 C C   . GLY B 1 49 ? 1.164   -11.457 12.102  1.00 36.27 ? 49  GLY B C   1 
ATOM   1135 O O   . GLY B 1 49 ? 1.709   -12.001 13.045  1.00 36.83 ? 49  GLY B O   1 
ATOM   1136 N N   . ILE B 1 50 ? 1.009   -10.139 12.036  1.00 36.67 ? 50  ILE B N   1 
ATOM   1137 C CA  . ILE B 1 50 ? 1.158   -9.299  13.224  1.00 36.51 ? 50  ILE B CA  1 
ATOM   1138 C C   . ILE B 1 50 ? -0.028  -9.557  14.144  1.00 34.52 ? 50  ILE B C   1 
ATOM   1139 O O   . ILE B 1 50 ? -1.155  -9.444  13.694  1.00 34.95 ? 50  ILE B O   1 
ATOM   1140 C CB  . ILE B 1 50 ? 1.257   -7.782  12.851  1.00 36.94 ? 50  ILE B CB  1 
ATOM   1141 C CG1 . ILE B 1 50 ? 2.712   -7.334  12.799  1.00 37.84 ? 50  ILE B CG1 1 
ATOM   1142 C CG2 . ILE B 1 50 ? 0.558   -6.888  13.892  1.00 39.01 ? 50  ILE B CG2 1 
ATOM   1143 C CD1 . ILE B 1 50 ? 3.483   -7.800  11.612  1.00 41.94 ? 50  ILE B CD1 1 
ATOM   1144 N N   . GLY B 1 51 ? 0.255   -9.903  15.417  1.00 33.71 ? 51  GLY B N   1 
ATOM   1145 C CA  . GLY B 1 51 ? -0.742  -10.136 16.501  1.00 29.80 ? 51  GLY B CA  1 
ATOM   1146 C C   . GLY B 1 51 ? -1.444  -11.506 16.478  1.00 28.67 ? 51  GLY B C   1 
ATOM   1147 O O   . GLY B 1 51 ? -2.221  -11.860 17.391  1.00 26.68 ? 51  GLY B O   1 
ATOM   1148 N N   . GLY B 1 52 ? -1.164  -12.268 15.426  1.00 26.49 ? 52  GLY B N   1 
ATOM   1149 C CA  . GLY B 1 52 ? -1.927  -13.467 15.075  1.00 26.01 ? 52  GLY B CA  1 
ATOM   1150 C C   . GLY B 1 52 ? -2.192  -13.462 13.571  1.00 25.24 ? 52  GLY B C   1 
ATOM   1151 O O   . GLY B 1 52 ? -1.738  -12.571 12.859  1.00 24.39 ? 52  GLY B O   1 
ATOM   1152 N N   . PHE B 1 53 ? -2.913  -14.464 13.083  1.00 25.03 ? 53  PHE B N   1 
ATOM   1153 C CA  . PHE B 1 53 ? -3.327  -14.503 11.689  1.00 24.55 ? 53  PHE B CA  1 
ATOM   1154 C C   . PHE B 1 53 ? -4.841  -14.266 11.563  1.00 23.45 ? 53  PHE B C   1 
ATOM   1155 O O   . PHE B 1 53 ? -5.603  -14.440 12.538  1.00 23.67 ? 53  PHE B O   1 
ATOM   1156 C CB  . PHE B 1 53 ? -2.911  -15.837 11.036  1.00 24.91 ? 53  PHE B CB  1 
ATOM   1157 C CG  . PHE B 1 53 ? -1.413  -16.054 11.004  1.00 27.40 ? 53  PHE B CG  1 
ATOM   1158 C CD1 . PHE B 1 53 ? -0.667  -15.656 9.896   1.00 27.05 ? 53  PHE B CD1 1 
ATOM   1159 C CD2 . PHE B 1 53 ? -0.746  -16.642 12.093  1.00 27.57 ? 53  PHE B CD2 1 
ATOM   1160 C CE1 . PHE B 1 53 ? 0.728   -15.843 9.868   1.00 29.56 ? 53  PHE B CE1 1 
ATOM   1161 C CE2 . PHE B 1 53 ? 0.631   -16.818 12.064  1.00 28.77 ? 53  PHE B CE2 1 
ATOM   1162 C CZ  . PHE B 1 53 ? 1.368   -16.414 10.946  1.00 25.72 ? 53  PHE B CZ  1 
ATOM   1163 N N   . VAL B 1 54 ? -5.253  -13.855 10.368  1.00 22.04 ? 54  VAL B N   1 
ATOM   1164 C CA  . VAL B 1 54 ? -6.653  -13.671 10.005  1.00 22.28 ? 54  VAL B CA  1 
ATOM   1165 C C   . VAL B 1 54 ? -6.897  -14.706 8.920   1.00 22.34 ? 54  VAL B C   1 
ATOM   1166 O O   . VAL B 1 54 ? -6.105  -14.806 7.952   1.00 21.94 ? 54  VAL B O   1 
ATOM   1167 C CB  . VAL B 1 54 ? -6.909  -12.271 9.401   1.00 22.40 ? 54  VAL B CB  1 
ATOM   1168 C CG1 . VAL B 1 54 ? -8.372  -12.135 8.915   1.00 23.73 ? 54  VAL B CG1 1 
ATOM   1169 C CG2 . VAL B 1 54 ? -6.573  -11.173 10.399  1.00 23.88 ? 54  VAL B CG2 1 
ATOM   1170 N N   . LYS B 1 55 ? -7.948  -15.497 9.104   1.00 21.56 ? 55  LYS B N   1 
ATOM   1171 C CA  . LYS B 1 55 ? -8.356  -16.473 8.121   1.00 20.81 ? 55  LYS B CA  1 
ATOM   1172 C C   . LYS B 1 55 ? -9.399  -15.868 7.176   1.00 21.25 ? 55  LYS B C   1 
ATOM   1173 O O   . LYS B 1 55 ? -10.382 -15.258 7.620   1.00 19.91 ? 55  LYS B O   1 
ATOM   1174 C CB  . LYS B 1 55 ? -8.937  -17.707 8.803   1.00 21.36 ? 55  LYS B CB  1 
ATOM   1175 C CG  . LYS B 1 55 ? -9.337  -18.832 7.810   1.00 21.96 ? 55  LYS B CG  1 
ATOM   1176 C CD  . LYS B 1 55 ? -10.138 -19.957 8.525   1.00 24.90 ? 55  LYS B CD  1 
ATOM   1177 C CE  . LYS B 1 55 ? -9.394  -20.469 9.770   1.00 26.49 ? 55  LYS B CE  1 
ATOM   1178 N NZ  . LYS B 1 55 ? -10.244 -21.356 10.627  1.00 31.10 ? 55  LYS B NZ  1 
ATOM   1179 N N   . VAL B 1 56 ? -9.189  -16.064 5.873   1.00 20.16 ? 56  VAL B N   1 
ATOM   1180 C CA  . VAL B 1 56 ? -10.095 -15.576 4.862   1.00 20.41 ? 56  VAL B CA  1 
ATOM   1181 C C   . VAL B 1 56 ? -10.379 -16.719 3.882   1.00 20.88 ? 56  VAL B C   1 
ATOM   1182 O O   . VAL B 1 56 ? -9.709  -17.750 3.923   1.00 21.76 ? 56  VAL B O   1 
ATOM   1183 C CB  . VAL B 1 56 ? -9.470  -14.351 4.095   1.00 20.35 ? 56  VAL B CB  1 
ATOM   1184 C CG1 . VAL B 1 56 ? -9.295  -13.174 5.045   1.00 19.50 ? 56  VAL B CG1 1 
ATOM   1185 C CG2 . VAL B 1 56 ? -8.124  -14.743 3.431   1.00 20.57 ? 56  VAL B CG2 1 
ATOM   1186 N N   . ARG B 1 57 ? -11.371 -16.525 3.019   1.00 20.30 ? 57  ARG B N   1 
ATOM   1187 C CA  . ARG B 1 57 ? -11.671 -17.458 1.937   1.00 20.89 ? 57  ARG B CA  1 
ATOM   1188 C C   . ARG B 1 57 ? -10.979 -16.957 0.672   1.00 20.98 ? 57  ARG B C   1 
ATOM   1189 O O   . ARG B 1 57 ? -11.189 -15.812 0.264   1.00 20.66 ? 57  ARG B O   1 
ATOM   1190 C CB  . ARG B 1 57 ? -13.178 -17.512 1.696   1.00 20.59 ? 57  ARG B CB  1 
ATOM   1191 C CG  . ARG B 1 57 ? -13.997 -18.232 2.781   1.00 21.14 ? 57  ARG B CG  1 
ATOM   1192 C CD  . ARG B 1 57 ? -15.469 -18.280 2.401   1.00 23.64 ? 57  ARG B CD  1 
ATOM   1193 N NE  . ARG B 1 57 ? -16.075 -16.948 2.494   1.00 28.90 ? 57  ARG B NE  1 
ATOM   1194 C CZ  . ARG B 1 57 ? -17.369 -16.704 2.350   1.00 33.16 ? 57  ARG B CZ  1 
ATOM   1195 N NH1 . ARG B 1 57 ? -17.800 -15.454 2.467   1.00 34.40 ? 57  ARG B NH1 1 
ATOM   1196 N NH2 . ARG B 1 57 ? -18.231 -17.710 2.113   1.00 34.65 ? 57  ARG B NH2 1 
ATOM   1197 N N   . GLN B 1 58 ? -10.181 -17.839 0.070   1.00 20.78 ? 58  GLN B N   1 
ATOM   1198 C CA  . GLN B 1 58 ? -9.468  -17.577 -1.162  1.00 21.50 ? 58  GLN B CA  1 
ATOM   1199 C C   . GLN B 1 58 ? -10.274 -18.107 -2.331  1.00 21.78 ? 58  GLN B C   1 
ATOM   1200 O O   . GLN B 1 58 ? -10.540 -19.309 -2.422  1.00 22.91 ? 58  GLN B O   1 
ATOM   1201 C CB  . GLN B 1 58 ? -8.080  -18.246 -1.136  1.00 21.63 ? 58  GLN B CB  1 
ATOM   1202 C CG  . GLN B 1 58 ? -7.298  -18.124 -2.461  1.00 22.45 ? 58  GLN B CG  1 
ATOM   1203 C CD  . GLN B 1 58 ? -5.920  -18.749 -2.417  1.00 25.46 ? 58  GLN B CD  1 
ATOM   1204 O OE1 . GLN B 1 58 ? -5.300  -18.820 -1.367  1.00 29.12 ? 58  GLN B OE1 1 
ATOM   1205 N NE2 . GLN B 1 58 ? -5.418  -19.172 -3.575  1.00 26.52 ? 58  GLN B NE2 1 
ATOM   1206 N N   . TYR B 1 59 ? -10.702 -17.203 -3.190  1.00 22.08 ? 59  TYR B N   1 
ATOM   1207 C CA  . TYR B 1 59 ? -11.340 -17.580 -4.427  1.00 22.92 ? 59  TYR B CA  1 
ATOM   1208 C C   . TYR B 1 59 ? -10.392 -17.297 -5.581  1.00 24.41 ? 59  TYR B C   1 
ATOM   1209 O O   . TYR B 1 59 ? -9.942  -16.157 -5.779  1.00 22.22 ? 59  TYR B O   1 
ATOM   1210 C CB  . TYR B 1 59 ? -12.597 -16.776 -4.640  1.00 22.17 ? 59  TYR B CB  1 
ATOM   1211 C CG  . TYR B 1 59 ? -13.705 -17.061 -3.635  1.00 21.65 ? 59  TYR B CG  1 
ATOM   1212 C CD1 . TYR B 1 59 ? -13.714 -16.430 -2.378  1.00 18.92 ? 59  TYR B CD1 1 
ATOM   1213 C CD2 . TYR B 1 59 ? -14.740 -17.928 -3.947  1.00 20.51 ? 59  TYR B CD2 1 
ATOM   1214 C CE1 . TYR B 1 59 ? -14.747 -16.666 -1.463  1.00 19.68 ? 59  TYR B CE1 1 
ATOM   1215 C CE2 . TYR B 1 59 ? -15.803 -18.168 -3.023  1.00 20.72 ? 59  TYR B CE2 1 
ATOM   1216 C CZ  . TYR B 1 59 ? -15.781 -17.534 -1.792  1.00 20.11 ? 59  TYR B CZ  1 
ATOM   1217 O OH  . TYR B 1 59 ? -16.797 -17.759 -0.869  1.00 21.96 ? 59  TYR B OH  1 
ATOM   1218 N N   . ASP B 1 60 ? -10.137 -18.319 -6.385  1.00 26.68 ? 60  ASP B N   1 
ATOM   1219 C CA  . ASP B 1 60 ? -9.250  -18.131 -7.530  1.00 28.36 ? 60  ASP B CA  1 
ATOM   1220 C C   . ASP B 1 60 ? -10.019 -17.755 -8.777  1.00 29.21 ? 60  ASP B C   1 
ATOM   1221 O O   . ASP B 1 60 ? -11.243 -18.022 -8.899  1.00 29.68 ? 60  ASP B O   1 
ATOM   1222 C CB  . ASP B 1 60 ? -8.398  -19.354 -7.763  1.00 29.20 ? 60  ASP B CB  1 
ATOM   1223 C CG  . ASP B 1 60 ? -7.509  -19.644 -6.614  1.00 32.20 ? 60  ASP B CG  1 
ATOM   1224 O OD1 . ASP B 1 60 ? -6.931  -18.678 -6.060  1.00 35.10 ? 60  ASP B OD1 1 
ATOM   1225 O OD2 . ASP B 1 60 ? -7.378  -20.845 -6.272  1.00 36.88 ? 60  ASP B OD2 1 
ATOM   1226 N N   . GLN B 1 61 ? -9.307  -17.059 -9.662  1.00 28.01 ? 61  GLN B N   1 
ATOM   1227 C CA  . GLN B 1 61 ? -9.763  -16.749 -11.005 1.00 28.91 ? 61  GLN B CA  1 
ATOM   1228 C C   . GLN B 1 61 ? -11.132 -16.056 -11.041 1.00 27.97 ? 61  GLN B C   1 
ATOM   1229 O O   . GLN B 1 61 ? -11.983 -16.392 -11.874 1.00 27.98 ? 61  GLN B O   1 
ATOM   1230 C CB  . GLN B 1 61 ? -9.735  -18.016 -11.889 1.00 28.78 ? 61  GLN B CB  1 
ATOM   1231 C CG  . GLN B 1 61 ? -8.378  -18.741 -11.895 1.00 32.63 ? 61  GLN B CG  1 
ATOM   1232 C CD  . GLN B 1 61 ? -8.322  -19.873 -12.912 1.00 38.55 ? 61  GLN B CD  1 
ATOM   1233 O OE1 . GLN B 1 61 ? -9.338  -20.510 -13.211 1.00 40.59 ? 61  GLN B OE1 1 
ATOM   1234 N NE2 . GLN B 1 61 ? -7.135  -20.118 -13.457 1.00 40.87 ? 61  GLN B NE2 1 
ATOM   1235 N N   . VAL B 1 62 ? -11.314 -15.076 -10.150 1.00 26.30 ? 62  VAL B N   1 
ATOM   1236 C CA  . VAL B 1 62 ? -12.545 -14.328 -10.010 1.00 25.00 ? 62  VAL B CA  1 
ATOM   1237 C C   . VAL B 1 62 ? -12.622 -13.211 -11.059 1.00 25.91 ? 62  VAL B C   1 
ATOM   1238 O O   . VAL B 1 62 ? -11.731 -12.347 -11.130 1.00 25.66 ? 62  VAL B O   1 
ATOM   1239 C CB  . VAL B 1 62 ? -12.684 -13.720 -8.555  1.00 26.01 ? 62  VAL B CB  1 
ATOM   1240 C CG1 . VAL B 1 62 ? -13.963 -12.912 -8.409  1.00 24.47 ? 62  VAL B CG1 1 
ATOM   1241 C CG2 . VAL B 1 62 ? -12.650 -14.836 -7.474  1.00 22.78 ? 62  VAL B CG2 1 
ATOM   1242 N N   . PRO B 1 63 ? -13.679 -13.238 -11.899 1.00 25.69 ? 63  PRO B N   1 
ATOM   1243 C CA  . PRO B 1 63 ? -13.936 -12.088 -12.761 1.00 25.31 ? 63  PRO B CA  1 
ATOM   1244 C C   . PRO B 1 63 ? -14.273 -10.851 -11.915 1.00 24.87 ? 63  PRO B C   1 
ATOM   1245 O O   . PRO B 1 63 ? -15.069 -10.924 -10.968 1.00 24.06 ? 63  PRO B O   1 
ATOM   1246 C CB  . PRO B 1 63 ? -15.107 -12.542 -13.642 1.00 25.69 ? 63  PRO B CB  1 
ATOM   1247 C CG  . PRO B 1 63 ? -15.711 -13.740 -12.935 1.00 26.10 ? 63  PRO B CG  1 
ATOM   1248 C CD  . PRO B 1 63 ? -14.637 -14.349 -12.111 1.00 25.87 ? 63  PRO B CD  1 
ATOM   1249 N N   . ILE B 1 64 ? -13.617 -9.740  -12.226 1.00 23.43 ? 64  ILE B N   1 
ATOM   1250 C CA  . ILE B 1 64 ? -13.757 -8.504  -11.466 1.00 24.71 ? 64  ILE B CA  1 
ATOM   1251 C C   . ILE B 1 64 ? -13.494 -7.342  -12.415 1.00 24.96 ? 64  ILE B C   1 
ATOM   1252 O O   . ILE B 1 64 ? -12.583 -7.410  -13.232 1.00 25.62 ? 64  ILE B O   1 
ATOM   1253 C CB  . ILE B 1 64 ? -12.813 -8.465  -10.168 1.00 24.31 ? 64  ILE B CB  1 
ATOM   1254 C CG1 . ILE B 1 64 ? -12.952 -7.145  -9.402  1.00 26.02 ? 64  ILE B CG1 1 
ATOM   1255 C CG2 . ILE B 1 64 ? -11.314 -8.754  -10.512 1.00 24.50 ? 64  ILE B CG2 1 
ATOM   1256 C CD1 . ILE B 1 64 ? -12.299 -7.177  -7.994  1.00 26.96 ? 64  ILE B CD1 1 
ATOM   1257 N N   . GLU B 1 65 ? -14.307 -6.297  -12.330 1.00 26.01 ? 65  GLU B N   1 
ATOM   1258 C CA  . GLU B 1 65 ? -14.074 -5.080  -13.103 1.00 27.42 ? 65  GLU B CA  1 
ATOM   1259 C C   . GLU B 1 65 ? -13.513 -3.999  -12.176 1.00 28.45 ? 65  GLU B C   1 
ATOM   1260 O O   . GLU B 1 65 ? -14.109 -3.673  -11.145 1.00 28.29 ? 65  GLU B O   1 
ATOM   1261 C CB  . GLU B 1 65 ? -15.368 -4.609  -13.815 1.00 27.42 ? 65  GLU B CB  1 
ATOM   1262 C CG  . GLU B 1 65 ? -15.152 -3.485  -14.821 1.00 28.71 ? 65  GLU B CG  1 
ATOM   1263 C CD  . GLU B 1 65 ? -16.427 -3.078  -15.589 1.00 33.97 ? 65  GLU B CD  1 
ATOM   1264 O OE1 . GLU B 1 65 ? -17.279 -3.941  -15.911 1.00 32.40 ? 65  GLU B OE1 1 
ATOM   1265 O OE2 . GLU B 1 65 ? -16.565 -1.873  -15.895 1.00 37.58 ? 65  GLU B OE2 1 
ATOM   1266 N N   . ILE B 1 66 ? -12.343 -3.464  -12.534 1.00 29.51 ? 66  ILE B N   1 
ATOM   1267 C CA  . ILE B 1 66 ? -11.662 -2.488  -11.689 1.00 30.09 ? 66  ILE B CA  1 
ATOM   1268 C C   . ILE B 1 66 ? -11.517 -1.273  -12.558 1.00 30.81 ? 66  ILE B C   1 
ATOM   1269 O O   . ILE B 1 66 ? -10.771 -1.269  -13.553 1.00 29.99 ? 66  ILE B O   1 
ATOM   1270 C CB  . ILE B 1 66 ? -10.287 -2.976  -11.102 1.00 30.46 ? 66  ILE B CB  1 
ATOM   1271 C CG1 . ILE B 1 66 ? -10.461 -4.299  -10.346 1.00 30.75 ? 66  ILE B CG1 1 
ATOM   1272 C CG2 . ILE B 1 66 ? -9.681  -1.930  -10.112 1.00 31.14 ? 66  ILE B CG2 1 
ATOM   1273 C CD1 . ILE B 1 66 ? -9.160  -4.979  -10.013 1.00 30.43 ? 66  ILE B CD1 1 
ATOM   1274 N N   . CYS B 1 67 ? -12.302 -0.265  -12.210 1.00 31.64 ? 67  CYS B N   1 
ATOM   1275 C CA  . CYS B 1 67 ? -12.208 1.018   -12.840 1.00 33.63 ? 67  CYS B CA  1 
ATOM   1276 C C   . CYS B 1 67 ? -12.358 0.875   -14.369 1.00 33.72 ? 67  CYS B C   1 
ATOM   1277 O O   . CYS B 1 67 ? -11.581 1.440   -15.146 1.00 35.18 ? 67  CYS B O   1 
ATOM   1278 C CB  . CYS B 1 67 ? -10.862 1.637   -12.438 1.00 33.87 ? 67  CYS B CB  1 
ATOM   1279 S SG  . CYS B 1 67 ? -10.799 3.353   -12.654 1.00 38.30 ? 67  CYS B SG  1 
ATOM   1280 N N   . GLY B 1 68 ? -13.348 0.089   -14.799 1.00 33.19 ? 68  GLY B N   1 
ATOM   1281 C CA  . GLY B 1 68 ? -13.618 -0.073  -16.231 1.00 32.49 ? 68  GLY B CA  1 
ATOM   1282 C C   . GLY B 1 68 ? -12.913 -1.253  -16.884 1.00 31.62 ? 68  GLY B C   1 
ATOM   1283 O O   . GLY B 1 68 ? -13.238 -1.640  -18.008 1.00 32.33 ? 68  GLY B O   1 
ATOM   1284 N N   . HIS B 1 69 ? -11.949 -1.834  -16.181 1.00 30.35 ? 69  HIS B N   1 
ATOM   1285 C CA  . HIS B 1 69 ? -11.138 -2.907  -16.744 1.00 29.04 ? 69  HIS B CA  1 
ATOM   1286 C C   . HIS B 1 69 ? -11.622 -4.252  -16.219 1.00 27.72 ? 69  HIS B C   1 
ATOM   1287 O O   . HIS B 1 69 ? -11.488 -4.528  -15.012 1.00 27.10 ? 69  HIS B O   1 
ATOM   1288 C CB  . HIS B 1 69 ? -9.658  -2.716  -16.363 1.00 28.53 ? 69  HIS B CB  1 
ATOM   1289 C CG  . HIS B 1 69 ? -8.950  -1.660  -17.157 1.00 29.77 ? 69  HIS B CG  1 
ATOM   1290 N ND1 . HIS B 1 69 ? -9.216  -0.313  -17.019 1.00 30.32 ? 69  HIS B ND1 1 
ATOM   1291 C CD2 . HIS B 1 69 ? -7.952  -1.756  -18.067 1.00 28.19 ? 69  HIS B CD2 1 
ATOM   1292 C CE1 . HIS B 1 69 ? -8.428  0.375   -17.828 1.00 29.07 ? 69  HIS B CE1 1 
ATOM   1293 N NE2 . HIS B 1 69 ? -7.653  -0.477  -18.475 1.00 31.90 ? 69  HIS B NE2 1 
ATOM   1294 N N   . LYS B 1 70 ? -12.146 -5.083  -17.127 1.00 26.07 ? 70  LYS B N   1 
ATOM   1295 C CA  . LYS B 1 70 ? -12.565 -6.458  -16.800 1.00 25.44 ? 70  LYS B CA  1 
ATOM   1296 C C   . LYS B 1 70 ? -11.354 -7.371  -16.755 1.00 25.04 ? 70  LYS B C   1 
ATOM   1297 O O   . LYS B 1 70 ? -10.671 -7.567  -17.763 1.00 25.31 ? 70  LYS B O   1 
ATOM   1298 C CB  . LYS B 1 70 ? -13.616 -6.982  -17.806 1.00 25.55 ? 70  LYS B CB  1 
ATOM   1299 C CG  . LYS B 1 70 ? -14.878 -6.095  -17.814 1.00 26.75 ? 70  LYS B CG  1 
ATOM   1300 C CD  . LYS B 1 70 ? -16.030 -6.733  -18.592 1.00 29.50 ? 70  LYS B CD  1 
ATOM   1301 C CE  . LYS B 1 70 ? -17.197 -5.744  -18.816 1.00 31.70 ? 70  LYS B CE  1 
ATOM   1302 N NZ  . LYS B 1 70 ? -18.460 -6.543  -18.882 1.00 36.51 ? 70  LYS B NZ  1 
ATOM   1303 N N   . VAL B 1 71 ? -11.056 -7.893  -15.571 1.00 23.65 ? 71  VAL B N   1 
ATOM   1304 C CA  . VAL B 1 71 ? -9.904  -8.776  -15.396 1.00 22.43 ? 71  VAL B CA  1 
ATOM   1305 C C   . VAL B 1 71 ? -10.276 -10.032 -14.606 1.00 22.14 ? 71  VAL B C   1 
ATOM   1306 O O   . VAL B 1 71 ? -11.432 -10.226 -14.218 1.00 21.60 ? 71  VAL B O   1 
ATOM   1307 C CB  . VAL B 1 71 ? -8.715  -8.026  -14.720 1.00 22.48 ? 71  VAL B CB  1 
ATOM   1308 C CG1 . VAL B 1 71 ? -8.168  -6.933  -15.665 1.00 22.41 ? 71  VAL B CG1 1 
ATOM   1309 C CG2 . VAL B 1 71 ? -9.147  -7.422  -13.387 1.00 21.33 ? 71  VAL B CG2 1 
ATOM   1310 N N   . ILE B 1 72 ? -9.282  -10.874 -14.351 1.00 21.73 ? 72  ILE B N   1 
ATOM   1311 C CA  . ILE B 1 72 ? -9.457  -12.067 -13.548 1.00 22.26 ? 72  ILE B CA  1 
ATOM   1312 C C   . ILE B 1 72 ? -8.296  -12.215 -12.594 1.00 21.50 ? 72  ILE B C   1 
ATOM   1313 O O   . ILE B 1 72 ? -7.134  -12.063 -12.979 1.00 22.60 ? 72  ILE B O   1 
ATOM   1314 C CB  . ILE B 1 72 ? -9.491  -13.343 -14.437 1.00 21.90 ? 72  ILE B CB  1 
ATOM   1315 C CG1 . ILE B 1 72 ? -10.718 -13.368 -15.328 1.00 23.13 ? 72  ILE B CG1 1 
ATOM   1316 C CG2 . ILE B 1 72 ? -9.400  -14.615 -13.610 1.00 22.28 ? 72  ILE B CG2 1 
ATOM   1317 C CD1 . ILE B 1 72 ? -10.678 -14.581 -16.268 1.00 25.78 ? 72  ILE B CD1 1 
ATOM   1318 N N   . GLY B 1 73 ? -8.600  -12.562 -11.357 1.00 22.11 ? 73  GLY B N   1 
ATOM   1319 C CA  . GLY B 1 73 ? -7.564  -12.815 -10.360 1.00 21.36 ? 73  GLY B CA  1 
ATOM   1320 C C   . GLY B 1 73 ? -8.110  -13.386 -9.051  1.00 21.70 ? 73  GLY B C   1 
ATOM   1321 O O   . GLY B 1 73 ? -9.314  -13.543 -8.868  1.00 21.53 ? 73  GLY B O   1 
ATOM   1322 N N   . THR B 1 74 ? -7.200  -13.711 -8.157  1.00 21.57 ? 74  THR B N   1 
ATOM   1323 C CA  . THR B 1 74 ? -7.537  -14.256 -6.837  1.00 21.33 ? 74  THR B CA  1 
ATOM   1324 C C   . THR B 1 74 ? -8.092  -13.125 -5.995  1.00 21.45 ? 74  THR B C   1 
ATOM   1325 O O   . THR B 1 74 ? -7.529  -12.013 -5.969  1.00 19.64 ? 74  THR B O   1 
ATOM   1326 C CB  . THR B 1 74 ? -6.273  -14.883 -6.179  1.00 21.26 ? 74  THR B CB  1 
ATOM   1327 O OG1 . THR B 1 74 ? -5.841  -15.990 -6.966  1.00 24.60 ? 74  THR B OG1 1 
ATOM   1328 C CG2 . THR B 1 74 ? -6.525  -15.375 -4.759  1.00 16.95 ? 74  THR B CG2 1 
ATOM   1329 N N   . VAL B 1 75 ? -9.239  -13.393 -5.361  1.00 21.78 ? 75  VAL B N   1 
ATOM   1330 C CA  . VAL B 1 75 ? -9.826  -12.452 -4.407  1.00 21.05 ? 75  VAL B CA  1 
ATOM   1331 C C   . VAL B 1 75 ? -9.951  -13.177 -3.082  1.00 21.22 ? 75  VAL B C   1 
ATOM   1332 O O   . VAL B 1 75 ? -10.527 -14.302 -3.002  1.00 20.70 ? 75  VAL B O   1 
ATOM   1333 C CB  . VAL B 1 75 ? -11.212 -11.946 -4.879  1.00 20.70 ? 75  VAL B CB  1 
ATOM   1334 C CG1 . VAL B 1 75 ? -11.892 -11.105 -3.771  1.00 20.71 ? 75  VAL B CG1 1 
ATOM   1335 C CG2 . VAL B 1 75 ? -11.089 -11.183 -6.207  1.00 20.08 ? 75  VAL B CG2 1 
ATOM   1336 N N   . LEU B 1 76 ? -9.380  -12.553 -2.044  1.00 20.92 ? 76  LEU B N   1 
ATOM   1337 C CA  . LEU B 1 76 ? -9.576  -13.025 -0.675  1.00 20.52 ? 76  LEU B CA  1 
ATOM   1338 C C   . LEU B 1 76 ? -10.797 -12.321 -0.066  1.00 20.48 ? 76  LEU B C   1 
ATOM   1339 O O   . LEU B 1 76 ? -10.927 -11.094 -0.139  1.00 20.61 ? 76  LEU B O   1 
ATOM   1340 C CB  . LEU B 1 76 ? -8.336  -12.772 0.177   1.00 20.09 ? 76  LEU B CB  1 
ATOM   1341 C CG  . LEU B 1 76 ? -7.007  -13.272 -0.431  1.00 19.94 ? 76  LEU B CG  1 
ATOM   1342 C CD1 . LEU B 1 76 ? -5.883  -12.985 0.523   1.00 18.47 ? 76  LEU B CD1 1 
ATOM   1343 C CD2 . LEU B 1 76 ? -7.042  -14.776 -0.791  1.00 16.32 ? 76  LEU B CD2 1 
ATOM   1344 N N   . VAL B 1 77 ? -11.702 -13.100 0.513   1.00 20.60 ? 77  VAL B N   1 
ATOM   1345 C CA  . VAL B 1 77 ? -12.919 -12.538 1.085   1.00 20.78 ? 77  VAL B CA  1 
ATOM   1346 C C   . VAL B 1 77 ? -12.926 -12.769 2.583   1.00 22.46 ? 77  VAL B C   1 
ATOM   1347 O O   . VAL B 1 77 ? -12.882 -13.915 3.058   1.00 21.89 ? 77  VAL B O   1 
ATOM   1348 C CB  . VAL B 1 77 ? -14.197 -13.132 0.451   1.00 20.99 ? 77  VAL B CB  1 
ATOM   1349 C CG1 . VAL B 1 77 ? -15.440 -12.501 1.079   1.00 19.94 ? 77  VAL B CG1 1 
ATOM   1350 C CG2 . VAL B 1 77 ? -14.137 -12.979 -1.104  1.00 19.38 ? 77  VAL B CG2 1 
ATOM   1351 N N   . GLY B 1 78 ? -12.956 -11.658 3.312   1.00 24.89 ? 78  GLY B N   1 
ATOM   1352 C CA  . GLY B 1 78 ? -13.101 -11.683 4.755   1.00 28.24 ? 78  GLY B CA  1 
ATOM   1353 C C   . GLY B 1 78 ? -13.006 -10.282 5.330   1.00 30.34 ? 78  GLY B C   1 
ATOM   1354 O O   . GLY B 1 78 ? -12.914 -9.303  4.596   1.00 28.70 ? 78  GLY B O   1 
ATOM   1355 N N   . PRO B 1 79 ? -12.951 -10.192 6.669   1.00 32.68 ? 79  PRO B N   1 
ATOM   1356 C CA  . PRO B 1 79 ? -13.100 -8.912  7.355   1.00 34.29 ? 79  PRO B CA  1 
ATOM   1357 C C   . PRO B 1 79 ? -11.901 -8.019  7.078   1.00 35.31 ? 79  PRO B C   1 
ATOM   1358 O O   . PRO B 1 79 ? -10.768 -8.426  7.281   1.00 36.45 ? 79  PRO B O   1 
ATOM   1359 C CB  . PRO B 1 79 ? -13.169 -9.314  8.839   1.00 34.28 ? 79  PRO B CB  1 
ATOM   1360 C CG  . PRO B 1 79 ? -12.497 -10.599 8.928   1.00 33.83 ? 79  PRO B CG  1 
ATOM   1361 C CD  . PRO B 1 79 ? -12.688 -11.304 7.605   1.00 33.32 ? 79  PRO B CD  1 
ATOM   1362 N N   . THR B 1 80 ? -12.134 -6.815  6.583   1.00 36.21 ? 80  THR B N   1 
ATOM   1363 C CA  . THR B 1 80 ? -10.992 -5.953  6.288   1.00 37.03 ? 80  THR B CA  1 
ATOM   1364 C C   . THR B 1 80 ? -11.337 -4.522  6.644   1.00 37.12 ? 80  THR B C   1 
ATOM   1365 O O   . THR B 1 80 ? -12.455 -4.075  6.347   1.00 38.27 ? 80  THR B O   1 
ATOM   1366 C CB  . THR B 1 80 ? -10.488 -6.091  4.798   1.00 36.87 ? 80  THR B CB  1 
ATOM   1367 O OG1 . THR B 1 80 ? -9.333  -5.261  4.585   1.00 37.33 ? 80  THR B OG1 1 
ATOM   1368 C CG2 . THR B 1 80 ? -11.579 -5.731  3.799   1.00 34.71 ? 80  THR B CG2 1 
ATOM   1369 N N   . PRO B 1 81 ? -10.386 -3.802  7.290   1.00 37.45 ? 81  PRO B N   1 
ATOM   1370 C CA  . PRO B 1 81 ? -10.632 -2.411  7.695   1.00 37.10 ? 81  PRO B CA  1 
ATOM   1371 C C   . PRO B 1 81 ? -11.097 -1.598  6.512   1.00 36.78 ? 81  PRO B C   1 
ATOM   1372 O O   . PRO B 1 81 ? -11.952 -0.732  6.662   1.00 37.13 ? 81  PRO B O   1 
ATOM   1373 C CB  . PRO B 1 81 ? -9.258  -1.924  8.173   1.00 37.46 ? 81  PRO B CB  1 
ATOM   1374 C CG  . PRO B 1 81 ? -8.542  -3.153  8.593   1.00 38.19 ? 81  PRO B CG  1 
ATOM   1375 C CD  . PRO B 1 81 ? -9.031  -4.253  7.671   1.00 36.83 ? 81  PRO B CD  1 
ATOM   1376 N N   . THR B 1 82 ? -10.536 -1.872  5.332   1.00 35.53 ? 82  THR B N   1 
ATOM   1377 C CA  . THR B 1 82 ? -11.093 -1.310  4.098   1.00 34.73 ? 82  THR B CA  1 
ATOM   1378 C C   . THR B 1 82 ? -10.770 -2.203  2.897   1.00 32.53 ? 82  THR B C   1 
ATOM   1379 O O   . THR B 1 82 ? -9.795  -2.963  2.969   1.00 33.08 ? 82  THR B O   1 
ATOM   1380 C CB  . THR B 1 82 ? -10.629 0.153   3.884   1.00 36.01 ? 82  THR B CB  1 
ATOM   1381 O OG1 . THR B 1 82 ? -11.489 0.771   2.928   1.00 38.23 ? 82  THR B OG1 1 
ATOM   1382 C CG2 . THR B 1 82 ? -9.141  0.231   3.429   1.00 36.25 ? 82  THR B CG2 1 
ATOM   1383 N N   . ASN B 1 83 ? -11.583 -2.133  1.829   1.00 29.04 ? 83  ASN B N   1 
ATOM   1384 C CA  . ASN B 1 83 ? -11.431 -3.031  0.671   1.00 27.16 ? 83  ASN B CA  1 
ATOM   1385 C C   . ASN B 1 83 ? -10.135 -2.699  -0.041  1.00 24.88 ? 83  ASN B C   1 
ATOM   1386 O O   . ASN B 1 83 ? -9.852  -1.524  -0.331  1.00 24.23 ? 83  ASN B O   1 
ATOM   1387 C CB  . ASN B 1 83 ? -12.590 -2.923  -0.336  1.00 25.71 ? 83  ASN B CB  1 
ATOM   1388 C CG  . ASN B 1 83 ? -13.905 -3.536  0.173   1.00 28.12 ? 83  ASN B CG  1 
ATOM   1389 O OD1 . ASN B 1 83 ? -13.915 -4.476  0.961   1.00 27.35 ? 83  ASN B OD1 1 
ATOM   1390 N ND2 . ASN B 1 83 ? -15.026 -3.001  -0.314  1.00 26.69 ? 83  ASN B ND2 1 
ATOM   1391 N N   . VAL B 1 84 ? -9.340  -3.722  -0.312  1.00 22.98 ? 84  VAL B N   1 
ATOM   1392 C CA  . VAL B 1 84 ? -8.005  -3.483  -0.863  1.00 20.82 ? 84  VAL B CA  1 
ATOM   1393 C C   . VAL B 1 84 ? -7.834  -4.180  -2.195  1.00 19.97 ? 84  VAL B C   1 
ATOM   1394 O O   . VAL B 1 84 ? -8.056  -5.388  -2.290  1.00 18.97 ? 84  VAL B O   1 
ATOM   1395 C CB  . VAL B 1 84 ? -6.889  -3.968  0.102   1.00 21.47 ? 84  VAL B CB  1 
ATOM   1396 C CG1 . VAL B 1 84 ? -5.529  -3.851  -0.568  1.00 20.27 ? 84  VAL B CG1 1 
ATOM   1397 C CG2 . VAL B 1 84 ? -6.922  -3.140  1.375   1.00 23.28 ? 84  VAL B CG2 1 
ATOM   1398 N N   . ILE B 1 85 ? -7.434  -3.410  -3.212  1.00 18.50 ? 85  ILE B N   1 
ATOM   1399 C CA  . ILE B 1 85 ? -6.963  -3.987  -4.478  1.00 17.43 ? 85  ILE B CA  1 
ATOM   1400 C C   . ILE B 1 85 ? -5.436  -4.112  -4.361  1.00 17.86 ? 85  ILE B C   1 
ATOM   1401 O O   . ILE B 1 85 ? -4.735  -3.103  -4.316  1.00 17.95 ? 85  ILE B O   1 
ATOM   1402 C CB  . ILE B 1 85 ? -7.355  -3.137  -5.719  0.61 16.10 ? 85  ILE B CB  1 
ATOM   1403 C CG1 . ILE B 1 85 ? -8.887  -2.900  -5.782  0.61 14.00 ? 85  ILE B CG1 1 
ATOM   1404 C CG2 . ILE B 1 85 ? -6.930  -3.846  -6.978  0.61 15.36 ? 85  ILE B CG2 1 
ATOM   1405 C CD1 . ILE B 1 85 ? -9.708  -4.216  -5.838  0.61 10.91 ? 85  ILE B CD1 1 
ATOM   1406 N N   . GLY B 1 86 ? -4.950  -5.346  -4.292  1.00 17.17 ? 86  GLY B N   1 
ATOM   1407 C CA  . GLY B 1 86 ? -3.506  -5.628  -4.222  1.00 16.95 ? 86  GLY B CA  1 
ATOM   1408 C C   . GLY B 1 86 ? -2.792  -5.734  -5.557  1.00 16.51 ? 86  GLY B C   1 
ATOM   1409 O O   . GLY B 1 86 ? -3.384  -5.609  -6.629  1.00 16.84 ? 86  GLY B O   1 
ATOM   1410 N N   . ARG B 1 87 ? -1.475  -5.918  -5.493  1.00 16.49 ? 87  ARG B N   1 
ATOM   1411 C CA  . ARG B 1 87 ? -0.665  -6.023  -6.684  1.00 15.28 ? 87  ARG B CA  1 
ATOM   1412 C C   . ARG B 1 87 ? -1.137  -7.140  -7.624  1.00 16.31 ? 87  ARG B C   1 
ATOM   1413 O O   . ARG B 1 87 ? -1.051  -6.989  -8.832  1.00 15.98 ? 87  ARG B O   1 
ATOM   1414 C CB  . ARG B 1 87 ? 0.805   -6.252  -6.279  1.00 16.29 ? 87  ARG B CB  1 
ATOM   1415 C CG  . ARG B 1 87 ? 1.511   -5.006  -5.614  1.00 14.63 ? 87  ARG B CG  1 
ATOM   1416 C CD  . ARG B 1 87 ? 3.041   -5.270  -5.426  1.00 14.89 ? 87  ARG B CD  1 
ATOM   1417 N NE  . ARG B 1 87 ? 3.355   -6.420  -4.548  1.00 16.47 ? 87  ARG B NE  1 
ATOM   1418 C CZ  . ARG B 1 87 ? 3.678   -7.640  -4.986  1.00 16.31 ? 87  ARG B CZ  1 
ATOM   1419 N NH1 . ARG B 1 87 ? 3.934   -8.602  -4.117  1.00 19.77 ? 87  ARG B NH1 1 
ATOM   1420 N NH2 . ARG B 1 87 ? 3.698   -7.912  -6.292  1.00 17.32 ? 87  ARG B NH2 1 
ATOM   1421 N N   . ASN B 1 88 ? -1.621  -8.260  -7.069  1.00 16.26 ? 88  ASN B N   1 
ATOM   1422 C CA  . ASN B 1 88 ? -2.070  -9.373  -7.905  1.00 18.34 ? 88  ASN B CA  1 
ATOM   1423 C C   . ASN B 1 88 ? -3.084  -8.897  -8.978  1.00 18.38 ? 88  ASN B C   1 
ATOM   1424 O O   . ASN B 1 88 ? -3.063  -9.363  -10.118 1.00 20.61 ? 88  ASN B O   1 
ATOM   1425 C CB  . ASN B 1 88 ? -2.646  -10.504 -7.042  1.00 17.60 ? 88  ASN B CB  1 
ATOM   1426 C CG  . ASN B 1 88 ? -4.026  -10.181 -6.525  1.00 18.32 ? 88  ASN B CG  1 
ATOM   1427 O OD1 . ASN B 1 88 ? -4.182  -9.249  -5.733  1.00 15.40 ? 88  ASN B OD1 1 
ATOM   1428 N ND2 . ASN B 1 88 ? -5.046  -10.948 -6.975  1.00 15.12 ? 88  ASN B ND2 1 
ATOM   1429 N N   . LEU B 1 89 ? -3.958  -7.976  -8.614  1.00 18.29 ? 89  LEU B N   1 
ATOM   1430 C CA  . LEU B 1 89 ? -4.932  -7.464  -9.561  1.00 19.50 ? 89  LEU B CA  1 
ATOM   1431 C C   . LEU B 1 89 ? -4.483  -6.207  -10.318 1.00 18.68 ? 89  LEU B C   1 
ATOM   1432 O O   . LEU B 1 89 ? -4.897  -5.978  -11.456 1.00 17.83 ? 89  LEU B O   1 
ATOM   1433 C CB  . LEU B 1 89 ? -6.304  -7.250  -8.896  1.00 19.60 ? 89  LEU B CB  1 
ATOM   1434 C CG  . LEU B 1 89 ? -7.081  -8.559  -8.723  1.00 20.54 ? 89  LEU B CG  1 
ATOM   1435 C CD1 . LEU B 1 89 ? -8.287  -8.268  -7.888  1.00 23.06 ? 89  LEU B CD1 1 
ATOM   1436 C CD2 . LEU B 1 89 ? -7.495  -9.125  -10.104 1.00 21.97 ? 89  LEU B CD2 1 
ATOM   1437 N N   . MET B 1 90 ? -3.645  -5.390  -9.689  1.00 18.80 ? 90  MET B N   1 
ATOM   1438 C CA  . MET B 1 90 ? -3.089  -4.226  -10.378 1.00 18.90 ? 90  MET B CA  1 
ATOM   1439 C C   . MET B 1 90 ? -2.249  -4.626  -11.605 1.00 18.54 ? 90  MET B C   1 
ATOM   1440 O O   . MET B 1 90 ? -2.300  -3.945  -12.635 1.00 18.57 ? 90  MET B O   1 
ATOM   1441 C CB  . MET B 1 90 ? -2.313  -3.316  -9.440  1.00 19.10 ? 90  MET B CB  1 
ATOM   1442 C CG  . MET B 1 90 ? -3.218  -2.413  -8.638  1.00 20.53 ? 90  MET B CG  1 
ATOM   1443 S SD  . MET B 1 90 ? -2.356  -1.201  -7.594  1.00 23.85 ? 90  MET B SD  1 
ATOM   1444 C CE  . MET B 1 90 ? -1.963  -2.199  -6.231  1.00 17.60 ? 90  MET B CE  1 
ATOM   1445 N N   . THR B 1 91 ? -1.537  -5.748  -11.517 1.00 18.95 ? 91  THR B N   1 
ATOM   1446 C CA  . THR B 1 91 ? -0.833  -6.295  -12.689 1.00 19.61 ? 91  THR B CA  1 
ATOM   1447 C C   . THR B 1 91 ? -1.766  -6.667  -13.826 1.00 20.14 ? 91  THR B C   1 
ATOM   1448 O O   . THR B 1 91 ? -1.438  -6.481  -15.002 1.00 20.77 ? 91  THR B O   1 
ATOM   1449 C CB  . THR B 1 91 ? 0.009   -7.549  -12.367 1.00 19.74 ? 91  THR B CB  1 
ATOM   1450 O OG1 . THR B 1 91 ? -0.840  -8.617  -11.889 1.00 21.92 ? 91  THR B OG1 1 
ATOM   1451 C CG2 . THR B 1 91 ? 1.098   -7.218  -11.349 1.00 16.08 ? 91  THR B CG2 1 
ATOM   1452 N N   . GLN B 1 92 ? -2.920  -7.215  -13.472 1.00 20.01 ? 92  GLN B N   1 
ATOM   1453 C CA  . GLN B 1 92 ? -3.902  -7.652  -14.462 1.00 20.64 ? 92  GLN B CA  1 
ATOM   1454 C C   . GLN B 1 92 ? -4.473  -6.488  -15.247 1.00 20.76 ? 92  GLN B C   1 
ATOM   1455 O O   . GLN B 1 92 ? -4.708  -6.597  -16.453 1.00 20.01 ? 92  GLN B O   1 
ATOM   1456 C CB  . GLN B 1 92 ? -5.024  -8.447  -13.778 1.00 20.13 ? 92  GLN B CB  1 
ATOM   1457 C CG  . GLN B 1 92 ? -4.558  -9.745  -13.121 1.00 20.22 ? 92  GLN B CG  1 
ATOM   1458 C CD  . GLN B 1 92 ? -3.780  -10.628 -14.095 1.00 22.21 ? 92  GLN B CD  1 
ATOM   1459 O OE1 . GLN B 1 92 ? -4.349  -11.141 -15.068 1.00 22.66 ? 92  GLN B OE1 1 
ATOM   1460 N NE2 . GLN B 1 92 ? -2.470  -10.810 -13.838 1.00 20.93 ? 92  GLN B NE2 1 
ATOM   1461 N N   . ILE B 1 93 ? -4.706  -5.370  -14.567 1.00 21.38 ? 93  ILE B N   1 
ATOM   1462 C CA  . ILE B 1 93 ? -5.245  -4.177  -15.222 1.00 21.96 ? 93  ILE B CA  1 
ATOM   1463 C C   . ILE B 1 93 ? -4.137  -3.360  -15.916 1.00 21.96 ? 93  ILE B C   1 
ATOM   1464 O O   . ILE B 1 93 ? -4.411  -2.362  -16.607 1.00 22.61 ? 93  ILE B O   1 
ATOM   1465 C CB  . ILE B 1 93 ? -6.097  -3.294  -14.217 1.00 23.55 ? 93  ILE B CB  1 
ATOM   1466 C CG1 . ILE B 1 93 ? -5.205  -2.633  -13.167 1.00 24.07 ? 93  ILE B CG1 1 
ATOM   1467 C CG2 . ILE B 1 93 ? -7.220  -4.155  -13.529 1.00 22.91 ? 93  ILE B CG2 1 
ATOM   1468 C CD1 . ILE B 1 93 ? -5.910  -1.604  -12.276 1.00 25.95 ? 93  ILE B CD1 1 
ATOM   1469 N N   . GLY B 1 94 ? -2.885  -3.765  -15.720 1.00 21.54 ? 94  GLY B N   1 
ATOM   1470 C CA  . GLY B 1 94 ? -1.744  -3.114  -16.379 1.00 21.10 ? 94  GLY B CA  1 
ATOM   1471 C C   . GLY B 1 94 ? -1.374  -1.821  -15.677 1.00 21.67 ? 94  GLY B C   1 
ATOM   1472 O O   . GLY B 1 94 ? -0.887  -0.884  -16.307 1.00 21.87 ? 94  GLY B O   1 
ATOM   1473 N N   . CYS B 1 95 ? -1.608  -1.780  -14.364 1.00 21.91 ? 95  CYS B N   1 
ATOM   1474 C CA  . CYS B 1 95 ? -1.296  -0.613  -13.534 1.00 21.99 ? 95  CYS B CA  1 
ATOM   1475 C C   . CYS B 1 95 ? 0.192   -0.546  -13.129 1.00 21.62 ? 95  CYS B C   1 
ATOM   1476 O O   . CYS B 1 95 ? 0.737   -1.519  -12.590 1.00 21.06 ? 95  CYS B O   1 
ATOM   1477 C CB  . CYS B 1 95 ? -2.213  -0.591  -12.301 1.00 22.71 ? 95  CYS B CB  1 
ATOM   1478 S SG  . CYS B 1 95 ? -2.015  0.868   -11.260 1.00 26.02 ? 95  CYS B SG  1 
ATOM   1479 N N   . THR B 1 96 ? 0.834   0.606   -13.379 1.00 20.88 ? 96  THR B N   1 
ATOM   1480 C CA  . THR B 1 96 ? 2.219   0.840   -12.980 1.00 21.42 ? 96  THR B CA  1 
ATOM   1481 C C   . THR B 1 96 ? 2.369   2.129   -12.148 1.00 20.86 ? 96  THR B C   1 
ATOM   1482 O O   . THR B 1 96 ? 1.511   3.024   -12.180 1.00 20.56 ? 96  THR B O   1 
ATOM   1483 C CB  . THR B 1 96 ? 3.155   0.958   -14.219 1.00 21.96 ? 96  THR B CB  1 
ATOM   1484 O OG1 . THR B 1 96 ? 2.712   2.044   -15.044 1.00 23.54 ? 96  THR B OG1 1 
ATOM   1485 C CG2 . THR B 1 96 ? 3.160   -0.326  -15.051 1.00 22.10 ? 96  THR B CG2 1 
ATOM   1486 N N   . LEU B 1 97 ? 3.478   2.222   -11.426 1.00 20.48 ? 97  LEU B N   1 
ATOM   1487 C CA  . LEU B 1 97 ? 3.882   3.450   -10.766 1.00 21.19 ? 97  LEU B CA  1 
ATOM   1488 C C   . LEU B 1 97 ? 4.815   4.172   -11.718 1.00 22.40 ? 97  LEU B C   1 
ATOM   1489 O O   . LEU B 1 97 ? 5.678   3.541   -12.358 1.00 23.15 ? 97  LEU B O   1 
ATOM   1490 C CB  . LEU B 1 97 ? 4.596   3.150   -9.436  1.00 21.03 ? 97  LEU B CB  1 
ATOM   1491 C CG  . LEU B 1 97 ? 3.762   2.512   -8.310  1.00 19.66 ? 97  LEU B CG  1 
ATOM   1492 C CD1 . LEU B 1 97 ? 4.717   1.854   -7.294  1.00 20.43 ? 97  LEU B CD1 1 
ATOM   1493 C CD2 . LEU B 1 97 ? 2.901   3.602   -7.644  1.00 20.25 ? 97  LEU B CD2 1 
ATOM   1494 N N   . ASN B 1 98 ? 4.636   5.480   -11.828 1.00 22.22 ? 98  ASN B N   1 
ATOM   1495 C CA  . ASN B 1 98 ? 5.440   6.255   -12.780 1.00 24.00 ? 98  ASN B CA  1 
ATOM   1496 C C   . ASN B 1 98 ? 5.900   7.541   -12.164 1.00 23.93 ? 98  ASN B C   1 
ATOM   1497 O O   . ASN B 1 98 ? 5.113   8.224   -11.512 1.00 23.54 ? 98  ASN B O   1 
ATOM   1498 C CB  . ASN B 1 98 ? 4.636   6.537   -14.059 1.00 23.23 ? 98  ASN B CB  1 
ATOM   1499 C CG  . ASN B 1 98 ? 4.287   5.273   -14.800 1.00 26.34 ? 98  ASN B CG  1 
ATOM   1500 O OD1 . ASN B 1 98 ? 3.346   4.551   -14.442 1.00 30.47 ? 98  ASN B OD1 1 
ATOM   1501 N ND2 . ASN B 1 98 ? 5.060   4.967   -15.801 1.00 26.67 ? 98  ASN B ND2 1 
ATOM   1502 N N   . PHE B 1 99 ? 7.176   7.863   -12.367 1.00 24.83 ? 99  PHE B N   1 
ATOM   1503 C CA  . PHE B 1 99 ? 7.710   9.172   -11.974 1.00 25.64 ? 99  PHE B CA  1 
ATOM   1504 C C   . PHE B 1 99 ? 8.990   9.552   -12.703 1.00 26.41 ? 99  PHE B C   1 
ATOM   1505 O O   . PHE B 1 99 ? 9.553   8.762   -13.463 1.00 26.27 ? 99  PHE B O   1 
ATOM   1506 C CB  . PHE B 1 99 ? 7.902   9.307   -10.452 1.00 25.63 ? 99  PHE B CB  1 
ATOM   1507 C CG  . PHE B 1 99 ? 8.786   8.256   -9.824  1.00 29.23 ? 99  PHE B CG  1 
ATOM   1508 C CD1 . PHE B 1 99 ? 8.285   6.981   -9.518  1.00 30.36 ? 99  PHE B CD1 1 
ATOM   1509 C CD2 . PHE B 1 99 ? 10.107  8.560   -9.464  1.00 32.85 ? 99  PHE B CD2 1 
ATOM   1510 C CE1 . PHE B 1 99 ? 9.095   6.016   -8.894  1.00 31.66 ? 99  PHE B CE1 1 
ATOM   1511 C CE2 . PHE B 1 99 ? 10.929  7.601   -8.837  1.00 32.07 ? 99  PHE B CE2 1 
ATOM   1512 C CZ  . PHE B 1 99 ? 10.414  6.326   -8.551  1.00 31.90 ? 99  PHE B CZ  1 
ATOM   1513 O OXT . PHE B 1 99 ? 9.467   10.660  -12.507 1.00 26.39 ? 99  PHE B OXT 1 
ATOM   1514 N N   . THR C 2 1  ? -5.119  4.719   7.282   0.50 42.18 ? 3   THR P N   1 
ATOM   1515 C CA  . THR C 2 1  ? -3.800  4.821   7.960   0.50 41.96 ? 3   THR P CA  1 
ATOM   1516 C C   . THR C 2 1  ? -2.677  4.314   7.063   0.50 42.00 ? 3   THR P C   1 
ATOM   1517 O O   . THR C 2 1  ? -2.305  4.955   6.083   0.50 41.01 ? 3   THR P O   1 
ATOM   1518 C CB  . THR C 2 1  ? -3.779  4.033   9.295   0.50 42.17 ? 3   THR P CB  1 
ATOM   1519 O OG1 . THR C 2 1  ? -4.197  2.683   9.067   0.50 41.87 ? 3   THR P OG1 1 
ATOM   1520 C CG2 . THR C 2 1  ? -4.694  4.687   10.330  0.50 41.91 ? 3   THR P CG2 1 
ATOM   1521 N N   . ILE C 2 2  ? -2.121  3.158   7.400   0.50 42.48 ? 4   ILE P N   1 
ATOM   1522 C CA  . ILE C 2 2  ? -1.058  2.635   6.564   0.50 42.96 ? 4   ILE P CA  1 
ATOM   1523 C C   . ILE C 2 2  ? -1.202  1.163   6.278   0.50 43.85 ? 4   ILE P C   1 
ATOM   1524 O O   . ILE C 2 2  ? -1.379  0.325   7.173   0.50 44.07 ? 4   ILE P O   1 
ATOM   1525 C CB  . ILE C 2 2  ? 0.330   2.941   7.093   0.50 42.74 ? 4   ILE P CB  1 
ATOM   1526 C CG1 . ILE C 2 2  ? 0.715   4.415   6.826   0.50 42.17 ? 4   ILE P CG1 1 
ATOM   1527 C CG2 . ILE C 2 2  ? 1.338   1.998   6.399   0.50 42.64 ? 4   ILE P CG2 1 
ATOM   1528 C CD1 . ILE C 2 2  ? -0.287  5.484   7.231   0.50 38.16 ? 4   ILE P CD1 1 
ATOM   1529 N N   . MET C 2 3  ? -1.040  0.851   5.000   0.50 44.74 ? 5   MET P N   1 
ATOM   1530 C CA  . MET C 2 3  ? -1.754  -0.274  4.448   0.50 45.80 ? 5   MET P CA  1 
ATOM   1531 C C   . MET C 2 3  ? -0.838  -1.057  3.534   0.50 46.32 ? 5   MET P C   1 
ATOM   1532 O O   . MET C 2 3  ? -0.765  -0.808  2.350   0.50 46.35 ? 5   MET P O   1 
ATOM   1533 C CB  . MET C 2 3  ? -2.954  0.270   3.641   0.50 45.90 ? 5   MET P CB  1 
ATOM   1534 C CG  . MET C 2 3  ? -4.275  0.256   4.351   0.50 46.10 ? 5   MET P CG  1 
ATOM   1535 S SD  . MET C 2 3  ? -5.165  -1.164  3.712   0.50 46.63 ? 5   MET P SD  1 
ATOM   1536 C CE  . MET C 2 3  ? -6.287  -1.553  5.091   0.50 47.06 ? 5   MET P CE  1 
ATOM   1537 N N   . MET C 2 4  ? -0.098  -1.992  4.100   0.50 47.33 ? 6   MET P N   1 
ATOM   1538 C CA  . MET C 2 4  ? 0.533   -2.990  3.272   0.50 47.98 ? 6   MET P CA  1 
ATOM   1539 C C   . MET C 2 4  ? -0.161  -4.316  3.526   0.50 48.53 ? 6   MET P C   1 
ATOM   1540 O O   . MET C 2 4  ? -1.391  -4.374  3.826   0.50 48.82 ? 6   MET P O   1 
ATOM   1541 C CB  . MET C 2 4  ? 2.033   -3.108  3.557   0.50 47.80 ? 6   MET P CB  1 
ATOM   1542 C CG  . MET C 2 4  ? 2.408   -2.934  5.007   0.50 47.81 ? 6   MET P CG  1 
ATOM   1543 S SD  . MET C 2 4  ? 3.824   -1.843  5.055   0.50 47.32 ? 6   MET P SD  1 
ATOM   1544 C CE  . MET C 2 4  ? 4.181   -1.834  6.827   0.50 45.49 ? 6   MET P CE  1 
ATOM   1545 N N   . GLN C 2 5  ? 0.655   -5.383  3.419   0.50 49.09 ? 7   GLN P N   1 
ATOM   1546 C CA  . GLN C 2 5  ? 0.134   -6.707  3.619   0.50 49.55 ? 7   GLN P CA  1 
ATOM   1547 C C   . GLN C 2 5  ? 1.163   -7.641  2.915   0.50 50.39 ? 7   GLN P C   1 
ATOM   1548 O O   . GLN C 2 5  ? 1.743   -7.342  1.738   0.50 50.86 ? 7   GLN P O   1 
ATOM   1549 C CB  . GLN C 2 5  ? -1.269  -6.808  3.008   0.50 49.12 ? 7   GLN P CB  1 
ATOM   1550 C CG  . GLN C 2 5  ? -2.008  -8.133  3.257   0.50 47.94 ? 7   GLN P CG  1 
ATOM   1551 C CD  . GLN C 2 5  ? -1.891  -9.131  2.094   0.50 44.83 ? 7   GLN P CD  1 
ATOM   1552 O OE1 . GLN C 2 5  ? -2.138  -10.334 2.255   0.50 44.39 ? 7   GLN P OE1 1 
ATOM   1553 N NE2 . GLN C 2 5  ? -1.531  -8.636  0.928   0.50 41.04 ? 7   GLN P NE2 1 
ATOM   1554 N N   . ARG C 2 6  ? 1.595   -8.630  3.732   0.50 51.09 ? 8   ARG P N   1 
ATOM   1555 C CA  . ARG C 2 6  ? 2.551   -9.618  3.265   0.50 51.53 ? 8   ARG P CA  1 
ATOM   1556 C C   . ARG C 2 6  ? 1.770   -10.857 2.813   0.50 51.84 ? 8   ARG P C   1 
ATOM   1557 O O   . ARG C 2 6  ? 0.602   -11.033 3.181   0.50 51.93 ? 8   ARG P O   1 
ATOM   1558 C CB  . ARG C 2 6  ? 3.509   -9.989  4.425   0.50 51.99 ? 8   ARG P CB  1 
ATOM   1559 C CG  . ARG C 2 6  ? 4.455   -8.868  4.924   0.50 51.99 ? 8   ARG P CG  1 
ATOM   1560 C CD  . ARG C 2 6  ? 3.815   -7.914  5.951   0.50 53.60 ? 8   ARG P CD  1 
ATOM   1561 N NE  . ARG C 2 6  ? 3.479   -8.559  7.233   0.50 53.88 ? 8   ARG P NE  1 
ATOM   1562 C CZ  . ARG C 2 6  ? 4.193   -8.446  8.360   0.50 54.37 ? 8   ARG P CZ  1 
ATOM   1563 N NH1 . ARG C 2 6  ? 5.304   -7.705  8.405   0.50 53.98 ? 8   ARG P NH1 1 
ATOM   1564 N NH2 . ARG C 2 6  ? 3.793   -9.071  9.465   0.50 53.68 ? 8   ARG P NH2 1 
ATOM   1565 N N   . GLY C 2 7  ? 2.395   -11.713 2.009   0.50 51.85 ? 9   GLY P N   1 
ATOM   1566 C CA  . GLY C 2 7  ? 1.794   -13.007 1.687   0.50 51.90 ? 9   GLY P CA  1 
ATOM   1567 C C   . GLY C 2 7  ? 1.451   -13.223 0.226   0.50 51.95 ? 9   GLY P C   1 
ATOM   1568 O O   . GLY C 2 7  ? 0.444   -13.864 -0.105  0.50 51.97 ? 9   GLY P O   1 
ATOM   1569 O OXT . GLY C 2 7  ? 2.178   -12.783 -0.661  0.50 51.97 ? 9   GLY P OXT 1 
HETATM 1570 O O   . HOH D 3 .  ? 20.419  18.045  15.516  1.00 42.38 ? 100 HOH A O   1 
HETATM 1571 O O   . HOH D 3 .  ? 11.462  2.276   -16.399 1.00 43.64 ? 101 HOH A O   1 
HETATM 1572 O O   . HOH D 3 .  ? 2.495   1.807   21.578  1.00 20.22 ? 102 HOH A O   1 
HETATM 1573 O O   . HOH D 3 .  ? 17.971  13.571  5.503   1.00 24.66 ? 103 HOH A O   1 
HETATM 1574 O O   . HOH D 3 .  ? -1.716  -0.391  15.338  1.00 33.01 ? 104 HOH A O   1 
HETATM 1575 O O   . HOH D 3 .  ? 7.095   19.165  3.847   1.00 33.30 ? 105 HOH A O   1 
HETATM 1576 O O   . HOH D 3 .  ? 1.040   11.905  -7.026  1.00 20.13 ? 106 HOH A O   1 
HETATM 1577 O O   . HOH D 3 .  ? -1.454  7.475   -18.092 1.00 46.40 ? 107 HOH A O   1 
HETATM 1578 O O   . HOH D 3 .  ? 5.311   10.714  6.911   1.00 18.17 ? 108 HOH A O   1 
HETATM 1579 O O   . HOH D 3 .  ? -3.585  5.603   0.779   1.00 19.11 ? 109 HOH A O   1 
HETATM 1580 O O   . HOH D 3 .  ? 7.507   -3.287  13.514  1.00 35.69 ? 110 HOH A O   1 
HETATM 1581 O O   . HOH D 3 .  ? -2.591  -4.412  17.598  1.00 43.53 ? 111 HOH A O   1 
HETATM 1582 O O   . HOH D 3 .  ? 5.179   15.354  3.700   1.00 20.42 ? 112 HOH A O   1 
HETATM 1583 O O   . HOH D 3 .  ? -3.304  -5.688  15.215  1.00 53.21 ? 113 HOH A O   1 
HETATM 1584 O O   . HOH D 3 .  ? 0.731   6.604   9.501   1.00 51.83 ? 114 HOH A O   1 
HETATM 1585 O O   . HOH D 3 .  ? 4.126   15.747  1.334   1.00 38.35 ? 115 HOH A O   1 
HETATM 1586 O O   . HOH D 3 .  ? 8.357   -5.143  1.743   1.00 41.21 ? 116 HOH A O   1 
HETATM 1587 O O   . HOH D 3 .  ? -7.520  2.882   -19.146 1.00 48.81 ? 117 HOH A O   1 
HETATM 1588 O O   . HOH D 3 .  ? 6.426   17.859  1.619   1.00 24.51 ? 118 HOH A O   1 
HETATM 1589 O O   . HOH D 3 .  ? -2.023  1.811   22.465  1.00 24.85 ? 119 HOH A O   1 
HETATM 1590 O O   . HOH D 3 .  ? -4.320  4.796   3.397   1.00 26.86 ? 120 HOH A O   1 
HETATM 1591 O O   . HOH D 3 .  ? 17.021  -0.872  4.509   1.00 25.32 ? 121 HOH A O   1 
HETATM 1592 O O   . HOH D 3 .  ? 15.774  16.042  10.003  1.00 21.87 ? 122 HOH A O   1 
HETATM 1593 O O   . HOH D 3 .  ? 10.119  -2.618  2.787   1.00 50.31 ? 123 HOH A O   1 
HETATM 1594 O O   . HOH D 3 .  ? 7.450   -3.520  -8.271  1.00 18.84 ? 124 HOH A O   1 
HETATM 1595 O O   . HOH D 3 .  ? 5.553   10.203  24.785  1.00 36.19 ? 125 HOH A O   1 
HETATM 1596 O O   . HOH D 3 .  ? 9.018   17.943  -5.079  1.00 26.51 ? 126 HOH A O   1 
HETATM 1597 O O   . HOH D 3 .  ? 3.681   10.515  -12.983 1.00 26.99 ? 127 HOH A O   1 
HETATM 1598 O O   . HOH D 3 .  ? 7.795   -6.077  -11.218 1.00 24.84 ? 128 HOH A O   1 
HETATM 1599 O O   . HOH D 3 .  ? 21.626  6.562   -5.407  1.00 49.02 ? 129 HOH A O   1 
HETATM 1600 O O   . HOH D 3 .  ? -0.863  12.451  5.159   1.00 43.64 ? 130 HOH A O   1 
HETATM 1601 O O   . HOH D 3 .  ? 13.727  19.315  -4.120  1.00 24.48 ? 131 HOH A O   1 
HETATM 1602 O O   . HOH D 3 .  ? 2.521   14.043  -7.448  1.00 30.77 ? 132 HOH A O   1 
HETATM 1603 O O   . HOH D 3 .  ? 8.318   12.745  -11.434 1.00 37.05 ? 133 HOH A O   1 
HETATM 1604 O O   . HOH D 3 .  ? 16.089  17.002  -0.968  1.00 28.15 ? 134 HOH A O   1 
HETATM 1605 O O   . HOH D 3 .  ? 6.709   2.494   13.899  1.00 45.33 ? 135 HOH A O   1 
HETATM 1606 O O   . HOH D 3 .  ? 15.904  9.505   13.932  1.00 41.75 ? 136 HOH A O   1 
HETATM 1607 O O   . HOH D 3 .  ? 2.989   4.511   6.952   1.00 32.14 ? 137 HOH A O   1 
HETATM 1608 O O   . HOH D 3 .  ? 16.300  13.741  16.746  1.00 40.01 ? 138 HOH A O   1 
HETATM 1609 O O   . HOH D 3 .  ? 6.933   18.028  6.337   1.00 25.76 ? 139 HOH A O   1 
HETATM 1610 O O   . HOH D 3 .  ? 6.652   21.859  4.234   1.00 33.65 ? 140 HOH A O   1 
HETATM 1611 O O   . HOH D 3 .  ? 18.269  7.432   -4.220  1.00 33.27 ? 141 HOH A O   1 
HETATM 1612 O O   . HOH D 3 .  ? 2.340   14.474  15.849  1.00 44.87 ? 142 HOH A O   1 
HETATM 1613 O O   . HOH D 3 .  ? 8.273   -9.475  -4.457  1.00 25.22 ? 143 HOH A O   1 
HETATM 1614 O O   . HOH D 3 .  ? 8.968   -7.482  5.437   1.00 49.20 ? 144 HOH A O   1 
HETATM 1615 O O   . HOH D 3 .  ? 20.880  12.951  14.330  1.00 42.40 ? 145 HOH A O   1 
HETATM 1616 O O   . HOH D 3 .  ? -0.478  11.401  2.618   1.00 32.46 ? 146 HOH A O   1 
HETATM 1617 O O   . HOH D 3 .  ? -3.810  12.482  2.496   1.00 32.34 ? 147 HOH A O   1 
HETATM 1618 O O   . HOH D 3 .  ? 3.563   11.752  23.825  1.00 40.38 ? 148 HOH A O   1 
HETATM 1619 O O   . HOH D 3 .  ? 2.647   15.028  5.431   1.00 38.63 ? 150 HOH A O   1 
HETATM 1620 O O   . HOH D 3 .  ? 16.029  5.867   15.613  1.00 52.40 ? 152 HOH A O   1 
HETATM 1621 O O   . HOH D 3 .  ? 8.111   19.345  15.343  1.00 33.88 ? 153 HOH A O   1 
HETATM 1622 O O   . HOH D 3 .  ? 12.634  17.935  19.353  1.00 33.59 ? 154 HOH A O   1 
HETATM 1623 O O   . HOH D 3 .  ? 1.999   10.661  21.915  1.00 43.52 ? 155 HOH A O   1 
HETATM 1624 O O   . HOH D 3 .  ? -1.314  -6.106  16.067  1.00 53.75 ? 156 HOH A O   1 
HETATM 1625 O O   . HOH D 3 .  ? -1.491  5.198   10.493  1.00 45.44 ? 157 HOH A O   1 
HETATM 1626 O O   . HOH D 3 .  ? 18.358  5.055   -6.983  1.00 34.68 ? 158 HOH A O   1 
HETATM 1627 O O   . HOH D 3 .  ? 19.461  5.759   -5.252  1.00 45.75 ? 159 HOH A O   1 
HETATM 1628 O O   . HOH D 3 .  ? -0.584  11.803  17.508  1.00 28.15 ? 160 HOH A O   1 
HETATM 1629 O O   . HOH D 3 .  ? 15.625  17.219  19.018  1.00 40.93 ? 161 HOH A O   1 
HETATM 1630 O O   . HOH D 3 .  ? 3.087   2.031   7.909   1.00 39.49 ? 162 HOH A O   1 
HETATM 1631 O O   . HOH D 3 .  ? 9.453   -2.733  -12.994 1.00 27.32 ? 163 HOH A O   1 
HETATM 1632 O O   . HOH D 3 .  ? 2.311   7.644   26.093  1.00 30.44 ? 164 HOH A O   1 
HETATM 1633 O O   . HOH D 3 .  ? 8.374   -4.985  -18.365 1.00 46.91 ? 165 HOH A O   1 
HETATM 1634 O O   . HOH D 3 .  ? 13.609  3.236   14.755  1.00 34.47 ? 166 HOH A O   1 
HETATM 1635 O O   . HOH D 3 .  ? 8.608   -1.133  -16.790 1.00 34.88 ? 167 HOH A O   1 
HETATM 1636 O O   . HOH D 3 .  ? 22.948  10.627  2.162   1.00 51.20 ? 168 HOH A O   1 
HETATM 1637 O O   . HOH D 3 .  ? 22.481  15.617  15.308  1.00 35.49 ? 169 HOH A O   1 
HETATM 1638 O O   . HOH D 3 .  ? -3.846  -0.778  -18.700 1.00 40.59 ? 170 HOH A O   1 
HETATM 1639 O O   . HOH D 3 .  ? 11.051  14.904  -7.955  1.00 36.01 ? 171 HOH A O   1 
HETATM 1640 O O   . HOH D 3 .  ? 20.927  11.602  3.112   1.00 34.82 ? 172 HOH A O   1 
HETATM 1641 O O   . HOH D 3 .  ? 8.995   -4.421  -15.274 1.00 32.07 ? 173 HOH A O   1 
HETATM 1642 O O   . HOH D 3 .  ? 20.448  18.359  -6.921  1.00 44.78 ? 174 HOH A O   1 
HETATM 1643 O O   . HOH D 3 .  ? 0.296   3.125   10.603  1.00 52.88 ? 175 HOH A O   1 
HETATM 1644 O O   . HOH D 3 .  ? 15.934  2.176   -6.817  1.00 25.26 ? 176 HOH A O   1 
HETATM 1645 O O   . HOH D 3 .  ? 15.844  11.646  20.657  1.00 34.81 ? 177 HOH A O   1 
HETATM 1646 O O   . HOH D 3 .  ? 22.967  12.029  -3.681  1.00 41.33 ? 178 HOH A O   1 
HETATM 1647 O O   . HOH D 3 .  ? 9.984   -3.656  -8.426  1.00 28.31 ? 179 HOH A O   1 
HETATM 1648 O O   . HOH D 3 .  ? 17.790  -4.681  12.664  1.00 43.96 ? 180 HOH A O   1 
HETATM 1649 O O   . HOH D 3 .  ? 11.941  -0.472  -12.855 1.00 54.05 ? 181 HOH A O   1 
HETATM 1650 O O   . HOH D 3 .  ? 1.282   15.294  0.720   1.00 40.66 ? 182 HOH A O   1 
HETATM 1651 O O   . HOH D 3 .  ? 3.647   19.132  11.860  1.00 45.48 ? 183 HOH A O   1 
HETATM 1652 O O   . HOH D 3 .  ? -6.125  1.538   12.642  1.00 50.83 ? 184 HOH A O   1 
HETATM 1653 O O   . HOH D 3 .  ? 12.952  1.418   -11.138 1.00 47.43 ? 185 HOH A O   1 
HETATM 1654 O O   . HOH D 3 .  ? 15.878  0.600   7.899   1.00 35.30 ? 186 HOH A O   1 
HETATM 1655 O O   . HOH D 3 .  ? 0.769   14.683  3.836   1.00 58.17 ? 187 HOH A O   1 
HETATM 1656 O O   . HOH D 3 .  ? -2.651  7.179   11.076  1.00 40.43 ? 188 HOH A O   1 
HETATM 1657 O O   . HOH D 3 .  ? 16.405  15.603  -8.006  1.00 31.44 ? 189 HOH A O   1 
HETATM 1658 O O   . HOH D 3 .  ? 3.154   12.424  6.950   1.00 40.15 ? 190 HOH A O   1 
HETATM 1659 O O   . HOH D 3 .  ? -0.176  12.644  0.174   1.00 34.40 ? 191 HOH A O   1 
HETATM 1660 O O   . HOH D 3 .  ? -4.336  -5.489  21.184  1.00 29.47 ? 192 HOH A O   1 
HETATM 1661 O O   . HOH D 3 .  ? 8.616   20.644  17.405  1.00 51.11 ? 193 HOH A O   1 
HETATM 1662 O O   . HOH D 3 .  ? 17.326  15.266  8.059   1.00 25.06 ? 194 HOH A O   1 
HETATM 1663 O O   . HOH D 3 .  ? 12.015  6.884   16.620  1.00 33.50 ? 195 HOH A O   1 
HETATM 1664 O O   . HOH D 3 .  ? 10.884  -1.136  -7.699  1.00 29.12 ? 196 HOH A O   1 
HETATM 1665 O O   . HOH D 3 .  ? 12.909  16.496  -6.884  1.00 41.02 ? 197 HOH A O   1 
HETATM 1666 O O   . HOH D 3 .  ? 7.273   3.003   17.271  1.00 46.68 ? 198 HOH A O   1 
HETATM 1667 O O   . HOH D 3 .  ? 3.164   -11.222 -9.312  1.00 35.12 ? 199 HOH A O   1 
HETATM 1668 O O   . HOH D 3 .  ? 7.778   17.458  13.889  1.00 34.51 ? 200 HOH A O   1 
HETATM 1669 O O   . HOH D 3 .  ? 2.323   13.653  9.621   1.00 43.09 ? 201 HOH A O   1 
HETATM 1670 O O   . HOH D 3 .  ? 13.716  17.755  9.750   1.00 33.09 ? 203 HOH A O   1 
HETATM 1671 O O   . HOH D 3 .  ? 10.991  -6.594  -4.870  1.00 36.21 ? 204 HOH A O   1 
HETATM 1672 O O   . HOH E 3 .  ? -7.965  -15.368 13.267  1.00 16.86 ? 100 HOH B O   1 
HETATM 1673 O O   . HOH E 3 .  ? -5.842  -11.777 -3.679  1.00 18.80 ? 101 HOH B O   1 
HETATM 1674 O O   . HOH E 3 .  ? -6.502  10.504  -15.872 1.00 37.63 ? 102 HOH B O   1 
HETATM 1675 O O   . HOH E 3 .  ? -4.441  -13.134 -8.938  1.00 19.70 ? 103 HOH B O   1 
HETATM 1676 O O   . HOH E 3 .  ? 0.917   16.684  -8.923  1.00 18.01 ? 104 HOH B O   1 
HETATM 1677 O O   . HOH E 3 .  ? 3.034   -6.212  -17.494 1.00 19.12 ? 105 HOH B O   1 
HETATM 1678 O O   . HOH E 3 .  ? -19.874 -3.829  -16.561 1.00 39.70 ? 106 HOH B O   1 
HETATM 1679 O O   . HOH E 3 .  ? 2.129   -3.906  -13.156 1.00 20.65 ? 107 HOH B O   1 
HETATM 1680 O O   . HOH E 3 .  ? -19.856 -8.085  -10.919 1.00 37.36 ? 108 HOH B O   1 
HETATM 1681 O O   . HOH E 3 .  ? -8.836  -5.936  -19.075 1.00 43.41 ? 109 HOH B O   1 
HETATM 1682 O O   . HOH E 3 .  ? 3.796   -4.839  -2.236  1.00 19.76 ? 110 HOH B O   1 
HETATM 1683 O O   . HOH E 3 .  ? -16.113 -16.826 -7.756  1.00 20.11 ? 111 HOH B O   1 
HETATM 1684 O O   . HOH E 3 .  ? -19.608 -11.516 -12.835 1.00 43.08 ? 112 HOH B O   1 
HETATM 1685 O O   . HOH E 3 .  ? -5.227  12.857  -5.880  1.00 25.91 ? 113 HOH B O   1 
HETATM 1686 O O   . HOH E 3 .  ? -17.582 -0.562  -0.655  1.00 26.26 ? 114 HOH B O   1 
HETATM 1687 O O   . HOH E 3 .  ? -5.621  -8.873  -17.808 1.00 25.99 ? 115 HOH B O   1 
HETATM 1688 O O   . HOH E 3 .  ? -4.805  -13.358 -12.390 1.00 24.92 ? 116 HOH B O   1 
HETATM 1689 O O   . HOH E 3 .  ? -5.431  8.957   -5.377  1.00 20.70 ? 117 HOH B O   1 
HETATM 1690 O O   . HOH E 3 .  ? -10.059 -23.535 -4.342  1.00 36.40 ? 118 HOH B O   1 
HETATM 1691 O O   . HOH E 3 .  ? -10.877 1.272   0.836   1.00 38.98 ? 119 HOH B O   1 
HETATM 1692 O O   . HOH E 3 .  ? -6.543  -16.718 -9.526  1.00 28.01 ? 120 HOH B O   1 
HETATM 1693 O O   . HOH E 3 .  ? -0.063  -13.636 -7.081  1.00 44.48 ? 121 HOH B O   1 
HETATM 1694 O O   . HOH E 3 .  ? 12.339  9.534   -13.164 1.00 55.77 ? 122 HOH B O   1 
HETATM 1695 O O   . HOH E 3 .  ? -13.369 4.532   -10.433 1.00 26.34 ? 123 HOH B O   1 
HETATM 1696 O O   . HOH E 3 .  ? -6.702  3.694   4.155   1.00 40.54 ? 124 HOH B O   1 
HETATM 1697 O O   . HOH E 3 .  ? -13.524 -10.268 -16.138 1.00 32.81 ? 125 HOH B O   1 
HETATM 1698 O O   . HOH E 3 .  ? -18.246 -23.664 -2.256  1.00 42.26 ? 126 HOH B O   1 
HETATM 1699 O O   . HOH E 3 .  ? -10.900 -23.369 9.039   1.00 31.76 ? 127 HOH B O   1 
HETATM 1700 O O   . HOH E 3 .  ? 4.528   -11.101 -5.496  1.00 30.88 ? 128 HOH B O   1 
HETATM 1701 O O   . HOH E 3 .  ? 3.765   -6.018  0.379   1.00 27.45 ? 129 HOH B O   1 
HETATM 1702 O O   . HOH E 3 .  ? -8.413  -22.642 12.518  1.00 30.81 ? 130 HOH B O   1 
HETATM 1703 O O   . HOH E 3 .  ? -12.250 -4.550  -20.160 1.00 32.17 ? 131 HOH B O   1 
HETATM 1704 O O   . HOH E 3 .  ? -15.756 -0.621  -12.678 1.00 28.58 ? 132 HOH B O   1 
HETATM 1705 O O   . HOH E 3 .  ? -17.357 -3.887  0.840   1.00 33.22 ? 133 HOH B O   1 
HETATM 1706 O O   . HOH E 3 .  ? 1.314   -9.411  -8.150  1.00 33.37 ? 134 HOH B O   1 
HETATM 1707 O O   . HOH E 3 .  ? -7.769  10.951  0.940   1.00 26.05 ? 135 HOH B O   1 
HETATM 1708 O O   . HOH E 3 .  ? -17.234 -14.748 -9.064  1.00 23.95 ? 136 HOH B O   1 
HETATM 1709 O O   . HOH E 3 .  ? -8.953  3.657   2.742   1.00 36.21 ? 137 HOH B O   1 
HETATM 1710 O O   . HOH E 3 .  ? -7.805  9.466   -6.088  1.00 25.23 ? 138 HOH B O   1 
HETATM 1711 O O   . HOH E 3 .  ? -15.738 -9.010  -15.495 1.00 46.28 ? 139 HOH B O   1 
HETATM 1712 O O   . HOH E 3 .  ? -12.452 -20.255 -7.013  1.00 39.63 ? 140 HOH B O   1 
HETATM 1713 O O   . HOH E 3 .  ? -15.258 -14.857 3.952   1.00 36.00 ? 141 HOH B O   1 
HETATM 1714 O O   . HOH E 3 .  ? -2.707  -20.284 4.598   1.00 29.90 ? 142 HOH B O   1 
HETATM 1715 O O   . HOH E 3 .  ? -5.081  14.374  -10.152 1.00 29.00 ? 143 HOH B O   1 
HETATM 1716 O O   . HOH E 3 .  ? -8.591  7.191   -7.377  1.00 32.36 ? 144 HOH B O   1 
HETATM 1717 O O   . HOH E 3 .  ? -2.278  -9.925  11.464  1.00 29.98 ? 145 HOH B O   1 
HETATM 1718 O O   . HOH E 3 .  ? 1.482   -1.563  -17.860 1.00 45.91 ? 146 HOH B O   1 
HETATM 1719 O O   . HOH E 3 .  ? -9.815  9.484   -1.980  1.00 31.33 ? 147 HOH B O   1 
HETATM 1720 O O   . HOH E 3 .  ? 5.859   -5.855  2.217   1.00 41.74 ? 148 HOH B O   1 
HETATM 1721 O O   . HOH E 3 .  ? -5.851  -15.825 -11.961 1.00 33.60 ? 149 HOH B O   1 
HETATM 1722 O O   . HOH E 3 .  ? 6.953   6.615   -17.075 1.00 40.18 ? 150 HOH B O   1 
HETATM 1723 O O   . HOH E 3 .  ? -6.998  -8.358  -20.092 1.00 41.76 ? 151 HOH B O   1 
HETATM 1724 O O   . HOH E 3 .  ? -6.111  11.627  -9.718  1.00 28.79 ? 152 HOH B O   1 
HETATM 1725 O O   . HOH E 3 .  ? -15.262 -24.699 -1.732  1.00 37.92 ? 153 HOH B O   1 
HETATM 1726 O O   . HOH E 3 .  ? -3.320  -16.808 -5.933  1.00 37.65 ? 154 HOH B O   1 
HETATM 1727 O O   . HOH E 3 .  ? 0.910   -10.053 -5.571  1.00 31.94 ? 155 HOH B O   1 
HETATM 1728 O O   . HOH E 3 .  ? -17.333 -11.779 -9.806  1.00 24.10 ? 156 HOH B O   1 
HETATM 1729 O O   . HOH E 3 .  ? -10.890 -5.636  9.924   1.00 34.30 ? 157 HOH B O   1 
HETATM 1730 O O   . HOH E 3 .  ? -17.597 -8.206  -12.638 1.00 44.49 ? 158 HOH B O   1 
HETATM 1731 O O   . HOH E 3 .  ? -1.923  -10.244 19.564  1.00 37.34 ? 159 HOH B O   1 
HETATM 1732 O O   . HOH E 3 .  ? -21.944 -21.288 -6.523  1.00 39.76 ? 160 HOH B O   1 
HETATM 1733 O O   . HOH E 3 .  ? 0.833   1.413   -16.975 1.00 25.06 ? 161 HOH B O   1 
HETATM 1734 O O   . HOH E 3 .  ? -19.434 -20.628 2.457   1.00 34.84 ? 162 HOH B O   1 
HETATM 1735 O O   . HOH E 3 .  ? 1.146   -4.922  -15.233 1.00 30.22 ? 163 HOH B O   1 
HETATM 1736 O O   . HOH E 3 .  ? -7.459  11.572  -7.461  1.00 39.00 ? 164 HOH B O   1 
HETATM 1737 O O   . HOH E 3 .  ? -16.747 -10.594 4.688   1.00 33.92 ? 165 HOH B O   1 
HETATM 1738 O O   . HOH E 3 .  ? -20.011 -22.048 0.167   1.00 43.63 ? 166 HOH B O   1 
HETATM 1739 O O   . HOH E 3 .  ? -3.447  -13.090 -4.332  1.00 36.89 ? 167 HOH B O   1 
HETATM 1740 O O   . HOH E 3 .  ? -3.462  -16.123 -2.980  1.00 37.80 ? 168 HOH B O   1 
HETATM 1741 O O   . HOH E 3 .  ? -13.860 -18.128 -8.378  1.00 33.77 ? 169 HOH B O   1 
HETATM 1742 O O   . HOH E 3 .  ? -15.565 2.246   -12.749 1.00 41.70 ? 170 HOH B O   1 
HETATM 1743 O O   . HOH E 3 .  ? -18.778 -19.499 -1.451  1.00 44.07 ? 171 HOH B O   1 
HETATM 1744 O O   . HOH E 3 .  ? -10.771 7.865   1.742   1.00 43.45 ? 172 HOH B O   1 
HETATM 1745 O O   . HOH E 3 .  ? -2.714  -12.011 -10.513 1.00 37.40 ? 173 HOH B O   1 
HETATM 1746 O O   . HOH E 3 .  ? -9.319  -21.216 -4.033  1.00 33.88 ? 174 HOH B O   1 
HETATM 1747 O O   . HOH E 3 .  ? -18.074 -14.657 -0.856  1.00 36.76 ? 175 HOH B O   1 
HETATM 1748 O O   . HOH E 3 .  ? -18.592 -6.532  -14.492 1.00 44.56 ? 176 HOH B O   1 
HETATM 1749 O O   . HOH E 3 .  ? -21.532 -13.334 -8.841  1.00 38.99 ? 177 HOH B O   1 
HETATM 1750 O O   . HOH E 3 .  ? -6.858  -4.502  -18.423 1.00 35.13 ? 178 HOH B O   1 
HETATM 1751 O O   . HOH E 3 .  ? -1.905  14.926  0.231   1.00 36.55 ? 179 HOH B O   1 
HETATM 1752 O O   . HOH E 3 .  ? -18.643 -12.790 2.834   1.00 51.53 ? 186 HOH B O   1 
HETATM 1753 O O   . HOH E 3 .  ? -9.852  -10.323 6.289   1.00 42.89 ? 190 HOH B O   1 
HETATM 1754 O O   . HOH E 3 .  ? -5.370  -18.079 -13.294 1.00 37.38 ? 192 HOH B O   1 
HETATM 1755 O O   . HOH E 3 .  ? -2.531  -14.267 -6.533  1.00 37.57 ? 202 HOH B O   1 
HETATM 1756 O O   . HOH F 3 .  ? -3.905  -7.696  1.085   1.00 34.09 ? 39  HOH P O   1 
HETATM 1757 O O   . HOH F 3 .  ? -0.933  -10.543 4.566   1.00 46.92 ? 93  HOH P O   1 
HETATM 1758 O O   . HOH F 3 .  ? -3.671  -4.733  3.336   1.00 64.99 ? 163 HOH P O   1 
HETATM 1759 O O   . HOH F 3 .  ? -7.364  5.777   8.992   1.00 40.31 ? 177 HOH P O   1 
HETATM 1760 O O   . HOH F 3 .  ? -3.572  0.742   9.160   1.00 59.77 ? 191 HOH P O   1 
# 
